data_5BT3
# 
_entry.id   5BT3 
# 
_audit_conform.dict_name       mmcif_pdbx.dic 
_audit_conform.dict_version    5.383 
_audit_conform.dict_location   http://mmcif.pdb.org/dictionaries/ascii/mmcif_pdbx.dic 
# 
loop_
_database_2.database_id 
_database_2.database_code 
_database_2.pdbx_database_accession 
_database_2.pdbx_DOI 
PDB   5BT3         pdb_00005bt3 10.2210/pdb5bt3/pdb 
WWPDB D_1000210488 ?            ?                   
# 
loop_
_pdbx_audit_revision_history.ordinal 
_pdbx_audit_revision_history.data_content_type 
_pdbx_audit_revision_history.major_revision 
_pdbx_audit_revision_history.minor_revision 
_pdbx_audit_revision_history.revision_date 
1 'Structure model' 1 0 2015-07-01 
2 'Structure model' 1 1 2024-01-10 
# 
_pdbx_audit_revision_details.ordinal             1 
_pdbx_audit_revision_details.revision_ordinal    1 
_pdbx_audit_revision_details.data_content_type   'Structure model' 
_pdbx_audit_revision_details.provider            repository 
_pdbx_audit_revision_details.type                'Initial release' 
_pdbx_audit_revision_details.description         ? 
_pdbx_audit_revision_details.details             ? 
# 
loop_
_pdbx_audit_revision_group.ordinal 
_pdbx_audit_revision_group.revision_ordinal 
_pdbx_audit_revision_group.data_content_type 
_pdbx_audit_revision_group.group 
1 2 'Structure model' 'Data collection'        
2 2 'Structure model' 'Database references'    
3 2 'Structure model' 'Refinement description' 
# 
loop_
_pdbx_audit_revision_category.ordinal 
_pdbx_audit_revision_category.revision_ordinal 
_pdbx_audit_revision_category.data_content_type 
_pdbx_audit_revision_category.category 
1 2 'Structure model' chem_comp_atom                
2 2 'Structure model' chem_comp_bond                
3 2 'Structure model' database_2                    
4 2 'Structure model' pdbx_initial_refinement_model 
# 
loop_
_pdbx_audit_revision_item.ordinal 
_pdbx_audit_revision_item.revision_ordinal 
_pdbx_audit_revision_item.data_content_type 
_pdbx_audit_revision_item.item 
1 2 'Structure model' '_database_2.pdbx_DOI'                
2 2 'Structure model' '_database_2.pdbx_database_accession' 
# 
_pdbx_database_status.status_code                     REL 
_pdbx_database_status.status_code_sf                  REL 
_pdbx_database_status.status_code_mr                  ? 
_pdbx_database_status.entry_id                        5BT3 
_pdbx_database_status.recvd_initial_deposition_date   2015-06-02 
_pdbx_database_status.SG_entry                        Y 
_pdbx_database_status.deposit_site                    RCSB 
_pdbx_database_status.process_site                    PDBE 
_pdbx_database_status.status_code_cs                  ? 
_pdbx_database_status.methods_development_category    ? 
_pdbx_database_status.pdb_format_compatible           Y 
_pdbx_database_status.status_code_nmr_data            ? 
# 
loop_
_audit_author.name 
_audit_author.pdbx_ordinal 
'Tallant, C.'                          1  
'Hay, D.'                              2  
'Krojer, T.'                           3  
'Nunez-Alonso, G.'                     4  
'Picaud, S.'                           5  
'Newman, J.A.'                         6  
'Fedorov, O.'                          7  
'von Delft, F.'                        8  
'Arrowsmith, C.H.'                     9  
'Edwards, A.M.'                        10 
'Bountra, C.'                          11 
'Brennan, P.E.'                        12 
'Knapp, S.'                            13 
'Structural Genomics Consortium (SGC)' 14 
# 
_citation.abstract                  ? 
_citation.abstract_id_CAS           ? 
_citation.book_id_ISBN              ? 
_citation.book_publisher            ? 
_citation.book_publisher_city       ? 
_citation.book_title                ? 
_citation.coordinate_linkage        ? 
_citation.country                   ? 
_citation.database_id_Medline       ? 
_citation.details                   ? 
_citation.id                        primary 
_citation.journal_abbrev            'To Be Published' 
_citation.journal_id_ASTM           ? 
_citation.journal_id_CSD            0353 
_citation.journal_id_ISSN           ? 
_citation.journal_full              ? 
_citation.journal_issue             ? 
_citation.journal_volume            ? 
_citation.language                  ? 
_citation.page_first                ? 
_citation.page_last                 ? 
_citation.title                     'Crystal structure of EP300 bromodomain in complex with a 3,5-dimethylisoxazol ligand' 
_citation.year                      ? 
_citation.database_id_CSD           ? 
_citation.pdbx_database_id_DOI      ? 
_citation.pdbx_database_id_PubMed   ? 
_citation.unpublished_flag          ? 
# 
loop_
_citation_author.citation_id 
_citation_author.name 
_citation_author.ordinal 
_citation_author.identifier_ORCID 
primary 'Tallant, C.'      1  ? 
primary 'Hay, D.'          2  ? 
primary 'Krojer, T.'       3  ? 
primary 'Nunez-Alonso, G.' 4  ? 
primary 'Picaud, S.'       5  ? 
primary 'Newman, J.A.'     6  ? 
primary 'Fedorov, O.'      7  ? 
primary 'von Delft, F.'    8  ? 
primary 'Arrowsmith, C.H.' 9  ? 
primary 'Edwards, A.M.'    10 ? 
primary 'Bountra, C.'      11 ? 
primary 'Brennan, P.E.'    12 ? 
primary 'Knapp, S.'        13 ? 
# 
loop_
_entity.id 
_entity.type 
_entity.src_method 
_entity.pdbx_description 
_entity.formula_weight 
_entity.pdbx_number_of_molecules 
_entity.pdbx_ec 
_entity.pdbx_mutation 
_entity.pdbx_fragment 
_entity.details 
1 polymer     man 'Histone acetyltransferase p300' 13826.797 1   2.3.1.48 ? 'bromodomain, UNP residues 1048-1161' ? 
2 non-polymer syn 
'2-[2-(3-chloro-4-methoxyphenyl)ethyl]-5-(3,5-dimethyl-1,2-oxazol-4-yl)-1-[(2S)-2-(morpholin-4-yl)propyl]-1H-benzimidazole' 
509.040   1   ?        ? ?                                     ? 
3 non-polymer syn 'ISOPROPYL ALCOHOL' 60.095    1   ?        ? ?                                     ? 
4 water       nat water 18.015    189 ?        ? ?                                     ? 
# 
_entity_name_com.entity_id   1 
_entity_name_com.name        'p300 HAT,E1A-associated protein p300, EP300' 
# 
_entity_poly.entity_id                      1 
_entity_poly.type                           'polypeptide(L)' 
_entity_poly.nstd_linkage                   no 
_entity_poly.nstd_monomer                   no 
_entity_poly.pdbx_seq_one_letter_code       
;SMIFKPEELRQALMPTLEALYRQDPESLPFRQPVDPQLLGIPDYFDIVKSPMDLSTIKRKLDTGQYQEPWQYVDDIWLMF
NNAWLYNRKTSRVYKYCSKLSEVFEQEIDPVMQSLG
;
_entity_poly.pdbx_seq_one_letter_code_can   
;SMIFKPEELRQALMPTLEALYRQDPESLPFRQPVDPQLLGIPDYFDIVKSPMDLSTIKRKLDTGQYQEPWQYVDDIWLMF
NNAWLYNRKTSRVYKYCSKLSEVFEQEIDPVMQSLG
;
_entity_poly.pdbx_strand_id                 A 
_entity_poly.pdbx_target_identifier         ? 
# 
loop_
_pdbx_entity_nonpoly.entity_id 
_pdbx_entity_nonpoly.name 
_pdbx_entity_nonpoly.comp_id 
2 '2-[2-(3-chloro-4-methoxyphenyl)ethyl]-5-(3,5-dimethyl-1,2-oxazol-4-yl)-1-[(2S)-2-(morpholin-4-yl)propyl]-1H-benzimidazole' 2LO 
3 'ISOPROPYL ALCOHOL'                                                                                                         IPA 
4 water                                                                                                                       HOH 
# 
loop_
_entity_poly_seq.entity_id 
_entity_poly_seq.num 
_entity_poly_seq.mon_id 
_entity_poly_seq.hetero 
1 1   SER n 
1 2   MET n 
1 3   ILE n 
1 4   PHE n 
1 5   LYS n 
1 6   PRO n 
1 7   GLU n 
1 8   GLU n 
1 9   LEU n 
1 10  ARG n 
1 11  GLN n 
1 12  ALA n 
1 13  LEU n 
1 14  MET n 
1 15  PRO n 
1 16  THR n 
1 17  LEU n 
1 18  GLU n 
1 19  ALA n 
1 20  LEU n 
1 21  TYR n 
1 22  ARG n 
1 23  GLN n 
1 24  ASP n 
1 25  PRO n 
1 26  GLU n 
1 27  SER n 
1 28  LEU n 
1 29  PRO n 
1 30  PHE n 
1 31  ARG n 
1 32  GLN n 
1 33  PRO n 
1 34  VAL n 
1 35  ASP n 
1 36  PRO n 
1 37  GLN n 
1 38  LEU n 
1 39  LEU n 
1 40  GLY n 
1 41  ILE n 
1 42  PRO n 
1 43  ASP n 
1 44  TYR n 
1 45  PHE n 
1 46  ASP n 
1 47  ILE n 
1 48  VAL n 
1 49  LYS n 
1 50  SER n 
1 51  PRO n 
1 52  MET n 
1 53  ASP n 
1 54  LEU n 
1 55  SER n 
1 56  THR n 
1 57  ILE n 
1 58  LYS n 
1 59  ARG n 
1 60  LYS n 
1 61  LEU n 
1 62  ASP n 
1 63  THR n 
1 64  GLY n 
1 65  GLN n 
1 66  TYR n 
1 67  GLN n 
1 68  GLU n 
1 69  PRO n 
1 70  TRP n 
1 71  GLN n 
1 72  TYR n 
1 73  VAL n 
1 74  ASP n 
1 75  ASP n 
1 76  ILE n 
1 77  TRP n 
1 78  LEU n 
1 79  MET n 
1 80  PHE n 
1 81  ASN n 
1 82  ASN n 
1 83  ALA n 
1 84  TRP n 
1 85  LEU n 
1 86  TYR n 
1 87  ASN n 
1 88  ARG n 
1 89  LYS n 
1 90  THR n 
1 91  SER n 
1 92  ARG n 
1 93  VAL n 
1 94  TYR n 
1 95  LYS n 
1 96  TYR n 
1 97  CYS n 
1 98  SER n 
1 99  LYS n 
1 100 LEU n 
1 101 SER n 
1 102 GLU n 
1 103 VAL n 
1 104 PHE n 
1 105 GLU n 
1 106 GLN n 
1 107 GLU n 
1 108 ILE n 
1 109 ASP n 
1 110 PRO n 
1 111 VAL n 
1 112 MET n 
1 113 GLN n 
1 114 SER n 
1 115 LEU n 
1 116 GLY n 
# 
_entity_src_gen.entity_id                          1 
_entity_src_gen.pdbx_src_id                        1 
_entity_src_gen.pdbx_alt_source_flag               sample 
_entity_src_gen.pdbx_seq_type                      'Biological sequence' 
_entity_src_gen.pdbx_beg_seq_num                   1 
_entity_src_gen.pdbx_end_seq_num                   116 
_entity_src_gen.gene_src_common_name               Human 
_entity_src_gen.gene_src_genus                     ? 
_entity_src_gen.pdbx_gene_src_gene                 'EP300, P300' 
_entity_src_gen.gene_src_species                   ? 
_entity_src_gen.gene_src_strain                    ? 
_entity_src_gen.gene_src_tissue                    ? 
_entity_src_gen.gene_src_tissue_fraction           ? 
_entity_src_gen.gene_src_details                   ? 
_entity_src_gen.pdbx_gene_src_fragment             ? 
_entity_src_gen.pdbx_gene_src_scientific_name      'Homo sapiens' 
_entity_src_gen.pdbx_gene_src_ncbi_taxonomy_id     9606 
_entity_src_gen.pdbx_gene_src_variant              ? 
_entity_src_gen.pdbx_gene_src_cell_line            ? 
_entity_src_gen.pdbx_gene_src_atcc                 ? 
_entity_src_gen.pdbx_gene_src_organ                ? 
_entity_src_gen.pdbx_gene_src_organelle            ? 
_entity_src_gen.pdbx_gene_src_cell                 ? 
_entity_src_gen.pdbx_gene_src_cellular_location    ? 
_entity_src_gen.host_org_common_name               ? 
_entity_src_gen.pdbx_host_org_scientific_name      'Escherichia coli' 
_entity_src_gen.pdbx_host_org_ncbi_taxonomy_id     469008 
_entity_src_gen.host_org_genus                     ? 
_entity_src_gen.pdbx_host_org_gene                 ? 
_entity_src_gen.pdbx_host_org_organ                ? 
_entity_src_gen.host_org_species                   ? 
_entity_src_gen.pdbx_host_org_tissue               ? 
_entity_src_gen.pdbx_host_org_tissue_fraction      ? 
_entity_src_gen.pdbx_host_org_strain               'BL21(DE3)' 
_entity_src_gen.pdbx_host_org_variant              R3 
_entity_src_gen.pdbx_host_org_cell_line            ? 
_entity_src_gen.pdbx_host_org_atcc                 ? 
_entity_src_gen.pdbx_host_org_culture_collection   ? 
_entity_src_gen.pdbx_host_org_cell                 ? 
_entity_src_gen.pdbx_host_org_organelle            ? 
_entity_src_gen.pdbx_host_org_cellular_location    ? 
_entity_src_gen.pdbx_host_org_vector_type          Plasmid 
_entity_src_gen.pdbx_host_org_vector               ? 
_entity_src_gen.host_org_details                   LIC-cloning 
_entity_src_gen.expression_system_id               ? 
_entity_src_gen.plasmid_name                       pNIC-Bsa4 
_entity_src_gen.plasmid_details                    ? 
_entity_src_gen.pdbx_description                   ? 
# 
loop_
_chem_comp.id 
_chem_comp.type 
_chem_comp.mon_nstd_flag 
_chem_comp.name 
_chem_comp.pdbx_synonyms 
_chem_comp.formula 
_chem_comp.formula_weight 
2LO non-polymer         . 
'2-[2-(3-chloro-4-methoxyphenyl)ethyl]-5-(3,5-dimethyl-1,2-oxazol-4-yl)-1-[(2S)-2-(morpholin-4-yl)propyl]-1H-benzimidazole' ? 
'C28 H33 Cl N4 O3' 509.040 
ALA 'L-peptide linking' y ALANINE ?          'C3 H7 N O2'       89.093  
ARG 'L-peptide linking' y ARGININE ?          'C6 H15 N4 O2 1'   175.209 
ASN 'L-peptide linking' y ASPARAGINE ?          'C4 H8 N2 O3'      132.118 
ASP 'L-peptide linking' y 'ASPARTIC ACID' ?          'C4 H7 N O4'       133.103 
CYS 'L-peptide linking' y CYSTEINE ?          'C3 H7 N O2 S'     121.158 
GLN 'L-peptide linking' y GLUTAMINE ?          'C5 H10 N2 O3'     146.144 
GLU 'L-peptide linking' y 'GLUTAMIC ACID' ?          'C5 H9 N O4'       147.129 
GLY 'peptide linking'   y GLYCINE ?          'C2 H5 N O2'       75.067  
HOH non-polymer         . WATER ?          'H2 O'             18.015  
ILE 'L-peptide linking' y ISOLEUCINE ?          'C6 H13 N O2'      131.173 
IPA non-polymer         . 'ISOPROPYL ALCOHOL' 2-PROPANOL 'C3 H8 O'          60.095  
LEU 'L-peptide linking' y LEUCINE ?          'C6 H13 N O2'      131.173 
LYS 'L-peptide linking' y LYSINE ?          'C6 H15 N2 O2 1'   147.195 
MET 'L-peptide linking' y METHIONINE ?          'C5 H11 N O2 S'    149.211 
PHE 'L-peptide linking' y PHENYLALANINE ?          'C9 H11 N O2'      165.189 
PRO 'L-peptide linking' y PROLINE ?          'C5 H9 N O2'       115.130 
SER 'L-peptide linking' y SERINE ?          'C3 H7 N O3'       105.093 
THR 'L-peptide linking' y THREONINE ?          'C4 H9 N O3'       119.119 
TRP 'L-peptide linking' y TRYPTOPHAN ?          'C11 H12 N2 O2'    204.225 
TYR 'L-peptide linking' y TYROSINE ?          'C9 H11 N O3'      181.189 
VAL 'L-peptide linking' y VALINE ?          'C5 H11 N O2'      117.146 
# 
loop_
_pdbx_poly_seq_scheme.asym_id 
_pdbx_poly_seq_scheme.entity_id 
_pdbx_poly_seq_scheme.seq_id 
_pdbx_poly_seq_scheme.mon_id 
_pdbx_poly_seq_scheme.ndb_seq_num 
_pdbx_poly_seq_scheme.pdb_seq_num 
_pdbx_poly_seq_scheme.auth_seq_num 
_pdbx_poly_seq_scheme.pdb_mon_id 
_pdbx_poly_seq_scheme.auth_mon_id 
_pdbx_poly_seq_scheme.pdb_strand_id 
_pdbx_poly_seq_scheme.pdb_ins_code 
_pdbx_poly_seq_scheme.hetero 
A 1 1   SER 1   1046 ?    ?   ?   A . n 
A 1 2   MET 2   1047 ?    ?   ?   A . n 
A 1 3   ILE 3   1048 1048 ILE ILE A . n 
A 1 4   PHE 4   1049 1049 PHE PHE A . n 
A 1 5   LYS 5   1050 1050 LYS LYS A . n 
A 1 6   PRO 6   1051 1051 PRO PRO A . n 
A 1 7   GLU 7   1052 1052 GLU GLU A . n 
A 1 8   GLU 8   1053 1053 GLU GLU A . n 
A 1 9   LEU 9   1054 1054 LEU LEU A . n 
A 1 10  ARG 10  1055 1055 ARG ARG A . n 
A 1 11  GLN 11  1056 1056 GLN GLN A . n 
A 1 12  ALA 12  1057 1057 ALA ALA A . n 
A 1 13  LEU 13  1058 1058 LEU LEU A . n 
A 1 14  MET 14  1059 1059 MET MET A . n 
A 1 15  PRO 15  1060 1060 PRO PRO A . n 
A 1 16  THR 16  1061 1061 THR THR A . n 
A 1 17  LEU 17  1062 1062 LEU LEU A . n 
A 1 18  GLU 18  1063 1063 GLU GLU A . n 
A 1 19  ALA 19  1064 1064 ALA ALA A . n 
A 1 20  LEU 20  1065 1065 LEU LEU A . n 
A 1 21  TYR 21  1066 1066 TYR TYR A . n 
A 1 22  ARG 22  1067 1067 ARG ARG A . n 
A 1 23  GLN 23  1068 1068 GLN GLN A . n 
A 1 24  ASP 24  1069 1069 ASP ASP A . n 
A 1 25  PRO 25  1070 1070 PRO PRO A . n 
A 1 26  GLU 26  1071 1071 GLU GLU A . n 
A 1 27  SER 27  1072 1072 SER SER A . n 
A 1 28  LEU 28  1073 1073 LEU LEU A . n 
A 1 29  PRO 29  1074 1074 PRO PRO A . n 
A 1 30  PHE 30  1075 1075 PHE PHE A . n 
A 1 31  ARG 31  1076 1076 ARG ARG A . n 
A 1 32  GLN 32  1077 1077 GLN GLN A . n 
A 1 33  PRO 33  1078 1078 PRO PRO A . n 
A 1 34  VAL 34  1079 1079 VAL VAL A . n 
A 1 35  ASP 35  1080 1080 ASP ASP A . n 
A 1 36  PRO 36  1081 1081 PRO PRO A . n 
A 1 37  GLN 37  1082 1082 GLN GLN A . n 
A 1 38  LEU 38  1083 1083 LEU LEU A . n 
A 1 39  LEU 39  1084 1084 LEU LEU A . n 
A 1 40  GLY 40  1085 1085 GLY GLY A . n 
A 1 41  ILE 41  1086 1086 ILE ILE A . n 
A 1 42  PRO 42  1087 1087 PRO PRO A . n 
A 1 43  ASP 43  1088 1088 ASP ASP A . n 
A 1 44  TYR 44  1089 1089 TYR TYR A . n 
A 1 45  PHE 45  1090 1090 PHE PHE A . n 
A 1 46  ASP 46  1091 1091 ASP ASP A . n 
A 1 47  ILE 47  1092 1092 ILE ILE A . n 
A 1 48  VAL 48  1093 1093 VAL VAL A . n 
A 1 49  LYS 49  1094 1094 LYS LYS A . n 
A 1 50  SER 50  1095 1095 SER SER A . n 
A 1 51  PRO 51  1096 1096 PRO PRO A . n 
A 1 52  MET 52  1097 1097 MET MET A . n 
A 1 53  ASP 53  1098 1098 ASP ASP A . n 
A 1 54  LEU 54  1099 1099 LEU LEU A . n 
A 1 55  SER 55  1100 1100 SER SER A . n 
A 1 56  THR 56  1101 1101 THR THR A . n 
A 1 57  ILE 57  1102 1102 ILE ILE A . n 
A 1 58  LYS 58  1103 1103 LYS LYS A . n 
A 1 59  ARG 59  1104 1104 ARG ARG A . n 
A 1 60  LYS 60  1105 1105 LYS LYS A . n 
A 1 61  LEU 61  1106 1106 LEU LEU A . n 
A 1 62  ASP 62  1107 1107 ASP ASP A . n 
A 1 63  THR 63  1108 1108 THR THR A . n 
A 1 64  GLY 64  1109 1109 GLY GLY A . n 
A 1 65  GLN 65  1110 1110 GLN GLN A . n 
A 1 66  TYR 66  1111 1111 TYR TYR A . n 
A 1 67  GLN 67  1112 1112 GLN GLN A . n 
A 1 68  GLU 68  1113 1113 GLU GLU A . n 
A 1 69  PRO 69  1114 1114 PRO PRO A . n 
A 1 70  TRP 70  1115 1115 TRP TRP A . n 
A 1 71  GLN 71  1116 1116 GLN GLN A . n 
A 1 72  TYR 72  1117 1117 TYR TYR A . n 
A 1 73  VAL 73  1118 1118 VAL VAL A . n 
A 1 74  ASP 74  1119 1119 ASP ASP A . n 
A 1 75  ASP 75  1120 1120 ASP ASP A . n 
A 1 76  ILE 76  1121 1121 ILE ILE A . n 
A 1 77  TRP 77  1122 1122 TRP TRP A . n 
A 1 78  LEU 78  1123 1123 LEU LEU A . n 
A 1 79  MET 79  1124 1124 MET MET A . n 
A 1 80  PHE 80  1125 1125 PHE PHE A . n 
A 1 81  ASN 81  1126 1126 ASN ASN A . n 
A 1 82  ASN 82  1127 1127 ASN ASN A . n 
A 1 83  ALA 83  1128 1128 ALA ALA A . n 
A 1 84  TRP 84  1129 1129 TRP TRP A . n 
A 1 85  LEU 85  1130 1130 LEU LEU A . n 
A 1 86  TYR 86  1131 1131 TYR TYR A . n 
A 1 87  ASN 87  1132 1132 ASN ASN A . n 
A 1 88  ARG 88  1133 1133 ARG ARG A . n 
A 1 89  LYS 89  1134 1134 LYS LYS A . n 
A 1 90  THR 90  1135 1135 THR THR A . n 
A 1 91  SER 91  1136 1136 SER SER A . n 
A 1 92  ARG 92  1137 1137 ARG ARG A . n 
A 1 93  VAL 93  1138 1138 VAL VAL A . n 
A 1 94  TYR 94  1139 1139 TYR TYR A . n 
A 1 95  LYS 95  1140 1140 LYS LYS A . n 
A 1 96  TYR 96  1141 1141 TYR TYR A . n 
A 1 97  CYS 97  1142 1142 CYS CYS A . n 
A 1 98  SER 98  1143 1143 SER SER A . n 
A 1 99  LYS 99  1144 1144 LYS LYS A . n 
A 1 100 LEU 100 1145 1145 LEU LEU A . n 
A 1 101 SER 101 1146 1146 SER SER A . n 
A 1 102 GLU 102 1147 1147 GLU GLU A . n 
A 1 103 VAL 103 1148 1148 VAL VAL A . n 
A 1 104 PHE 104 1149 1149 PHE PHE A . n 
A 1 105 GLU 105 1150 1150 GLU GLU A . n 
A 1 106 GLN 106 1151 1151 GLN GLN A . n 
A 1 107 GLU 107 1152 1152 GLU GLU A . n 
A 1 108 ILE 108 1153 1153 ILE ILE A . n 
A 1 109 ASP 109 1154 1154 ASP ASP A . n 
A 1 110 PRO 110 1155 1155 PRO PRO A . n 
A 1 111 VAL 111 1156 1156 VAL VAL A . n 
A 1 112 MET 112 1157 1157 MET MET A . n 
A 1 113 GLN 113 1158 1158 GLN GLN A . n 
A 1 114 SER 114 1159 1159 SER SER A . n 
A 1 115 LEU 115 1160 1160 LEU LEU A . n 
A 1 116 GLY 116 1161 1161 GLY GLY A . n 
# 
loop_
_pdbx_nonpoly_scheme.asym_id 
_pdbx_nonpoly_scheme.entity_id 
_pdbx_nonpoly_scheme.mon_id 
_pdbx_nonpoly_scheme.ndb_seq_num 
_pdbx_nonpoly_scheme.pdb_seq_num 
_pdbx_nonpoly_scheme.auth_seq_num 
_pdbx_nonpoly_scheme.pdb_mon_id 
_pdbx_nonpoly_scheme.auth_mon_id 
_pdbx_nonpoly_scheme.pdb_strand_id 
_pdbx_nonpoly_scheme.pdb_ins_code 
B 2 2LO 1   1201 1   2LO DRG A . 
C 3 IPA 1   1202 1   IPA IPA A . 
D 4 HOH 1   1301 163 HOH HOH A . 
D 4 HOH 2   1302 24  HOH HOH A . 
D 4 HOH 3   1303 149 HOH HOH A . 
D 4 HOH 4   1304 104 HOH HOH A . 
D 4 HOH 5   1305 125 HOH HOH A . 
D 4 HOH 6   1306 32  HOH HOH A . 
D 4 HOH 7   1307 77  HOH HOH A . 
D 4 HOH 8   1308 134 HOH HOH A . 
D 4 HOH 9   1309 91  HOH HOH A . 
D 4 HOH 10  1310 100 HOH HOH A . 
D 4 HOH 11  1311 39  HOH HOH A . 
D 4 HOH 12  1312 28  HOH HOH A . 
D 4 HOH 13  1313 20  HOH HOH A . 
D 4 HOH 14  1314 62  HOH HOH A . 
D 4 HOH 15  1315 92  HOH HOH A . 
D 4 HOH 16  1316 44  HOH HOH A . 
D 4 HOH 17  1317 14  HOH HOH A . 
D 4 HOH 18  1318 173 HOH HOH A . 
D 4 HOH 19  1319 59  HOH HOH A . 
D 4 HOH 20  1320 18  HOH HOH A . 
D 4 HOH 21  1321 64  HOH HOH A . 
D 4 HOH 22  1322 147 HOH HOH A . 
D 4 HOH 23  1323 186 HOH HOH A . 
D 4 HOH 24  1324 143 HOH HOH A . 
D 4 HOH 25  1325 67  HOH HOH A . 
D 4 HOH 26  1326 35  HOH HOH A . 
D 4 HOH 27  1327 58  HOH HOH A . 
D 4 HOH 28  1328 1   HOH HOH A . 
D 4 HOH 29  1329 131 HOH HOH A . 
D 4 HOH 30  1330 141 HOH HOH A . 
D 4 HOH 31  1331 139 HOH HOH A . 
D 4 HOH 32  1332 110 HOH HOH A . 
D 4 HOH 33  1333 11  HOH HOH A . 
D 4 HOH 34  1334 84  HOH HOH A . 
D 4 HOH 35  1335 117 HOH HOH A . 
D 4 HOH 36  1336 137 HOH HOH A . 
D 4 HOH 37  1337 36  HOH HOH A . 
D 4 HOH 38  1338 52  HOH HOH A . 
D 4 HOH 39  1339 3   HOH HOH A . 
D 4 HOH 40  1340 167 HOH HOH A . 
D 4 HOH 41  1341 47  HOH HOH A . 
D 4 HOH 42  1342 41  HOH HOH A . 
D 4 HOH 43  1343 56  HOH HOH A . 
D 4 HOH 44  1344 42  HOH HOH A . 
D 4 HOH 45  1345 61  HOH HOH A . 
D 4 HOH 46  1346 8   HOH HOH A . 
D 4 HOH 47  1347 74  HOH HOH A . 
D 4 HOH 48  1348 4   HOH HOH A . 
D 4 HOH 49  1349 106 HOH HOH A . 
D 4 HOH 50  1350 17  HOH HOH A . 
D 4 HOH 51  1351 88  HOH HOH A . 
D 4 HOH 52  1352 123 HOH HOH A . 
D 4 HOH 53  1353 22  HOH HOH A . 
D 4 HOH 54  1354 102 HOH HOH A . 
D 4 HOH 55  1355 122 HOH HOH A . 
D 4 HOH 56  1356 6   HOH HOH A . 
D 4 HOH 57  1357 170 HOH HOH A . 
D 4 HOH 58  1358 33  HOH HOH A . 
D 4 HOH 59  1359 70  HOH HOH A . 
D 4 HOH 60  1360 21  HOH HOH A . 
D 4 HOH 61  1361 175 HOH HOH A . 
D 4 HOH 62  1362 30  HOH HOH A . 
D 4 HOH 63  1363 72  HOH HOH A . 
D 4 HOH 64  1364 169 HOH HOH A . 
D 4 HOH 65  1365 40  HOH HOH A . 
D 4 HOH 66  1366 171 HOH HOH A . 
D 4 HOH 67  1367 34  HOH HOH A . 
D 4 HOH 68  1368 99  HOH HOH A . 
D 4 HOH 69  1369 85  HOH HOH A . 
D 4 HOH 70  1370 13  HOH HOH A . 
D 4 HOH 71  1371 55  HOH HOH A . 
D 4 HOH 72  1372 81  HOH HOH A . 
D 4 HOH 73  1373 113 HOH HOH A . 
D 4 HOH 74  1374 86  HOH HOH A . 
D 4 HOH 75  1375 38  HOH HOH A . 
D 4 HOH 76  1376 19  HOH HOH A . 
D 4 HOH 77  1377 7   HOH HOH A . 
D 4 HOH 78  1378 161 HOH HOH A . 
D 4 HOH 79  1379 5   HOH HOH A . 
D 4 HOH 80  1380 46  HOH HOH A . 
D 4 HOH 81  1381 145 HOH HOH A . 
D 4 HOH 82  1382 25  HOH HOH A . 
D 4 HOH 83  1383 23  HOH HOH A . 
D 4 HOH 84  1384 51  HOH HOH A . 
D 4 HOH 85  1385 26  HOH HOH A . 
D 4 HOH 86  1386 63  HOH HOH A . 
D 4 HOH 87  1387 183 HOH HOH A . 
D 4 HOH 88  1388 172 HOH HOH A . 
D 4 HOH 89  1389 66  HOH HOH A . 
D 4 HOH 90  1390 15  HOH HOH A . 
D 4 HOH 91  1391 79  HOH HOH A . 
D 4 HOH 92  1392 127 HOH HOH A . 
D 4 HOH 93  1393 49  HOH HOH A . 
D 4 HOH 94  1394 75  HOH HOH A . 
D 4 HOH 95  1395 93  HOH HOH A . 
D 4 HOH 96  1396 164 HOH HOH A . 
D 4 HOH 97  1397 80  HOH HOH A . 
D 4 HOH 98  1398 152 HOH HOH A . 
D 4 HOH 99  1399 9   HOH HOH A . 
D 4 HOH 100 1400 120 HOH HOH A . 
D 4 HOH 101 1401 29  HOH HOH A . 
D 4 HOH 102 1402 73  HOH HOH A . 
D 4 HOH 103 1403 71  HOH HOH A . 
D 4 HOH 104 1404 94  HOH HOH A . 
D 4 HOH 105 1405 158 HOH HOH A . 
D 4 HOH 106 1406 27  HOH HOH A . 
D 4 HOH 107 1407 111 HOH HOH A . 
D 4 HOH 108 1408 45  HOH HOH A . 
D 4 HOH 109 1409 10  HOH HOH A . 
D 4 HOH 110 1410 133 HOH HOH A . 
D 4 HOH 111 1411 180 HOH HOH A . 
D 4 HOH 112 1412 129 HOH HOH A . 
D 4 HOH 113 1413 60  HOH HOH A . 
D 4 HOH 114 1414 54  HOH HOH A . 
D 4 HOH 115 1415 126 HOH HOH A . 
D 4 HOH 116 1416 57  HOH HOH A . 
D 4 HOH 117 1417 150 HOH HOH A . 
D 4 HOH 118 1418 37  HOH HOH A . 
D 4 HOH 119 1419 16  HOH HOH A . 
D 4 HOH 120 1420 96  HOH HOH A . 
D 4 HOH 121 1421 12  HOH HOH A . 
D 4 HOH 122 1422 148 HOH HOH A . 
D 4 HOH 123 1423 130 HOH HOH A . 
D 4 HOH 124 1424 119 HOH HOH A . 
D 4 HOH 125 1425 31  HOH HOH A . 
D 4 HOH 126 1426 2   HOH HOH A . 
D 4 HOH 127 1427 140 HOH HOH A . 
D 4 HOH 128 1428 109 HOH HOH A . 
D 4 HOH 129 1429 165 HOH HOH A . 
D 4 HOH 130 1430 151 HOH HOH A . 
D 4 HOH 131 1431 116 HOH HOH A . 
D 4 HOH 132 1432 65  HOH HOH A . 
D 4 HOH 133 1433 159 HOH HOH A . 
D 4 HOH 134 1434 68  HOH HOH A . 
D 4 HOH 135 1435 135 HOH HOH A . 
D 4 HOH 136 1436 118 HOH HOH A . 
D 4 HOH 137 1437 90  HOH HOH A . 
D 4 HOH 138 1438 98  HOH HOH A . 
D 4 HOH 139 1439 89  HOH HOH A . 
D 4 HOH 140 1440 48  HOH HOH A . 
D 4 HOH 141 1441 174 HOH HOH A . 
D 4 HOH 142 1442 181 HOH HOH A . 
D 4 HOH 143 1443 107 HOH HOH A . 
D 4 HOH 144 1444 69  HOH HOH A . 
D 4 HOH 145 1445 189 HOH HOH A . 
D 4 HOH 146 1446 83  HOH HOH A . 
D 4 HOH 147 1447 156 HOH HOH A . 
D 4 HOH 148 1448 187 HOH HOH A . 
D 4 HOH 149 1449 97  HOH HOH A . 
D 4 HOH 150 1450 108 HOH HOH A . 
D 4 HOH 151 1451 155 HOH HOH A . 
D 4 HOH 152 1452 103 HOH HOH A . 
D 4 HOH 153 1453 157 HOH HOH A . 
D 4 HOH 154 1454 185 HOH HOH A . 
D 4 HOH 155 1455 105 HOH HOH A . 
D 4 HOH 156 1456 132 HOH HOH A . 
D 4 HOH 157 1457 178 HOH HOH A . 
D 4 HOH 158 1458 177 HOH HOH A . 
D 4 HOH 159 1459 153 HOH HOH A . 
D 4 HOH 160 1460 142 HOH HOH A . 
D 4 HOH 161 1461 50  HOH HOH A . 
D 4 HOH 162 1462 76  HOH HOH A . 
D 4 HOH 163 1463 115 HOH HOH A . 
D 4 HOH 164 1464 176 HOH HOH A . 
D 4 HOH 165 1465 101 HOH HOH A . 
D 4 HOH 166 1466 82  HOH HOH A . 
D 4 HOH 167 1467 168 HOH HOH A . 
D 4 HOH 168 1468 121 HOH HOH A . 
D 4 HOH 169 1469 162 HOH HOH A . 
D 4 HOH 170 1470 124 HOH HOH A . 
D 4 HOH 171 1471 87  HOH HOH A . 
D 4 HOH 172 1472 53  HOH HOH A . 
D 4 HOH 173 1473 128 HOH HOH A . 
D 4 HOH 174 1474 166 HOH HOH A . 
D 4 HOH 175 1475 179 HOH HOH A . 
D 4 HOH 176 1476 43  HOH HOH A . 
D 4 HOH 177 1477 95  HOH HOH A . 
D 4 HOH 178 1478 112 HOH HOH A . 
D 4 HOH 179 1479 138 HOH HOH A . 
D 4 HOH 180 1480 114 HOH HOH A . 
D 4 HOH 181 1481 184 HOH HOH A . 
D 4 HOH 182 1482 182 HOH HOH A . 
D 4 HOH 183 1483 136 HOH HOH A . 
D 4 HOH 184 1484 78  HOH HOH A . 
D 4 HOH 185 1485 154 HOH HOH A . 
D 4 HOH 186 1486 146 HOH HOH A . 
D 4 HOH 187 1487 144 HOH HOH A . 
D 4 HOH 188 1488 188 HOH HOH A . 
D 4 HOH 189 1489 160 HOH HOH A . 
# 
loop_
_software.citation_id 
_software.classification 
_software.compiler_name 
_software.compiler_version 
_software.contact_author 
_software.contact_author_email 
_software.date 
_software.description 
_software.dependencies 
_software.hardware 
_software.language 
_software.location 
_software.mods 
_software.name 
_software.os 
_software.os_version 
_software.type 
_software.version 
_software.pdbx_ordinal 
? refinement       ? ? ? ? ? ? ? ? ? ? ? REFMAC ? ? ? 5.8.0073 1 
? 'data reduction' ? ? ? ? ? ? ? ? ? ? ? XDS    ? ? ? .        2 
? 'data scaling'   ? ? ? ? ? ? ? ? ? ? ? SCALA  ? ? ? .        3 
? phasing          ? ? ? ? ? ? ? ? ? ? ? PHASER ? ? ? .        4 
# 
_cell.angle_alpha                  90.00 
_cell.angle_alpha_esd              ? 
_cell.angle_beta                   90.00 
_cell.angle_beta_esd               ? 
_cell.angle_gamma                  120.00 
_cell.angle_gamma_esd              ? 
_cell.entry_id                     5BT3 
_cell.details                      ? 
_cell.formula_units_Z              ? 
_cell.length_a                     53.431 
_cell.length_a_esd                 ? 
_cell.length_b                     53.431 
_cell.length_b_esd                 ? 
_cell.length_c                     77.003 
_cell.length_c_esd                 ? 
_cell.volume                       ? 
_cell.volume_esd                   ? 
_cell.Z_PDB                        6 
_cell.reciprocal_angle_alpha       ? 
_cell.reciprocal_angle_beta        ? 
_cell.reciprocal_angle_gamma       ? 
_cell.reciprocal_angle_alpha_esd   ? 
_cell.reciprocal_angle_beta_esd    ? 
_cell.reciprocal_angle_gamma_esd   ? 
_cell.reciprocal_length_a          ? 
_cell.reciprocal_length_b          ? 
_cell.reciprocal_length_c          ? 
_cell.reciprocal_length_a_esd      ? 
_cell.reciprocal_length_b_esd      ? 
_cell.reciprocal_length_c_esd      ? 
_cell.pdbx_unique_axis             ? 
# 
_symmetry.entry_id                         5BT3 
_symmetry.cell_setting                     ? 
_symmetry.Int_Tables_number                169 
_symmetry.space_group_name_Hall            ? 
_symmetry.space_group_name_H-M             'P 61' 
_symmetry.pdbx_full_space_group_name_H-M   ? 
# 
_exptl.absorpt_coefficient_mu     ? 
_exptl.absorpt_correction_T_max   ? 
_exptl.absorpt_correction_T_min   ? 
_exptl.absorpt_correction_type    ? 
_exptl.absorpt_process_details    ? 
_exptl.entry_id                   5BT3 
_exptl.crystals_number            ? 
_exptl.details                    ? 
_exptl.method                     'X-RAY DIFFRACTION' 
_exptl.method_details             ? 
# 
_exptl_crystal.colour                      ? 
_exptl_crystal.density_diffrn              ? 
_exptl_crystal.density_Matthews            2.30 
_exptl_crystal.density_method              ? 
_exptl_crystal.density_percent_sol         46.49 
_exptl_crystal.description                 ? 
_exptl_crystal.F_000                       ? 
_exptl_crystal.id                          1 
_exptl_crystal.preparation                 ? 
_exptl_crystal.size_max                    ? 
_exptl_crystal.size_mid                    ? 
_exptl_crystal.size_min                    ? 
_exptl_crystal.size_rad                    ? 
_exptl_crystal.colour_lustre               ? 
_exptl_crystal.colour_modifier             ? 
_exptl_crystal.colour_primary              ? 
_exptl_crystal.density_meas                ? 
_exptl_crystal.density_meas_esd            ? 
_exptl_crystal.density_meas_gt             ? 
_exptl_crystal.density_meas_lt             ? 
_exptl_crystal.density_meas_temp           ? 
_exptl_crystal.density_meas_temp_esd       ? 
_exptl_crystal.density_meas_temp_gt        ? 
_exptl_crystal.density_meas_temp_lt        ? 
_exptl_crystal.pdbx_crystal_image_url      ? 
_exptl_crystal.pdbx_crystal_image_format   ? 
_exptl_crystal.pdbx_mosaicity              ? 
_exptl_crystal.pdbx_mosaicity_esd          ? 
# 
_exptl_crystal_grow.apparatus       ? 
_exptl_crystal_grow.atmosphere      ? 
_exptl_crystal_grow.crystal_id      1 
_exptl_crystal_grow.details         ? 
_exptl_crystal_grow.method          'VAPOR DIFFUSION, SITTING DROP' 
_exptl_crystal_grow.method_ref      ? 
_exptl_crystal_grow.pH              5.6 
_exptl_crystal_grow.pressure        ? 
_exptl_crystal_grow.pressure_esd    ? 
_exptl_crystal_grow.seeding         ? 
_exptl_crystal_grow.seeding_ref     ? 
_exptl_crystal_grow.temp            277 
_exptl_crystal_grow.temp_details    ? 
_exptl_crystal_grow.temp_esd        ? 
_exptl_crystal_grow.time            ? 
_exptl_crystal_grow.pdbx_details    '0.1 M tri-sodium citrate dihydrate pH 5.6, 20% iso-propanol, 20% PEG 4000' 
_exptl_crystal_grow.pdbx_pH_range   ? 
# 
_diffrn.ambient_environment    ? 
_diffrn.ambient_temp           100 
_diffrn.ambient_temp_details   ? 
_diffrn.ambient_temp_esd       ? 
_diffrn.crystal_id             1 
_diffrn.crystal_support        ? 
_diffrn.crystal_treatment      ? 
_diffrn.details                ? 
_diffrn.id                     1 
_diffrn.ambient_pressure       ? 
_diffrn.ambient_pressure_esd   ? 
_diffrn.ambient_pressure_gt    ? 
_diffrn.ambient_pressure_lt    ? 
_diffrn.ambient_temp_gt        ? 
_diffrn.ambient_temp_lt        ? 
# 
_diffrn_detector.details                      ? 
_diffrn_detector.detector                     PIXEL 
_diffrn_detector.diffrn_id                    1 
_diffrn_detector.type                         'DECTRIS PILATUS 6M' 
_diffrn_detector.area_resol_mean              ? 
_diffrn_detector.dtime                        ? 
_diffrn_detector.pdbx_frames_total            ? 
_diffrn_detector.pdbx_collection_time_total   ? 
_diffrn_detector.pdbx_collection_date         2014-07-12 
# 
_diffrn_radiation.collimation                      ? 
_diffrn_radiation.diffrn_id                        1 
_diffrn_radiation.filter_edge                      ? 
_diffrn_radiation.inhomogeneity                    ? 
_diffrn_radiation.monochromator                    ? 
_diffrn_radiation.polarisn_norm                    ? 
_diffrn_radiation.polarisn_ratio                   ? 
_diffrn_radiation.probe                            ? 
_diffrn_radiation.type                             ? 
_diffrn_radiation.xray_symbol                      ? 
_diffrn_radiation.wavelength_id                    1 
_diffrn_radiation.pdbx_monochromatic_or_laue_m_l   M 
_diffrn_radiation.pdbx_wavelength_list             ? 
_diffrn_radiation.pdbx_wavelength                  ? 
_diffrn_radiation.pdbx_diffrn_protocol             'SINGLE WAVELENGTH' 
_diffrn_radiation.pdbx_analyzer                    ? 
_diffrn_radiation.pdbx_scattering_type             x-ray 
# 
_diffrn_radiation_wavelength.id           1 
_diffrn_radiation_wavelength.wavelength   0.9795 
_diffrn_radiation_wavelength.wt           1.0 
# 
_diffrn_source.current                     ? 
_diffrn_source.details                     ? 
_diffrn_source.diffrn_id                   1 
_diffrn_source.power                       ? 
_diffrn_source.size                        ? 
_diffrn_source.source                      SYNCHROTRON 
_diffrn_source.target                      ? 
_diffrn_source.type                        'DIAMOND BEAMLINE I02' 
_diffrn_source.voltage                     ? 
_diffrn_source.take-off_angle              ? 
_diffrn_source.pdbx_wavelength_list        0.9795 
_diffrn_source.pdbx_wavelength             ? 
_diffrn_source.pdbx_synchrotron_beamline   I02 
_diffrn_source.pdbx_synchrotron_site       Diamond 
# 
_reflns.B_iso_Wilson_estimate            6.234 
_reflns.entry_id                         5BT3 
_reflns.data_reduction_details           ? 
_reflns.data_reduction_method            ? 
_reflns.d_resolution_high                1.05 
_reflns.d_resolution_low                 46.27 
_reflns.details                          ? 
_reflns.limit_h_max                      ? 
_reflns.limit_h_min                      ? 
_reflns.limit_k_max                      ? 
_reflns.limit_k_min                      ? 
_reflns.limit_l_max                      ? 
_reflns.limit_l_min                      ? 
_reflns.number_all                       604305 
_reflns.number_obs                       56052 
_reflns.observed_criterion               ? 
_reflns.observed_criterion_F_max         ? 
_reflns.observed_criterion_F_min         ? 
_reflns.observed_criterion_I_max         ? 
_reflns.observed_criterion_I_min         ? 
_reflns.observed_criterion_sigma_F       ? 
_reflns.observed_criterion_sigma_I       ? 
_reflns.percent_possible_obs             95.9 
_reflns.R_free_details                   ? 
_reflns.Rmerge_F_all                     ? 
_reflns.Rmerge_F_obs                     ? 
_reflns.Friedel_coverage                 ? 
_reflns.number_gt                        ? 
_reflns.threshold_expression             ? 
_reflns.pdbx_redundancy                  10.8 
_reflns.pdbx_Rmerge_I_obs                0.069 
_reflns.pdbx_Rmerge_I_all                ? 
_reflns.pdbx_Rsym_value                  0.021 
_reflns.pdbx_netI_over_av_sigmaI         4.6 
_reflns.pdbx_netI_over_sigmaI            21.0 
_reflns.pdbx_res_netI_over_av_sigmaI_2   ? 
_reflns.pdbx_res_netI_over_sigmaI_2      ? 
_reflns.pdbx_chi_squared                 ? 
_reflns.pdbx_scaling_rejects             ? 
_reflns.pdbx_d_res_high_opt              ? 
_reflns.pdbx_d_res_low_opt               ? 
_reflns.pdbx_d_res_opt_method            ? 
_reflns.phase_calculation_details        ? 
_reflns.pdbx_Rrim_I_all                  ? 
_reflns.pdbx_Rpim_I_all                  ? 
_reflns.pdbx_d_opt                       ? 
_reflns.pdbx_number_measured_all         ? 
_reflns.pdbx_diffrn_id                   1 
_reflns.pdbx_ordinal                     1 
_reflns.pdbx_CC_half                     ? 
_reflns.pdbx_R_split                     ? 
# 
_reflns_shell.d_res_high                  1.05 
_reflns_shell.d_res_low                   1.10 
_reflns_shell.meanI_over_sigI_all         ? 
_reflns_shell.meanI_over_sigI_obs         4.6 
_reflns_shell.number_measured_all         ? 
_reflns_shell.number_measured_obs         ? 
_reflns_shell.number_possible             ? 
_reflns_shell.number_unique_all           ? 
_reflns_shell.number_unique_obs           ? 
_reflns_shell.percent_possible_all        75.0 
_reflns_shell.percent_possible_obs        ? 
_reflns_shell.Rmerge_F_all                ? 
_reflns_shell.Rmerge_F_obs                ? 
_reflns_shell.Rmerge_I_all                ? 
_reflns_shell.Rmerge_I_obs                0.374 
_reflns_shell.meanI_over_sigI_gt          ? 
_reflns_shell.meanI_over_uI_all           ? 
_reflns_shell.meanI_over_uI_gt            ? 
_reflns_shell.number_measured_gt          ? 
_reflns_shell.number_unique_gt            ? 
_reflns_shell.percent_possible_gt         ? 
_reflns_shell.Rmerge_F_gt                 ? 
_reflns_shell.Rmerge_I_gt                 ? 
_reflns_shell.pdbx_redundancy             3.6 
_reflns_shell.pdbx_Rsym_value             ? 
_reflns_shell.pdbx_chi_squared            ? 
_reflns_shell.pdbx_netI_over_sigmaI_all   ? 
_reflns_shell.pdbx_netI_over_sigmaI_obs   ? 
_reflns_shell.pdbx_Rrim_I_all             ? 
_reflns_shell.pdbx_Rpim_I_all             ? 
_reflns_shell.pdbx_rejects                ? 
_reflns_shell.pdbx_ordinal                1 
_reflns_shell.pdbx_diffrn_id              1 
_reflns_shell.pdbx_CC_half                ? 
_reflns_shell.pdbx_R_split                ? 
# 
_refine.aniso_B[1][1]                            -0.03 
_refine.aniso_B[1][2]                            -0.02 
_refine.aniso_B[1][3]                            -0.00 
_refine.aniso_B[2][2]                            -0.03 
_refine.aniso_B[2][3]                            0.00 
_refine.aniso_B[3][3]                            0.11 
_refine.B_iso_max                                ? 
_refine.B_iso_mean                               9.313 
_refine.B_iso_min                                ? 
_refine.correlation_coeff_Fo_to_Fc               0.967 
_refine.correlation_coeff_Fo_to_Fc_free          0.961 
_refine.details                                  'HYDROGENS HAVE BEEN ADDED IN THE RIDING POSITIONS' 
_refine.diff_density_max                         ? 
_refine.diff_density_max_esd                     ? 
_refine.diff_density_min                         ? 
_refine.diff_density_min_esd                     ? 
_refine.diff_density_rms                         ? 
_refine.diff_density_rms_esd                     ? 
_refine.entry_id                                 5BT3 
_refine.pdbx_refine_id                           'X-RAY DIFFRACTION' 
_refine.ls_abs_structure_details                 ? 
_refine.ls_abs_structure_Flack                   ? 
_refine.ls_abs_structure_Flack_esd               ? 
_refine.ls_abs_structure_Rogers                  ? 
_refine.ls_abs_structure_Rogers_esd              ? 
_refine.ls_d_res_high                            1.05 
_refine.ls_d_res_low                             46.27 
_refine.ls_extinction_coef                       ? 
_refine.ls_extinction_coef_esd                   ? 
_refine.ls_extinction_expression                 ? 
_refine.ls_extinction_method                     ? 
_refine.ls_goodness_of_fit_all                   ? 
_refine.ls_goodness_of_fit_all_esd               ? 
_refine.ls_goodness_of_fit_obs                   ? 
_refine.ls_goodness_of_fit_obs_esd               ? 
_refine.ls_hydrogen_treatment                    ? 
_refine.ls_matrix_type                           ? 
_refine.ls_number_constraints                    ? 
_refine.ls_number_parameters                     ? 
_refine.ls_number_reflns_all                     ? 
_refine.ls_number_reflns_obs                     53225 
_refine.ls_number_reflns_R_free                  2776 
_refine.ls_number_reflns_R_work                  ? 
_refine.ls_number_restraints                     ? 
_refine.ls_percent_reflns_obs                    95.81 
_refine.ls_percent_reflns_R_free                 5.0 
_refine.ls_R_factor_all                          ? 
_refine.ls_R_factor_obs                          0.16560 
_refine.ls_R_factor_R_free                       0.17800 
_refine.ls_R_factor_R_free_error                 ? 
_refine.ls_R_factor_R_free_error_details         ? 
_refine.ls_R_factor_R_work                       0.16498 
_refine.ls_R_Fsqd_factor_obs                     ? 
_refine.ls_R_I_factor_obs                        ? 
_refine.ls_redundancy_reflns_all                 ? 
_refine.ls_redundancy_reflns_obs                 ? 
_refine.ls_restrained_S_all                      ? 
_refine.ls_restrained_S_obs                      ? 
_refine.ls_shift_over_esd_max                    ? 
_refine.ls_shift_over_esd_mean                   ? 
_refine.ls_structure_factor_coef                 ? 
_refine.ls_weighting_details                     ? 
_refine.ls_weighting_scheme                      ? 
_refine.ls_wR_factor_all                         ? 
_refine.ls_wR_factor_obs                         ? 
_refine.ls_wR_factor_R_free                      ? 
_refine.ls_wR_factor_R_work                      ? 
_refine.occupancy_max                            ? 
_refine.occupancy_min                            ? 
_refine.solvent_model_details                    MASK 
_refine.solvent_model_param_bsol                 ? 
_refine.solvent_model_param_ksol                 ? 
_refine.ls_R_factor_gt                           ? 
_refine.ls_goodness_of_fit_gt                    ? 
_refine.ls_goodness_of_fit_ref                   ? 
_refine.ls_shift_over_su_max                     ? 
_refine.ls_shift_over_su_max_lt                  ? 
_refine.ls_shift_over_su_mean                    ? 
_refine.ls_shift_over_su_mean_lt                 ? 
_refine.pdbx_ls_sigma_I                          ? 
_refine.pdbx_ls_sigma_F                          ? 
_refine.pdbx_ls_sigma_Fsqd                       ? 
_refine.pdbx_data_cutoff_high_absF               ? 
_refine.pdbx_data_cutoff_high_rms_absF           ? 
_refine.pdbx_data_cutoff_low_absF                ? 
_refine.pdbx_isotropic_thermal_model             ? 
_refine.pdbx_ls_cross_valid_method               THROUGHOUT 
_refine.pdbx_method_to_determine_struct          'MOLECULAR REPLACEMENT' 
_refine.pdbx_starting_model                      3I3J 
_refine.pdbx_stereochemistry_target_values       'MAXIMUM LIKELIHOOD' 
_refine.pdbx_R_Free_selection_details            RANDOM 
_refine.pdbx_stereochem_target_val_spec_case     ? 
_refine.pdbx_overall_ESU_R                       0.028 
_refine.pdbx_overall_ESU_R_Free                  0.029 
_refine.pdbx_solvent_vdw_probe_radii             1.20 
_refine.pdbx_solvent_ion_probe_radii             0.80 
_refine.pdbx_solvent_shrinkage_radii             0.80 
_refine.pdbx_real_space_R                        ? 
_refine.pdbx_density_correlation                 ? 
_refine.pdbx_pd_number_of_powder_patterns        ? 
_refine.pdbx_pd_number_of_points                 ? 
_refine.pdbx_pd_meas_number_of_points            ? 
_refine.pdbx_pd_proc_ls_prof_R_factor            ? 
_refine.pdbx_pd_proc_ls_prof_wR_factor           ? 
_refine.pdbx_pd_Marquardt_correlation_coeff      ? 
_refine.pdbx_pd_Fsqrd_R_factor                   ? 
_refine.pdbx_pd_ls_matrix_band_width             ? 
_refine.pdbx_overall_phase_error                 ? 
_refine.pdbx_overall_SU_R_free_Cruickshank_DPI   ? 
_refine.pdbx_overall_SU_R_free_Blow_DPI          ? 
_refine.pdbx_overall_SU_R_Blow_DPI               ? 
_refine.pdbx_TLS_residual_ADP_flag               ? 
_refine.pdbx_diffrn_id                           1 
_refine.overall_SU_B                             0.321 
_refine.overall_SU_ML                            0.017 
_refine.overall_SU_R_Cruickshank_DPI             ? 
_refine.overall_SU_R_free                        ? 
_refine.overall_FOM_free_R_set                   ? 
_refine.overall_FOM_work_R_set                   ? 
_refine.pdbx_average_fsc_overall                 ? 
_refine.pdbx_average_fsc_work                    ? 
_refine.pdbx_average_fsc_free                    ? 
# 
_refine_hist.pdbx_refine_id                   'X-RAY DIFFRACTION' 
_refine_hist.cycle_id                         1 
_refine_hist.pdbx_number_atoms_protein        958 
_refine_hist.pdbx_number_atoms_nucleic_acid   0 
_refine_hist.pdbx_number_atoms_ligand         40 
_refine_hist.number_atoms_solvent             189 
_refine_hist.number_atoms_total               1187 
_refine_hist.d_res_high                       1.05 
_refine_hist.d_res_low                        46.27 
# 
loop_
_refine_ls_restr.pdbx_refine_id 
_refine_ls_restr.criterion 
_refine_ls_restr.dev_ideal 
_refine_ls_restr.dev_ideal_target 
_refine_ls_restr.number 
_refine_ls_restr.rejects 
_refine_ls_restr.type 
_refine_ls_restr.weight 
_refine_ls_restr.pdbx_restraint_function 
'X-RAY DIFFRACTION' ? 0.009  0.020  1049 ? r_bond_refined_d             ? ? 
'X-RAY DIFFRACTION' ? 0.005  0.020  982  ? r_bond_other_d               ? ? 
'X-RAY DIFFRACTION' ? 1.384  2.028  1432 ? r_angle_refined_deg          ? ? 
'X-RAY DIFFRACTION' ? 0.989  3.016  2271 ? r_angle_other_deg            ? ? 
'X-RAY DIFFRACTION' ? 5.227  5.000  119  ? r_dihedral_angle_1_deg       ? ? 
'X-RAY DIFFRACTION' ? 36.190 24.706 51   ? r_dihedral_angle_2_deg       ? ? 
'X-RAY DIFFRACTION' ? 11.256 15.000 179  ? r_dihedral_angle_3_deg       ? ? 
'X-RAY DIFFRACTION' ? 17.140 15.000 6    ? r_dihedral_angle_4_deg       ? ? 
'X-RAY DIFFRACTION' ? 0.080  0.200  145  ? r_chiral_restr               ? ? 
'X-RAY DIFFRACTION' ? 0.007  0.021  1160 ? r_gen_planes_refined         ? ? 
'X-RAY DIFFRACTION' ? 0.001  0.020  233  ? r_gen_planes_other           ? ? 
'X-RAY DIFFRACTION' ? ?      ?      ?    ? r_nbd_refined                ? ? 
'X-RAY DIFFRACTION' ? ?      ?      ?    ? r_nbd_other                  ? ? 
'X-RAY DIFFRACTION' ? ?      ?      ?    ? r_nbtor_refined              ? ? 
'X-RAY DIFFRACTION' ? ?      ?      ?    ? r_nbtor_other                ? ? 
'X-RAY DIFFRACTION' ? ?      ?      ?    ? r_xyhbond_nbd_refined        ? ? 
'X-RAY DIFFRACTION' ? ?      ?      ?    ? r_xyhbond_nbd_other          ? ? 
'X-RAY DIFFRACTION' ? ?      ?      ?    ? r_metal_ion_refined          ? ? 
'X-RAY DIFFRACTION' ? ?      ?      ?    ? r_metal_ion_other            ? ? 
'X-RAY DIFFRACTION' ? ?      ?      ?    ? r_symmetry_vdw_refined       ? ? 
'X-RAY DIFFRACTION' ? ?      ?      ?    ? r_symmetry_vdw_other         ? ? 
'X-RAY DIFFRACTION' ? ?      ?      ?    ? r_symmetry_hbond_refined     ? ? 
'X-RAY DIFFRACTION' ? ?      ?      ?    ? r_symmetry_hbond_other       ? ? 
'X-RAY DIFFRACTION' ? ?      ?      ?    ? r_symmetry_metal_ion_refined ? ? 
'X-RAY DIFFRACTION' ? ?      ?      ?    ? r_symmetry_metal_ion_other   ? ? 
'X-RAY DIFFRACTION' ? 0.528  0.774  467  ? r_mcbond_it                  ? ? 
'X-RAY DIFFRACTION' ? 0.515  0.770  466  ? r_mcbond_other               ? ? 
'X-RAY DIFFRACTION' ? 0.867  1.158  586  ? r_mcangle_it                 ? ? 
'X-RAY DIFFRACTION' ? 0.868  1.161  587  ? r_mcangle_other              ? ? 
'X-RAY DIFFRACTION' ? 0.834  0.873  582  ? r_scbond_it                  ? ? 
'X-RAY DIFFRACTION' ? 0.833  0.873  583  ? r_scbond_other               ? ? 
'X-RAY DIFFRACTION' ? ?      ?      ?    ? r_scangle_it                 ? ? 
'X-RAY DIFFRACTION' ? 1.351  1.266  846  ? r_scangle_other              ? ? 
'X-RAY DIFFRACTION' ? 3.345  7.489  1479 ? r_long_range_B_refined       ? ? 
'X-RAY DIFFRACTION' ? 3.344  7.490  1480 ? r_long_range_B_other         ? ? 
'X-RAY DIFFRACTION' ? ?      ?      ?    ? r_rigid_bond_restr           ? ? 
'X-RAY DIFFRACTION' ? ?      ?      ?    ? r_sphericity_free            ? ? 
'X-RAY DIFFRACTION' ? ?      ?      ?    ? r_sphericity_bonded          ? ? 
# 
_refine_ls_shell.pdbx_refine_id                   'X-RAY DIFFRACTION' 
_refine_ls_shell.d_res_high                       1.047 
_refine_ls_shell.d_res_low                        1.075 
_refine_ls_shell.number_reflns_all                ? 
_refine_ls_shell.number_reflns_obs                ? 
_refine_ls_shell.number_reflns_R_free             116 
_refine_ls_shell.number_reflns_R_work             2619 
_refine_ls_shell.percent_reflns_obs               63.62 
_refine_ls_shell.percent_reflns_R_free            ? 
_refine_ls_shell.R_factor_all                     ? 
_refine_ls_shell.R_factor_obs                     ? 
_refine_ls_shell.R_factor_R_free                  0.258 
_refine_ls_shell.R_factor_R_free_error            ? 
_refine_ls_shell.R_factor_R_work                  0.241 
_refine_ls_shell.redundancy_reflns_all            ? 
_refine_ls_shell.redundancy_reflns_obs            ? 
_refine_ls_shell.wR_factor_all                    ? 
_refine_ls_shell.wR_factor_obs                    ? 
_refine_ls_shell.wR_factor_R_free                 ? 
_refine_ls_shell.wR_factor_R_work                 ? 
_refine_ls_shell.pdbx_total_number_of_bins_used   20 
_refine_ls_shell.pdbx_phase_error                 ? 
_refine_ls_shell.pdbx_fsc_work                    ? 
_refine_ls_shell.pdbx_fsc_free                    ? 
# 
_struct.entry_id                     5BT3 
_struct.title                        'Crystal structure of EP300 bromodomain in complex with SGC-CBP30 chemical probe' 
_struct.pdbx_model_details           ? 
_struct.pdbx_formula_weight          ? 
_struct.pdbx_formula_weight_method   ? 
_struct.pdbx_model_type_details      ? 
_struct.pdbx_CASP_flag               ? 
# 
_struct_keywords.entry_id        5BT3 
_struct_keywords.text            
'p300, transcription regulation, histone acetyltransferase, Structural Genomics, Structural Genomics Consortium, SGC, transcription' 
_struct_keywords.pdbx_keywords   TRANSCRIPTION 
# 
loop_
_struct_asym.id 
_struct_asym.pdbx_blank_PDB_chainid_flag 
_struct_asym.pdbx_modified 
_struct_asym.entity_id 
_struct_asym.details 
A N N 1 ? 
B N N 2 ? 
C N N 3 ? 
D N N 4 ? 
# 
_struct_ref.id                         1 
_struct_ref.db_name                    UNP 
_struct_ref.db_code                    EP300_HUMAN 
_struct_ref.pdbx_db_accession          Q09472 
_struct_ref.pdbx_db_isoform            ? 
_struct_ref.entity_id                  1 
_struct_ref.pdbx_seq_one_letter_code   
;IFKPEELRQALMPTLEALYRQDPESLPFRQPVDPQLLGIPDYFDIVKSPMDLSTIKRKLDTGQYQEPWQYVDDIWLMFNN
AWLYNRKTSRVYKYCSKLSEVFEQEIDPVMQSLG
;
_struct_ref.pdbx_align_begin           1048 
# 
_struct_ref_seq.align_id                      1 
_struct_ref_seq.ref_id                        1 
_struct_ref_seq.pdbx_PDB_id_code              5BT3 
_struct_ref_seq.pdbx_strand_id                A 
_struct_ref_seq.seq_align_beg                 3 
_struct_ref_seq.pdbx_seq_align_beg_ins_code   ? 
_struct_ref_seq.seq_align_end                 116 
_struct_ref_seq.pdbx_seq_align_end_ins_code   ? 
_struct_ref_seq.pdbx_db_accession             Q09472 
_struct_ref_seq.db_align_beg                  1048 
_struct_ref_seq.pdbx_db_align_beg_ins_code    ? 
_struct_ref_seq.db_align_end                  1161 
_struct_ref_seq.pdbx_db_align_end_ins_code    ? 
_struct_ref_seq.pdbx_auth_seq_align_beg       1048 
_struct_ref_seq.pdbx_auth_seq_align_end       1161 
# 
loop_
_struct_ref_seq_dif.align_id 
_struct_ref_seq_dif.pdbx_pdb_id_code 
_struct_ref_seq_dif.mon_id 
_struct_ref_seq_dif.pdbx_pdb_strand_id 
_struct_ref_seq_dif.seq_num 
_struct_ref_seq_dif.pdbx_pdb_ins_code 
_struct_ref_seq_dif.pdbx_seq_db_name 
_struct_ref_seq_dif.pdbx_seq_db_accession_code 
_struct_ref_seq_dif.db_mon_id 
_struct_ref_seq_dif.pdbx_seq_db_seq_num 
_struct_ref_seq_dif.details 
_struct_ref_seq_dif.pdbx_auth_seq_num 
_struct_ref_seq_dif.pdbx_ordinal 
1 5BT3 SER A 1 ? UNP Q09472 ? ? 'expression tag' 1046 1 
1 5BT3 MET A 2 ? UNP Q09472 ? ? 'expression tag' 1047 2 
# 
_pdbx_struct_assembly.id                   1 
_pdbx_struct_assembly.details              author_and_software_defined_assembly 
_pdbx_struct_assembly.method_details       PISA 
_pdbx_struct_assembly.oligomeric_details   monomeric 
_pdbx_struct_assembly.oligomeric_count     1 
# 
loop_
_pdbx_struct_assembly_prop.biol_id 
_pdbx_struct_assembly_prop.type 
_pdbx_struct_assembly_prop.value 
_pdbx_struct_assembly_prop.details 
1 'ABSA (A^2)' 180  ? 
1 MORE         3    ? 
1 'SSA (A^2)'  6920 ? 
# 
_pdbx_struct_assembly_gen.assembly_id       1 
_pdbx_struct_assembly_gen.oper_expression   1 
_pdbx_struct_assembly_gen.asym_id_list      A,B,C,D 
# 
_pdbx_struct_oper_list.id                   1 
_pdbx_struct_oper_list.type                 'identity operation' 
_pdbx_struct_oper_list.name                 1_555 
_pdbx_struct_oper_list.symmetry_operation   x,y,z 
_pdbx_struct_oper_list.matrix[1][1]         1.0000000000 
_pdbx_struct_oper_list.matrix[1][2]         0.0000000000 
_pdbx_struct_oper_list.matrix[1][3]         0.0000000000 
_pdbx_struct_oper_list.vector[1]            0.0000000000 
_pdbx_struct_oper_list.matrix[2][1]         0.0000000000 
_pdbx_struct_oper_list.matrix[2][2]         1.0000000000 
_pdbx_struct_oper_list.matrix[2][3]         0.0000000000 
_pdbx_struct_oper_list.vector[2]            0.0000000000 
_pdbx_struct_oper_list.matrix[3][1]         0.0000000000 
_pdbx_struct_oper_list.matrix[3][2]         0.0000000000 
_pdbx_struct_oper_list.matrix[3][3]         1.0000000000 
_pdbx_struct_oper_list.vector[3]            0.0000000000 
# 
loop_
_struct_conf.conf_type_id 
_struct_conf.id 
_struct_conf.pdbx_PDB_helix_id 
_struct_conf.beg_label_comp_id 
_struct_conf.beg_label_asym_id 
_struct_conf.beg_label_seq_id 
_struct_conf.pdbx_beg_PDB_ins_code 
_struct_conf.end_label_comp_id 
_struct_conf.end_label_asym_id 
_struct_conf.end_label_seq_id 
_struct_conf.pdbx_end_PDB_ins_code 
_struct_conf.beg_auth_comp_id 
_struct_conf.beg_auth_asym_id 
_struct_conf.beg_auth_seq_id 
_struct_conf.end_auth_comp_id 
_struct_conf.end_auth_asym_id 
_struct_conf.end_auth_seq_id 
_struct_conf.pdbx_PDB_helix_class 
_struct_conf.details 
_struct_conf.pdbx_PDB_helix_length 
HELX_P HELX_P1 AA1 LYS A 5  ? ARG A 22  ? LYS A 1050 ARG A 1067 1 ? 18 
HELX_P HELX_P2 AA2 SER A 27 ? ARG A 31  ? SER A 1072 ARG A 1076 5 ? 5  
HELX_P HELX_P3 AA3 ASP A 35 ? GLY A 40  ? ASP A 1080 GLY A 1085 1 ? 6  
HELX_P HELX_P4 AA4 ASP A 43 ? VAL A 48  ? ASP A 1088 VAL A 1093 1 ? 6  
HELX_P HELX_P5 AA5 ASP A 53 ? THR A 63  ? ASP A 1098 THR A 1108 1 ? 11 
HELX_P HELX_P6 AA6 GLU A 68 ? ASN A 87  ? GLU A 1113 ASN A 1132 1 ? 20 
HELX_P HELX_P7 AA7 SER A 91 ? GLY A 116 ? SER A 1136 GLY A 1161 1 ? 26 
# 
_struct_conf_type.id          HELX_P 
_struct_conf_type.criteria    ? 
_struct_conf_type.reference   ? 
# 
_struct_mon_prot_cis.pdbx_id                1 
_struct_mon_prot_cis.label_comp_id          ASP 
_struct_mon_prot_cis.label_seq_id           24 
_struct_mon_prot_cis.label_asym_id          A 
_struct_mon_prot_cis.label_alt_id           . 
_struct_mon_prot_cis.pdbx_PDB_ins_code      ? 
_struct_mon_prot_cis.auth_comp_id           ASP 
_struct_mon_prot_cis.auth_seq_id            1069 
_struct_mon_prot_cis.auth_asym_id           A 
_struct_mon_prot_cis.pdbx_label_comp_id_2   PRO 
_struct_mon_prot_cis.pdbx_label_seq_id_2    25 
_struct_mon_prot_cis.pdbx_label_asym_id_2   A 
_struct_mon_prot_cis.pdbx_PDB_ins_code_2    ? 
_struct_mon_prot_cis.pdbx_auth_comp_id_2    PRO 
_struct_mon_prot_cis.pdbx_auth_seq_id_2     1070 
_struct_mon_prot_cis.pdbx_auth_asym_id_2    A 
_struct_mon_prot_cis.pdbx_PDB_model_num     1 
_struct_mon_prot_cis.pdbx_omega_angle       16.41 
# 
loop_
_struct_site.id 
_struct_site.pdbx_evidence_code 
_struct_site.pdbx_auth_asym_id 
_struct_site.pdbx_auth_comp_id 
_struct_site.pdbx_auth_seq_id 
_struct_site.pdbx_auth_ins_code 
_struct_site.pdbx_num_residues 
_struct_site.details 
AC1 Software A 2LO 1201 ? 17 'binding site for residue 2LO A 1201' 
AC2 Software A IPA 1202 ? 5  'binding site for residue IPA A 1202' 
# 
loop_
_struct_site_gen.id 
_struct_site_gen.site_id 
_struct_site_gen.pdbx_num_res 
_struct_site_gen.label_comp_id 
_struct_site_gen.label_asym_id 
_struct_site_gen.label_seq_id 
_struct_site_gen.pdbx_auth_ins_code 
_struct_site_gen.auth_comp_id 
_struct_site_gen.auth_asym_id 
_struct_site_gen.auth_seq_id 
_struct_site_gen.label_atom_id 
_struct_site_gen.label_alt_id 
_struct_site_gen.symmetry 
_struct_site_gen.details 
1  AC1 17 PRO A 25  ? PRO A 1070 . ? 1_555 ? 
2  AC1 17 PRO A 29  ? PRO A 1074 . ? 1_555 ? 
3  AC1 17 GLN A 32  ? GLN A 1077 . ? 1_555 ? 
4  AC1 17 LEU A 39  ? LEU A 1084 . ? 1_555 ? 
5  AC1 17 ILE A 41  ? ILE A 1086 . ? 1_555 ? 
6  AC1 17 GLU A 68  ? GLU A 1113 . ? 5_554 ? 
7  AC1 17 TRP A 70  ? TRP A 1115 . ? 5_554 ? 
8  AC1 17 ASP A 74  ? ASP A 1119 . ? 5_554 ? 
9  AC1 17 ASN A 87  ? ASN A 1132 . ? 1_555 ? 
10 AC1 17 ARG A 92  ? ARG A 1137 . ? 1_555 ? 
11 AC1 17 VAL A 93  ? VAL A 1138 . ? 1_555 ? 
12 AC1 17 TYR A 96  ? TYR A 1141 . ? 1_555 ? 
13 AC1 17 IPA C .   ? IPA A 1202 . ? 5_554 ? 
14 AC1 17 HOH D .   ? HOH A 1306 . ? 1_555 ? 
15 AC1 17 HOH D .   ? HOH A 1398 . ? 1_555 ? 
16 AC1 17 HOH D .   ? HOH A 1409 . ? 1_555 ? 
17 AC1 17 HOH D .   ? HOH A 1421 . ? 1_555 ? 
18 AC2 5  TRP A 77  ? TRP A 1122 . ? 1_555 ? 
19 AC2 5  ARG A 92  ? ARG A 1137 . ? 6_555 ? 
20 AC2 5  GLU A 105 ? GLU A 1150 . ? 1_555 ? 
21 AC2 5  2LO B .   ? 2LO A 1201 . ? 6_555 ? 
22 AC2 5  HOH D .   ? HOH A 1405 . ? 1_555 ? 
# 
_pdbx_SG_project.id                    1 
_pdbx_SG_project.project_name          ? 
_pdbx_SG_project.full_name_of_center   'Structural Genomics Consortium' 
_pdbx_SG_project.initial_of_center     SGC 
# 
_pdbx_distant_solvent_atoms.id                                1 
_pdbx_distant_solvent_atoms.PDB_model_num                     1 
_pdbx_distant_solvent_atoms.auth_atom_id                      O 
_pdbx_distant_solvent_atoms.label_alt_id                      ? 
_pdbx_distant_solvent_atoms.auth_asym_id                      A 
_pdbx_distant_solvent_atoms.auth_comp_id                      HOH 
_pdbx_distant_solvent_atoms.auth_seq_id                       1489 
_pdbx_distant_solvent_atoms.PDB_ins_code                      ? 
_pdbx_distant_solvent_atoms.neighbor_macromolecule_distance   . 
_pdbx_distant_solvent_atoms.neighbor_ligand_distance          6.61 
# 
loop_
_pdbx_unobs_or_zero_occ_residues.id 
_pdbx_unobs_or_zero_occ_residues.PDB_model_num 
_pdbx_unobs_or_zero_occ_residues.polymer_flag 
_pdbx_unobs_or_zero_occ_residues.occupancy_flag 
_pdbx_unobs_or_zero_occ_residues.auth_asym_id 
_pdbx_unobs_or_zero_occ_residues.auth_comp_id 
_pdbx_unobs_or_zero_occ_residues.auth_seq_id 
_pdbx_unobs_or_zero_occ_residues.PDB_ins_code 
_pdbx_unobs_or_zero_occ_residues.label_asym_id 
_pdbx_unobs_or_zero_occ_residues.label_comp_id 
_pdbx_unobs_or_zero_occ_residues.label_seq_id 
1 1 Y 1 A SER 1046 ? A SER 1 
2 1 Y 1 A MET 1047 ? A MET 2 
# 
loop_
_chem_comp_atom.comp_id 
_chem_comp_atom.atom_id 
_chem_comp_atom.type_symbol 
_chem_comp_atom.pdbx_aromatic_flag 
_chem_comp_atom.pdbx_stereo_config 
_chem_comp_atom.pdbx_ordinal 
2LO CL   CL N N 1   
2LO C16  C  Y N 2   
2LO C15  C  Y N 3   
2LO O    O  N N 4   
2LO C18  C  N N 5   
2LO C14  C  Y N 6   
2LO C13  C  Y N 7   
2LO C17  C  Y N 8   
2LO C12  C  Y N 9   
2LO C11  C  N N 10  
2LO C10  C  N N 11  
2LO C9   C  Y N 12  
2LO N1   N  Y N 13  
2LO C19  C  N N 14  
2LO C20  C  N S 15  
2LO N2   N  N N 16  
2LO C25  C  N N 17  
2LO C24  C  N N 18  
2LO O1   O  N N 19  
2LO C23  C  N N 20  
2LO C22  C  N N 21  
2LO C21  C  N N 22  
2LO C6   C  Y N 23  
2LO C5   C  Y N 24  
2LO C4   C  Y N 25  
2LO N    N  Y N 26  
2LO C7   C  Y N 27  
2LO C8   C  Y N 28  
2LO C3   C  Y N 29  
2LO C2   C  Y N 30  
2LO C26  C  Y N 31  
2LO C27  C  N N 32  
2LO O2   O  Y N 33  
2LO N3   N  Y N 34  
2LO C1   C  Y N 35  
2LO C    C  N N 36  
2LO H1   H  N N 37  
2LO H2   H  N N 38  
2LO H3   H  N N 39  
2LO H4   H  N N 40  
2LO H5   H  N N 41  
2LO H6   H  N N 42  
2LO H7   H  N N 43  
2LO H8   H  N N 44  
2LO H9   H  N N 45  
2LO H10  H  N N 46  
2LO H11  H  N N 47  
2LO H12  H  N N 48  
2LO H13  H  N N 49  
2LO H15  H  N N 50  
2LO H16  H  N N 51  
2LO H17  H  N N 52  
2LO H18  H  N N 53  
2LO H19  H  N N 54  
2LO H20  H  N N 55  
2LO H21  H  N N 56  
2LO H22  H  N N 57  
2LO H23  H  N N 58  
2LO H24  H  N N 59  
2LO H25  H  N N 60  
2LO H26  H  N N 61  
2LO H27  H  N N 62  
2LO H28  H  N N 63  
2LO H29  H  N N 64  
2LO H30  H  N N 65  
2LO H31  H  N N 66  
2LO H32  H  N N 67  
2LO H33  H  N N 68  
2LO H34  H  N N 69  
ALA N    N  N N 70  
ALA CA   C  N S 71  
ALA C    C  N N 72  
ALA O    O  N N 73  
ALA CB   C  N N 74  
ALA OXT  O  N N 75  
ALA H    H  N N 76  
ALA H2   H  N N 77  
ALA HA   H  N N 78  
ALA HB1  H  N N 79  
ALA HB2  H  N N 80  
ALA HB3  H  N N 81  
ALA HXT  H  N N 82  
ARG N    N  N N 83  
ARG CA   C  N S 84  
ARG C    C  N N 85  
ARG O    O  N N 86  
ARG CB   C  N N 87  
ARG CG   C  N N 88  
ARG CD   C  N N 89  
ARG NE   N  N N 90  
ARG CZ   C  N N 91  
ARG NH1  N  N N 92  
ARG NH2  N  N N 93  
ARG OXT  O  N N 94  
ARG H    H  N N 95  
ARG H2   H  N N 96  
ARG HA   H  N N 97  
ARG HB2  H  N N 98  
ARG HB3  H  N N 99  
ARG HG2  H  N N 100 
ARG HG3  H  N N 101 
ARG HD2  H  N N 102 
ARG HD3  H  N N 103 
ARG HE   H  N N 104 
ARG HH11 H  N N 105 
ARG HH12 H  N N 106 
ARG HH21 H  N N 107 
ARG HH22 H  N N 108 
ARG HXT  H  N N 109 
ASN N    N  N N 110 
ASN CA   C  N S 111 
ASN C    C  N N 112 
ASN O    O  N N 113 
ASN CB   C  N N 114 
ASN CG   C  N N 115 
ASN OD1  O  N N 116 
ASN ND2  N  N N 117 
ASN OXT  O  N N 118 
ASN H    H  N N 119 
ASN H2   H  N N 120 
ASN HA   H  N N 121 
ASN HB2  H  N N 122 
ASN HB3  H  N N 123 
ASN HD21 H  N N 124 
ASN HD22 H  N N 125 
ASN HXT  H  N N 126 
ASP N    N  N N 127 
ASP CA   C  N S 128 
ASP C    C  N N 129 
ASP O    O  N N 130 
ASP CB   C  N N 131 
ASP CG   C  N N 132 
ASP OD1  O  N N 133 
ASP OD2  O  N N 134 
ASP OXT  O  N N 135 
ASP H    H  N N 136 
ASP H2   H  N N 137 
ASP HA   H  N N 138 
ASP HB2  H  N N 139 
ASP HB3  H  N N 140 
ASP HD2  H  N N 141 
ASP HXT  H  N N 142 
CYS N    N  N N 143 
CYS CA   C  N R 144 
CYS C    C  N N 145 
CYS O    O  N N 146 
CYS CB   C  N N 147 
CYS SG   S  N N 148 
CYS OXT  O  N N 149 
CYS H    H  N N 150 
CYS H2   H  N N 151 
CYS HA   H  N N 152 
CYS HB2  H  N N 153 
CYS HB3  H  N N 154 
CYS HG   H  N N 155 
CYS HXT  H  N N 156 
GLN N    N  N N 157 
GLN CA   C  N S 158 
GLN C    C  N N 159 
GLN O    O  N N 160 
GLN CB   C  N N 161 
GLN CG   C  N N 162 
GLN CD   C  N N 163 
GLN OE1  O  N N 164 
GLN NE2  N  N N 165 
GLN OXT  O  N N 166 
GLN H    H  N N 167 
GLN H2   H  N N 168 
GLN HA   H  N N 169 
GLN HB2  H  N N 170 
GLN HB3  H  N N 171 
GLN HG2  H  N N 172 
GLN HG3  H  N N 173 
GLN HE21 H  N N 174 
GLN HE22 H  N N 175 
GLN HXT  H  N N 176 
GLU N    N  N N 177 
GLU CA   C  N S 178 
GLU C    C  N N 179 
GLU O    O  N N 180 
GLU CB   C  N N 181 
GLU CG   C  N N 182 
GLU CD   C  N N 183 
GLU OE1  O  N N 184 
GLU OE2  O  N N 185 
GLU OXT  O  N N 186 
GLU H    H  N N 187 
GLU H2   H  N N 188 
GLU HA   H  N N 189 
GLU HB2  H  N N 190 
GLU HB3  H  N N 191 
GLU HG2  H  N N 192 
GLU HG3  H  N N 193 
GLU HE2  H  N N 194 
GLU HXT  H  N N 195 
GLY N    N  N N 196 
GLY CA   C  N N 197 
GLY C    C  N N 198 
GLY O    O  N N 199 
GLY OXT  O  N N 200 
GLY H    H  N N 201 
GLY H2   H  N N 202 
GLY HA2  H  N N 203 
GLY HA3  H  N N 204 
GLY HXT  H  N N 205 
HOH O    O  N N 206 
HOH H1   H  N N 207 
HOH H2   H  N N 208 
ILE N    N  N N 209 
ILE CA   C  N S 210 
ILE C    C  N N 211 
ILE O    O  N N 212 
ILE CB   C  N S 213 
ILE CG1  C  N N 214 
ILE CG2  C  N N 215 
ILE CD1  C  N N 216 
ILE OXT  O  N N 217 
ILE H    H  N N 218 
ILE H2   H  N N 219 
ILE HA   H  N N 220 
ILE HB   H  N N 221 
ILE HG12 H  N N 222 
ILE HG13 H  N N 223 
ILE HG21 H  N N 224 
ILE HG22 H  N N 225 
ILE HG23 H  N N 226 
ILE HD11 H  N N 227 
ILE HD12 H  N N 228 
ILE HD13 H  N N 229 
ILE HXT  H  N N 230 
IPA C1   C  N N 231 
IPA C2   C  N N 232 
IPA C3   C  N N 233 
IPA O2   O  N N 234 
IPA H11  H  N N 235 
IPA H12  H  N N 236 
IPA H13  H  N N 237 
IPA H2   H  N N 238 
IPA H31  H  N N 239 
IPA H32  H  N N 240 
IPA H33  H  N N 241 
IPA HO2  H  N N 242 
LEU N    N  N N 243 
LEU CA   C  N S 244 
LEU C    C  N N 245 
LEU O    O  N N 246 
LEU CB   C  N N 247 
LEU CG   C  N N 248 
LEU CD1  C  N N 249 
LEU CD2  C  N N 250 
LEU OXT  O  N N 251 
LEU H    H  N N 252 
LEU H2   H  N N 253 
LEU HA   H  N N 254 
LEU HB2  H  N N 255 
LEU HB3  H  N N 256 
LEU HG   H  N N 257 
LEU HD11 H  N N 258 
LEU HD12 H  N N 259 
LEU HD13 H  N N 260 
LEU HD21 H  N N 261 
LEU HD22 H  N N 262 
LEU HD23 H  N N 263 
LEU HXT  H  N N 264 
LYS N    N  N N 265 
LYS CA   C  N S 266 
LYS C    C  N N 267 
LYS O    O  N N 268 
LYS CB   C  N N 269 
LYS CG   C  N N 270 
LYS CD   C  N N 271 
LYS CE   C  N N 272 
LYS NZ   N  N N 273 
LYS OXT  O  N N 274 
LYS H    H  N N 275 
LYS H2   H  N N 276 
LYS HA   H  N N 277 
LYS HB2  H  N N 278 
LYS HB3  H  N N 279 
LYS HG2  H  N N 280 
LYS HG3  H  N N 281 
LYS HD2  H  N N 282 
LYS HD3  H  N N 283 
LYS HE2  H  N N 284 
LYS HE3  H  N N 285 
LYS HZ1  H  N N 286 
LYS HZ2  H  N N 287 
LYS HZ3  H  N N 288 
LYS HXT  H  N N 289 
MET N    N  N N 290 
MET CA   C  N S 291 
MET C    C  N N 292 
MET O    O  N N 293 
MET CB   C  N N 294 
MET CG   C  N N 295 
MET SD   S  N N 296 
MET CE   C  N N 297 
MET OXT  O  N N 298 
MET H    H  N N 299 
MET H2   H  N N 300 
MET HA   H  N N 301 
MET HB2  H  N N 302 
MET HB3  H  N N 303 
MET HG2  H  N N 304 
MET HG3  H  N N 305 
MET HE1  H  N N 306 
MET HE2  H  N N 307 
MET HE3  H  N N 308 
MET HXT  H  N N 309 
PHE N    N  N N 310 
PHE CA   C  N S 311 
PHE C    C  N N 312 
PHE O    O  N N 313 
PHE CB   C  N N 314 
PHE CG   C  Y N 315 
PHE CD1  C  Y N 316 
PHE CD2  C  Y N 317 
PHE CE1  C  Y N 318 
PHE CE2  C  Y N 319 
PHE CZ   C  Y N 320 
PHE OXT  O  N N 321 
PHE H    H  N N 322 
PHE H2   H  N N 323 
PHE HA   H  N N 324 
PHE HB2  H  N N 325 
PHE HB3  H  N N 326 
PHE HD1  H  N N 327 
PHE HD2  H  N N 328 
PHE HE1  H  N N 329 
PHE HE2  H  N N 330 
PHE HZ   H  N N 331 
PHE HXT  H  N N 332 
PRO N    N  N N 333 
PRO CA   C  N S 334 
PRO C    C  N N 335 
PRO O    O  N N 336 
PRO CB   C  N N 337 
PRO CG   C  N N 338 
PRO CD   C  N N 339 
PRO OXT  O  N N 340 
PRO H    H  N N 341 
PRO HA   H  N N 342 
PRO HB2  H  N N 343 
PRO HB3  H  N N 344 
PRO HG2  H  N N 345 
PRO HG3  H  N N 346 
PRO HD2  H  N N 347 
PRO HD3  H  N N 348 
PRO HXT  H  N N 349 
SER N    N  N N 350 
SER CA   C  N S 351 
SER C    C  N N 352 
SER O    O  N N 353 
SER CB   C  N N 354 
SER OG   O  N N 355 
SER OXT  O  N N 356 
SER H    H  N N 357 
SER H2   H  N N 358 
SER HA   H  N N 359 
SER HB2  H  N N 360 
SER HB3  H  N N 361 
SER HG   H  N N 362 
SER HXT  H  N N 363 
THR N    N  N N 364 
THR CA   C  N S 365 
THR C    C  N N 366 
THR O    O  N N 367 
THR CB   C  N R 368 
THR OG1  O  N N 369 
THR CG2  C  N N 370 
THR OXT  O  N N 371 
THR H    H  N N 372 
THR H2   H  N N 373 
THR HA   H  N N 374 
THR HB   H  N N 375 
THR HG1  H  N N 376 
THR HG21 H  N N 377 
THR HG22 H  N N 378 
THR HG23 H  N N 379 
THR HXT  H  N N 380 
TRP N    N  N N 381 
TRP CA   C  N S 382 
TRP C    C  N N 383 
TRP O    O  N N 384 
TRP CB   C  N N 385 
TRP CG   C  Y N 386 
TRP CD1  C  Y N 387 
TRP CD2  C  Y N 388 
TRP NE1  N  Y N 389 
TRP CE2  C  Y N 390 
TRP CE3  C  Y N 391 
TRP CZ2  C  Y N 392 
TRP CZ3  C  Y N 393 
TRP CH2  C  Y N 394 
TRP OXT  O  N N 395 
TRP H    H  N N 396 
TRP H2   H  N N 397 
TRP HA   H  N N 398 
TRP HB2  H  N N 399 
TRP HB3  H  N N 400 
TRP HD1  H  N N 401 
TRP HE1  H  N N 402 
TRP HE3  H  N N 403 
TRP HZ2  H  N N 404 
TRP HZ3  H  N N 405 
TRP HH2  H  N N 406 
TRP HXT  H  N N 407 
TYR N    N  N N 408 
TYR CA   C  N S 409 
TYR C    C  N N 410 
TYR O    O  N N 411 
TYR CB   C  N N 412 
TYR CG   C  Y N 413 
TYR CD1  C  Y N 414 
TYR CD2  C  Y N 415 
TYR CE1  C  Y N 416 
TYR CE2  C  Y N 417 
TYR CZ   C  Y N 418 
TYR OH   O  N N 419 
TYR OXT  O  N N 420 
TYR H    H  N N 421 
TYR H2   H  N N 422 
TYR HA   H  N N 423 
TYR HB2  H  N N 424 
TYR HB3  H  N N 425 
TYR HD1  H  N N 426 
TYR HD2  H  N N 427 
TYR HE1  H  N N 428 
TYR HE2  H  N N 429 
TYR HH   H  N N 430 
TYR HXT  H  N N 431 
VAL N    N  N N 432 
VAL CA   C  N S 433 
VAL C    C  N N 434 
VAL O    O  N N 435 
VAL CB   C  N N 436 
VAL CG1  C  N N 437 
VAL CG2  C  N N 438 
VAL OXT  O  N N 439 
VAL H    H  N N 440 
VAL H2   H  N N 441 
VAL HA   H  N N 442 
VAL HB   H  N N 443 
VAL HG11 H  N N 444 
VAL HG12 H  N N 445 
VAL HG13 H  N N 446 
VAL HG21 H  N N 447 
VAL HG22 H  N N 448 
VAL HG23 H  N N 449 
VAL HXT  H  N N 450 
# 
loop_
_chem_comp_bond.comp_id 
_chem_comp_bond.atom_id_1 
_chem_comp_bond.atom_id_2 
_chem_comp_bond.value_order 
_chem_comp_bond.pdbx_aromatic_flag 
_chem_comp_bond.pdbx_stereo_config 
_chem_comp_bond.pdbx_ordinal 
2LO C27 C26  sing N N 1   
2LO O2  C26  sing Y N 2   
2LO O2  N3   sing Y N 3   
2LO C26 C2   doub Y N 4   
2LO C11 C10  sing N N 5   
2LO C11 C12  sing N N 6   
2LO N   C7   sing Y N 7   
2LO N   C9   doub Y N 8   
2LO C8  C7   doub Y N 9   
2LO C8  C3   sing Y N 10  
2LO C10 C9   sing N N 11  
2LO N3  C1   doub Y N 12  
2LO C2  C3   sing N N 13  
2LO C2  C1   sing Y N 14  
2LO C7  C6   sing Y N 15  
2LO C9  N1   sing Y N 16  
2LO C12 C17  doub Y N 17  
2LO C12 C13  sing Y N 18  
2LO C17 C16  sing Y N 19  
2LO C3  C4   doub Y N 20  
2LO C1  C    sing N N 21  
2LO C6  N1   sing Y N 22  
2LO C6  C5   doub Y N 23  
2LO N1  C19  sing N N 24  
2LO C13 C14  doub Y N 25  
2LO C16 CL   sing N N 26  
2LO C16 C15  doub Y N 27  
2LO C4  C5   sing Y N 28  
2LO C14 C15  sing Y N 29  
2LO C19 C20  sing N N 30  
2LO C15 O    sing N N 31  
2LO C20 C21  sing N N 32  
2LO C20 N2   sing N N 33  
2LO O   C18  sing N N 34  
2LO N2  C22  sing N N 35  
2LO N2  C25  sing N N 36  
2LO C22 C23  sing N N 37  
2LO C25 C24  sing N N 38  
2LO C23 O1   sing N N 39  
2LO C24 O1   sing N N 40  
2LO C18 H1   sing N N 41  
2LO C18 H2   sing N N 42  
2LO C18 H3   sing N N 43  
2LO C14 H4   sing N N 44  
2LO C13 H5   sing N N 45  
2LO C17 H6   sing N N 46  
2LO C11 H7   sing N N 47  
2LO C11 H8   sing N N 48  
2LO C10 H9   sing N N 49  
2LO C10 H10  sing N N 50  
2LO C19 H11  sing N N 51  
2LO C19 H12  sing N N 52  
2LO C20 H13  sing N N 53  
2LO C25 H15  sing N N 54  
2LO C25 H16  sing N N 55  
2LO C24 H17  sing N N 56  
2LO C24 H18  sing N N 57  
2LO C23 H19  sing N N 58  
2LO C23 H20  sing N N 59  
2LO C22 H21  sing N N 60  
2LO C22 H22  sing N N 61  
2LO C21 H23  sing N N 62  
2LO C21 H24  sing N N 63  
2LO C21 H25  sing N N 64  
2LO C5  H26  sing N N 65  
2LO C4  H27  sing N N 66  
2LO C8  H28  sing N N 67  
2LO C27 H29  sing N N 68  
2LO C27 H30  sing N N 69  
2LO C27 H31  sing N N 70  
2LO C   H32  sing N N 71  
2LO C   H33  sing N N 72  
2LO C   H34  sing N N 73  
ALA N   CA   sing N N 74  
ALA N   H    sing N N 75  
ALA N   H2   sing N N 76  
ALA CA  C    sing N N 77  
ALA CA  CB   sing N N 78  
ALA CA  HA   sing N N 79  
ALA C   O    doub N N 80  
ALA C   OXT  sing N N 81  
ALA CB  HB1  sing N N 82  
ALA CB  HB2  sing N N 83  
ALA CB  HB3  sing N N 84  
ALA OXT HXT  sing N N 85  
ARG N   CA   sing N N 86  
ARG N   H    sing N N 87  
ARG N   H2   sing N N 88  
ARG CA  C    sing N N 89  
ARG CA  CB   sing N N 90  
ARG CA  HA   sing N N 91  
ARG C   O    doub N N 92  
ARG C   OXT  sing N N 93  
ARG CB  CG   sing N N 94  
ARG CB  HB2  sing N N 95  
ARG CB  HB3  sing N N 96  
ARG CG  CD   sing N N 97  
ARG CG  HG2  sing N N 98  
ARG CG  HG3  sing N N 99  
ARG CD  NE   sing N N 100 
ARG CD  HD2  sing N N 101 
ARG CD  HD3  sing N N 102 
ARG NE  CZ   sing N N 103 
ARG NE  HE   sing N N 104 
ARG CZ  NH1  sing N N 105 
ARG CZ  NH2  doub N N 106 
ARG NH1 HH11 sing N N 107 
ARG NH1 HH12 sing N N 108 
ARG NH2 HH21 sing N N 109 
ARG NH2 HH22 sing N N 110 
ARG OXT HXT  sing N N 111 
ASN N   CA   sing N N 112 
ASN N   H    sing N N 113 
ASN N   H2   sing N N 114 
ASN CA  C    sing N N 115 
ASN CA  CB   sing N N 116 
ASN CA  HA   sing N N 117 
ASN C   O    doub N N 118 
ASN C   OXT  sing N N 119 
ASN CB  CG   sing N N 120 
ASN CB  HB2  sing N N 121 
ASN CB  HB3  sing N N 122 
ASN CG  OD1  doub N N 123 
ASN CG  ND2  sing N N 124 
ASN ND2 HD21 sing N N 125 
ASN ND2 HD22 sing N N 126 
ASN OXT HXT  sing N N 127 
ASP N   CA   sing N N 128 
ASP N   H    sing N N 129 
ASP N   H2   sing N N 130 
ASP CA  C    sing N N 131 
ASP CA  CB   sing N N 132 
ASP CA  HA   sing N N 133 
ASP C   O    doub N N 134 
ASP C   OXT  sing N N 135 
ASP CB  CG   sing N N 136 
ASP CB  HB2  sing N N 137 
ASP CB  HB3  sing N N 138 
ASP CG  OD1  doub N N 139 
ASP CG  OD2  sing N N 140 
ASP OD2 HD2  sing N N 141 
ASP OXT HXT  sing N N 142 
CYS N   CA   sing N N 143 
CYS N   H    sing N N 144 
CYS N   H2   sing N N 145 
CYS CA  C    sing N N 146 
CYS CA  CB   sing N N 147 
CYS CA  HA   sing N N 148 
CYS C   O    doub N N 149 
CYS C   OXT  sing N N 150 
CYS CB  SG   sing N N 151 
CYS CB  HB2  sing N N 152 
CYS CB  HB3  sing N N 153 
CYS SG  HG   sing N N 154 
CYS OXT HXT  sing N N 155 
GLN N   CA   sing N N 156 
GLN N   H    sing N N 157 
GLN N   H2   sing N N 158 
GLN CA  C    sing N N 159 
GLN CA  CB   sing N N 160 
GLN CA  HA   sing N N 161 
GLN C   O    doub N N 162 
GLN C   OXT  sing N N 163 
GLN CB  CG   sing N N 164 
GLN CB  HB2  sing N N 165 
GLN CB  HB3  sing N N 166 
GLN CG  CD   sing N N 167 
GLN CG  HG2  sing N N 168 
GLN CG  HG3  sing N N 169 
GLN CD  OE1  doub N N 170 
GLN CD  NE2  sing N N 171 
GLN NE2 HE21 sing N N 172 
GLN NE2 HE22 sing N N 173 
GLN OXT HXT  sing N N 174 
GLU N   CA   sing N N 175 
GLU N   H    sing N N 176 
GLU N   H2   sing N N 177 
GLU CA  C    sing N N 178 
GLU CA  CB   sing N N 179 
GLU CA  HA   sing N N 180 
GLU C   O    doub N N 181 
GLU C   OXT  sing N N 182 
GLU CB  CG   sing N N 183 
GLU CB  HB2  sing N N 184 
GLU CB  HB3  sing N N 185 
GLU CG  CD   sing N N 186 
GLU CG  HG2  sing N N 187 
GLU CG  HG3  sing N N 188 
GLU CD  OE1  doub N N 189 
GLU CD  OE2  sing N N 190 
GLU OE2 HE2  sing N N 191 
GLU OXT HXT  sing N N 192 
GLY N   CA   sing N N 193 
GLY N   H    sing N N 194 
GLY N   H2   sing N N 195 
GLY CA  C    sing N N 196 
GLY CA  HA2  sing N N 197 
GLY CA  HA3  sing N N 198 
GLY C   O    doub N N 199 
GLY C   OXT  sing N N 200 
GLY OXT HXT  sing N N 201 
HOH O   H1   sing N N 202 
HOH O   H2   sing N N 203 
ILE N   CA   sing N N 204 
ILE N   H    sing N N 205 
ILE N   H2   sing N N 206 
ILE CA  C    sing N N 207 
ILE CA  CB   sing N N 208 
ILE CA  HA   sing N N 209 
ILE C   O    doub N N 210 
ILE C   OXT  sing N N 211 
ILE CB  CG1  sing N N 212 
ILE CB  CG2  sing N N 213 
ILE CB  HB   sing N N 214 
ILE CG1 CD1  sing N N 215 
ILE CG1 HG12 sing N N 216 
ILE CG1 HG13 sing N N 217 
ILE CG2 HG21 sing N N 218 
ILE CG2 HG22 sing N N 219 
ILE CG2 HG23 sing N N 220 
ILE CD1 HD11 sing N N 221 
ILE CD1 HD12 sing N N 222 
ILE CD1 HD13 sing N N 223 
ILE OXT HXT  sing N N 224 
IPA C1  C2   sing N N 225 
IPA C1  H11  sing N N 226 
IPA C1  H12  sing N N 227 
IPA C1  H13  sing N N 228 
IPA C2  C3   sing N N 229 
IPA C2  O2   sing N N 230 
IPA C2  H2   sing N N 231 
IPA C3  H31  sing N N 232 
IPA C3  H32  sing N N 233 
IPA C3  H33  sing N N 234 
IPA O2  HO2  sing N N 235 
LEU N   CA   sing N N 236 
LEU N   H    sing N N 237 
LEU N   H2   sing N N 238 
LEU CA  C    sing N N 239 
LEU CA  CB   sing N N 240 
LEU CA  HA   sing N N 241 
LEU C   O    doub N N 242 
LEU C   OXT  sing N N 243 
LEU CB  CG   sing N N 244 
LEU CB  HB2  sing N N 245 
LEU CB  HB3  sing N N 246 
LEU CG  CD1  sing N N 247 
LEU CG  CD2  sing N N 248 
LEU CG  HG   sing N N 249 
LEU CD1 HD11 sing N N 250 
LEU CD1 HD12 sing N N 251 
LEU CD1 HD13 sing N N 252 
LEU CD2 HD21 sing N N 253 
LEU CD2 HD22 sing N N 254 
LEU CD2 HD23 sing N N 255 
LEU OXT HXT  sing N N 256 
LYS N   CA   sing N N 257 
LYS N   H    sing N N 258 
LYS N   H2   sing N N 259 
LYS CA  C    sing N N 260 
LYS CA  CB   sing N N 261 
LYS CA  HA   sing N N 262 
LYS C   O    doub N N 263 
LYS C   OXT  sing N N 264 
LYS CB  CG   sing N N 265 
LYS CB  HB2  sing N N 266 
LYS CB  HB3  sing N N 267 
LYS CG  CD   sing N N 268 
LYS CG  HG2  sing N N 269 
LYS CG  HG3  sing N N 270 
LYS CD  CE   sing N N 271 
LYS CD  HD2  sing N N 272 
LYS CD  HD3  sing N N 273 
LYS CE  NZ   sing N N 274 
LYS CE  HE2  sing N N 275 
LYS CE  HE3  sing N N 276 
LYS NZ  HZ1  sing N N 277 
LYS NZ  HZ2  sing N N 278 
LYS NZ  HZ3  sing N N 279 
LYS OXT HXT  sing N N 280 
MET N   CA   sing N N 281 
MET N   H    sing N N 282 
MET N   H2   sing N N 283 
MET CA  C    sing N N 284 
MET CA  CB   sing N N 285 
MET CA  HA   sing N N 286 
MET C   O    doub N N 287 
MET C   OXT  sing N N 288 
MET CB  CG   sing N N 289 
MET CB  HB2  sing N N 290 
MET CB  HB3  sing N N 291 
MET CG  SD   sing N N 292 
MET CG  HG2  sing N N 293 
MET CG  HG3  sing N N 294 
MET SD  CE   sing N N 295 
MET CE  HE1  sing N N 296 
MET CE  HE2  sing N N 297 
MET CE  HE3  sing N N 298 
MET OXT HXT  sing N N 299 
PHE N   CA   sing N N 300 
PHE N   H    sing N N 301 
PHE N   H2   sing N N 302 
PHE CA  C    sing N N 303 
PHE CA  CB   sing N N 304 
PHE CA  HA   sing N N 305 
PHE C   O    doub N N 306 
PHE C   OXT  sing N N 307 
PHE CB  CG   sing N N 308 
PHE CB  HB2  sing N N 309 
PHE CB  HB3  sing N N 310 
PHE CG  CD1  doub Y N 311 
PHE CG  CD2  sing Y N 312 
PHE CD1 CE1  sing Y N 313 
PHE CD1 HD1  sing N N 314 
PHE CD2 CE2  doub Y N 315 
PHE CD2 HD2  sing N N 316 
PHE CE1 CZ   doub Y N 317 
PHE CE1 HE1  sing N N 318 
PHE CE2 CZ   sing Y N 319 
PHE CE2 HE2  sing N N 320 
PHE CZ  HZ   sing N N 321 
PHE OXT HXT  sing N N 322 
PRO N   CA   sing N N 323 
PRO N   CD   sing N N 324 
PRO N   H    sing N N 325 
PRO CA  C    sing N N 326 
PRO CA  CB   sing N N 327 
PRO CA  HA   sing N N 328 
PRO C   O    doub N N 329 
PRO C   OXT  sing N N 330 
PRO CB  CG   sing N N 331 
PRO CB  HB2  sing N N 332 
PRO CB  HB3  sing N N 333 
PRO CG  CD   sing N N 334 
PRO CG  HG2  sing N N 335 
PRO CG  HG3  sing N N 336 
PRO CD  HD2  sing N N 337 
PRO CD  HD3  sing N N 338 
PRO OXT HXT  sing N N 339 
SER N   CA   sing N N 340 
SER N   H    sing N N 341 
SER N   H2   sing N N 342 
SER CA  C    sing N N 343 
SER CA  CB   sing N N 344 
SER CA  HA   sing N N 345 
SER C   O    doub N N 346 
SER C   OXT  sing N N 347 
SER CB  OG   sing N N 348 
SER CB  HB2  sing N N 349 
SER CB  HB3  sing N N 350 
SER OG  HG   sing N N 351 
SER OXT HXT  sing N N 352 
THR N   CA   sing N N 353 
THR N   H    sing N N 354 
THR N   H2   sing N N 355 
THR CA  C    sing N N 356 
THR CA  CB   sing N N 357 
THR CA  HA   sing N N 358 
THR C   O    doub N N 359 
THR C   OXT  sing N N 360 
THR CB  OG1  sing N N 361 
THR CB  CG2  sing N N 362 
THR CB  HB   sing N N 363 
THR OG1 HG1  sing N N 364 
THR CG2 HG21 sing N N 365 
THR CG2 HG22 sing N N 366 
THR CG2 HG23 sing N N 367 
THR OXT HXT  sing N N 368 
TRP N   CA   sing N N 369 
TRP N   H    sing N N 370 
TRP N   H2   sing N N 371 
TRP CA  C    sing N N 372 
TRP CA  CB   sing N N 373 
TRP CA  HA   sing N N 374 
TRP C   O    doub N N 375 
TRP C   OXT  sing N N 376 
TRP CB  CG   sing N N 377 
TRP CB  HB2  sing N N 378 
TRP CB  HB3  sing N N 379 
TRP CG  CD1  doub Y N 380 
TRP CG  CD2  sing Y N 381 
TRP CD1 NE1  sing Y N 382 
TRP CD1 HD1  sing N N 383 
TRP CD2 CE2  doub Y N 384 
TRP CD2 CE3  sing Y N 385 
TRP NE1 CE2  sing Y N 386 
TRP NE1 HE1  sing N N 387 
TRP CE2 CZ2  sing Y N 388 
TRP CE3 CZ3  doub Y N 389 
TRP CE3 HE3  sing N N 390 
TRP CZ2 CH2  doub Y N 391 
TRP CZ2 HZ2  sing N N 392 
TRP CZ3 CH2  sing Y N 393 
TRP CZ3 HZ3  sing N N 394 
TRP CH2 HH2  sing N N 395 
TRP OXT HXT  sing N N 396 
TYR N   CA   sing N N 397 
TYR N   H    sing N N 398 
TYR N   H2   sing N N 399 
TYR CA  C    sing N N 400 
TYR CA  CB   sing N N 401 
TYR CA  HA   sing N N 402 
TYR C   O    doub N N 403 
TYR C   OXT  sing N N 404 
TYR CB  CG   sing N N 405 
TYR CB  HB2  sing N N 406 
TYR CB  HB3  sing N N 407 
TYR CG  CD1  doub Y N 408 
TYR CG  CD2  sing Y N 409 
TYR CD1 CE1  sing Y N 410 
TYR CD1 HD1  sing N N 411 
TYR CD2 CE2  doub Y N 412 
TYR CD2 HD2  sing N N 413 
TYR CE1 CZ   doub Y N 414 
TYR CE1 HE1  sing N N 415 
TYR CE2 CZ   sing Y N 416 
TYR CE2 HE2  sing N N 417 
TYR CZ  OH   sing N N 418 
TYR OH  HH   sing N N 419 
TYR OXT HXT  sing N N 420 
VAL N   CA   sing N N 421 
VAL N   H    sing N N 422 
VAL N   H2   sing N N 423 
VAL CA  C    sing N N 424 
VAL CA  CB   sing N N 425 
VAL CA  HA   sing N N 426 
VAL C   O    doub N N 427 
VAL C   OXT  sing N N 428 
VAL CB  CG1  sing N N 429 
VAL CB  CG2  sing N N 430 
VAL CB  HB   sing N N 431 
VAL CG1 HG11 sing N N 432 
VAL CG1 HG12 sing N N 433 
VAL CG1 HG13 sing N N 434 
VAL CG2 HG21 sing N N 435 
VAL CG2 HG22 sing N N 436 
VAL CG2 HG23 sing N N 437 
VAL OXT HXT  sing N N 438 
# 
_pdbx_initial_refinement_model.id               1 
_pdbx_initial_refinement_model.entity_id_list   ? 
_pdbx_initial_refinement_model.type             'experimental model' 
_pdbx_initial_refinement_model.source_name      PDB 
_pdbx_initial_refinement_model.accession_code   3I3J 
_pdbx_initial_refinement_model.details          ? 
# 
_atom_sites.entry_id                    5BT3 
_atom_sites.fract_transf_matrix[1][1]   -0.00739777 
_atom_sites.fract_transf_matrix[1][2]   0.00147331 
_atom_sites.fract_transf_matrix[1][3]   0.02025242 
_atom_sites.fract_transf_matrix[2][1]   0.01340836 
_atom_sites.fract_transf_matrix[2][2]   -0.00313225 
_atom_sites.fract_transf_matrix[2][3]   0.01665654 
_atom_sites.fract_transf_matrix[3][1]   0.00282478 
_atom_sites.fract_transf_matrix[3][2]   0.01267560 
_atom_sites.fract_transf_matrix[3][3]   0.00010972 
_atom_sites.fract_transf_vector[1]      0.564696 
_atom_sites.fract_transf_vector[2]      0.347795 
_atom_sites.fract_transf_vector[3]      0.157313 
# 
loop_
_atom_type.symbol 
C  
CL 
N  
O  
S  
# 
loop_
_atom_site.group_PDB 
_atom_site.id 
_atom_site.type_symbol 
_atom_site.label_atom_id 
_atom_site.label_alt_id 
_atom_site.label_comp_id 
_atom_site.label_asym_id 
_atom_site.label_entity_id 
_atom_site.label_seq_id 
_atom_site.pdbx_PDB_ins_code 
_atom_site.Cartn_x 
_atom_site.Cartn_y 
_atom_site.Cartn_z 
_atom_site.occupancy 
_atom_site.B_iso_or_equiv 
_atom_site.pdbx_formal_charge 
_atom_site.auth_seq_id 
_atom_site.auth_comp_id 
_atom_site.auth_asym_id 
_atom_site.auth_atom_id 
_atom_site.pdbx_PDB_model_num 
ATOM   1    N  N   . ILE A 1 3   ? 17.040  2.923   15.906  1.00 22.36 ? 1048 ILE A N   1 
ATOM   2    C  CA  . ILE A 1 3   ? 16.123  1.890   16.475  1.00 21.88 ? 1048 ILE A CA  1 
ATOM   3    C  C   . ILE A 1 3   ? 14.693  2.421   16.589  1.00 20.29 ? 1048 ILE A C   1 
ATOM   4    O  O   . ILE A 1 3   ? 14.466  3.518   17.106  1.00 20.65 ? 1048 ILE A O   1 
ATOM   5    C  CB  . ILE A 1 3   ? 16.621  1.375   17.849  1.00 23.03 ? 1048 ILE A CB  1 
ATOM   6    C  CG1 . ILE A 1 3   ? 15.692  0.279   18.381  1.00 23.21 ? 1048 ILE A CG1 1 
ATOM   7    C  CG2 . ILE A 1 3   ? 16.753  2.515   18.856  1.00 23.41 ? 1048 ILE A CG2 1 
ATOM   8    C  CD1 . ILE A 1 3   ? 16.363  -0.651  19.367  1.00 23.59 ? 1048 ILE A CD1 1 
ATOM   9    N  N   . PHE A 1 4   ? 13.738  1.634   16.094  1.00 18.46 ? 1049 PHE A N   1 
ATOM   10   C  CA  . PHE A 1 4   ? 12.325  1.995   16.117  1.00 17.21 ? 1049 PHE A CA  1 
ATOM   11   C  C   . PHE A 1 4   ? 11.521  0.872   16.754  1.00 16.89 ? 1049 PHE A C   1 
ATOM   12   O  O   . PHE A 1 4   ? 11.557  -0.266  16.277  1.00 17.69 ? 1049 PHE A O   1 
ATOM   13   C  CB  . PHE A 1 4   ? 11.807  2.226   14.696  1.00 16.53 ? 1049 PHE A CB  1 
ATOM   14   C  CG  . PHE A 1 4   ? 12.516  3.323   13.957  1.00 16.09 ? 1049 PHE A CG  1 
ATOM   15   C  CD1 . PHE A 1 4   ? 12.096  4.641   14.076  1.00 16.18 ? 1049 PHE A CD1 1 
ATOM   16   C  CD2 . PHE A 1 4   ? 13.592  3.041   13.129  1.00 15.91 ? 1049 PHE A CD2 1 
ATOM   17   C  CE1 . PHE A 1 4   ? 12.740  5.651   13.385  1.00 16.45 ? 1049 PHE A CE1 1 
ATOM   18   C  CE2 . PHE A 1 4   ? 14.239  4.048   12.439  1.00 16.36 ? 1049 PHE A CE2 1 
ATOM   19   C  CZ  . PHE A 1 4   ? 13.813  5.354   12.566  1.00 16.47 ? 1049 PHE A CZ  1 
ATOM   20   N  N   . LYS A 1 5   ? 10.801  1.189   17.825  1.00 16.23 ? 1050 LYS A N   1 
ATOM   21   C  CA  . LYS A 1 5   ? 9.923   0.218   18.467  1.00 15.98 ? 1050 LYS A CA  1 
ATOM   22   C  C   . LYS A 1 5   ? 8.674   0.018   17.614  1.00 14.82 ? 1050 LYS A C   1 
ATOM   23   O  O   . LYS A 1 5   ? 8.183   0.973   17.001  1.00 13.85 ? 1050 LYS A O   1 
ATOM   24   C  CB  . LYS A 1 5   ? 9.509   0.687   19.863  1.00 17.17 ? 1050 LYS A CB  1 
ATOM   25   C  CG  . LYS A 1 5   ? 10.643  0.730   20.875  1.00 18.33 ? 1050 LYS A CG  1 
ATOM   26   C  CD  . LYS A 1 5   ? 10.136  1.128   22.252  1.00 19.51 ? 1050 LYS A CD  1 
ATOM   27   C  CE  . LYS A 1 5   ? 11.233  1.034   23.302  1.00 20.38 ? 1050 LYS A CE  1 
ATOM   28   N  NZ  . LYS A 1 5   ? 10.749  1.413   24.660  1.00 21.21 ? 1050 LYS A NZ  1 
ATOM   29   N  N   . PRO A 1 6   ? 8.142   -1.215  17.583  1.00 14.20 ? 1051 PRO A N   1 
ATOM   30   C  CA  . PRO A 1 6   ? 6.913   -1.459  16.834  1.00 13.74 ? 1051 PRO A CA  1 
ATOM   31   C  C   . PRO A 1 6   ? 5.758   -0.518  17.174  1.00 13.31 ? 1051 PRO A C   1 
ATOM   32   O  O   . PRO A 1 6   ? 5.051   -0.084  16.262  1.00 12.02 ? 1051 PRO A O   1 
ATOM   33   C  CB  . PRO A 1 6   ? 6.560   -2.901  17.212  1.00 14.16 ? 1051 PRO A CB  1 
ATOM   34   C  CG  . PRO A 1 6   ? 7.878   -3.541  17.469  1.00 14.58 ? 1051 PRO A CG  1 
ATOM   35   C  CD  . PRO A 1 6   ? 8.736   -2.471  18.082  1.00 14.56 ? 1051 PRO A CD  1 
ATOM   36   N  N   . GLU A 1 7   ? 5.559   -0.188  18.449  1.00 13.61 ? 1052 GLU A N   1 
ATOM   37   C  CA  . GLU A 1 7   ? 4.450   0.707   18.797  1.00 14.28 ? 1052 GLU A CA  1 
ATOM   38   C  C   . GLU A 1 7   ? 4.688   2.135   18.300  1.00 13.62 ? 1052 GLU A C   1 
ATOM   39   O  O   . GLU A 1 7   ? 3.740   2.808   17.886  1.00 13.35 ? 1052 GLU A O   1 
ATOM   40   C  CB  . GLU A 1 7   ? 4.160   0.695   20.303  1.00 15.60 ? 1052 GLU A CB  1 
ATOM   41   C  CG  . GLU A 1 7   ? 3.029   1.628   20.747  1.00 16.80 ? 1052 GLU A CG  1 
ATOM   42   C  CD  . GLU A 1 7   ? 1.682   1.338   20.093  1.00 17.98 ? 1052 GLU A CD  1 
ATOM   43   O  OE1 . GLU A 1 7   ? 1.442   0.196   19.645  1.00 19.79 ? 1052 GLU A OE1 1 
ATOM   44   O  OE2 . GLU A 1 7   ? 0.843   2.264   20.037  1.00 19.12 ? 1052 GLU A OE2 1 
ATOM   45   N  N   . GLU A 1 8   ? 5.938   2.589   18.330  1.00 13.16 ? 1053 GLU A N   1 
ATOM   46   C  CA  . GLU A 1 8   ? 6.288   3.897   17.783  1.00 12.77 ? 1053 GLU A CA  1 
ATOM   47   C  C   . GLU A 1 8   ? 5.980   3.956   16.292  1.00 11.21 ? 1053 GLU A C   1 
ATOM   48   O  O   . GLU A 1 8   ? 5.440   4.945   15.797  1.00 10.81 ? 1053 GLU A O   1 
ATOM   49   C  CB  . GLU A 1 8   ? 7.769   4.196   18.008  1.00 14.17 ? 1053 GLU A CB  1 
ATOM   50   C  CG  . GLU A 1 8   ? 8.138   4.454   19.461  1.00 15.80 ? 1053 GLU A CG  1 
ATOM   51   C  CD  . GLU A 1 8   ? 9.638   4.466   19.711  1.00 17.33 ? 1053 GLU A CD  1 
ATOM   52   O  OE1 . GLU A 1 8   ? 10.424  4.134   18.793  1.00 18.62 ? 1053 GLU A OE1 1 
ATOM   53   O  OE2 . GLU A 1 8   ? 10.035  4.809   20.844  1.00 19.28 ? 1053 GLU A OE2 1 
ATOM   54   N  N   . LEU A 1 9   ? 6.326   2.893   15.574  1.00 10.17 ? 1054 LEU A N   1 
ATOM   55   C  CA  . LEU A 1 9   ? 6.038   2.834   14.143  1.00 9.69  ? 1054 LEU A CA  1 
ATOM   56   C  C   . LEU A 1 9   ? 4.538   2.786   13.884  1.00 9.65  ? 1054 LEU A C   1 
ATOM   57   O  O   . LEU A 1 9   ? 4.044   3.445   12.974  1.00 9.11  ? 1054 LEU A O   1 
ATOM   58   C  CB  . LEU A 1 9   ? 6.726   1.643   13.481  1.00 9.97  ? 1054 LEU A CB  1 
ATOM   59   C  CG  . LEU A 1 9   ? 8.250   1.709   13.423  1.00 10.36 ? 1054 LEU A CG  1 
ATOM   60   C  CD1 . LEU A 1 9   ? 8.799   0.408   12.861  1.00 10.90 ? 1054 LEU A CD1 1 
ATOM   61   C  CD2 . LEU A 1 9   ? 8.726   2.899   12.606  1.00 10.87 ? 1054 LEU A CD2 1 
ATOM   62   N  N   . ARG A 1 10  ? 3.817   2.016   14.689  1.00 10.50 ? 1055 ARG A N   1 
ATOM   63   C  CA  . ARG A 1 10  ? 2.376   1.895   14.521  1.00 11.64 ? 1055 ARG A CA  1 
ATOM   64   C  C   . ARG A 1 10  ? 1.716   3.252   14.757  1.00 11.25 ? 1055 ARG A C   1 
ATOM   65   O  O   . ARG A 1 10  ? 0.897   3.694   13.947  1.00 10.95 ? 1055 ARG A O   1 
ATOM   66   C  CB  . ARG A 1 10  ? 1.837   0.832   15.478  1.00 13.47 ? 1055 ARG A CB  1 
ATOM   67   C  CG  . ARG A 1 10  ? 0.499   0.227   15.117  1.00 15.13 ? 1055 ARG A CG  1 
ATOM   68   C  CD  . ARG A 1 10  ? 0.346   -1.136  15.791  1.00 16.66 ? 1055 ARG A CD  1 
ATOM   69   N  NE  . ARG A 1 10  ? 1.018   -1.245  17.101  1.00 17.89 ? 1055 ARG A NE  1 
ATOM   70   C  CZ  . ARG A 1 10  ? 2.049   -2.050  17.398  1.00 18.65 ? 1055 ARG A CZ  1 
ATOM   71   N  NH1 . ARG A 1 10  ? 2.605   -2.863  16.491  1.00 19.01 ? 1055 ARG A NH1 1 
ATOM   72   N  NH2 . ARG A 1 10  ? 2.542   -2.047  18.635  1.00 19.28 ? 1055 ARG A NH2 1 
ATOM   73   N  N   . GLN A 1 11  ? 2.088   3.924   15.850  1.00 11.75 ? 1056 GLN A N   1 
ATOM   74   C  CA  . GLN A 1 11  ? 1.525   5.239   16.170  1.00 12.29 ? 1056 GLN A CA  1 
ATOM   75   C  C   . GLN A 1 11  ? 1.753   6.269   15.073  1.00 11.09 ? 1056 GLN A C   1 
ATOM   76   O  O   . GLN A 1 11  ? 0.842   7.028   14.748  1.00 11.03 ? 1056 GLN A O   1 
ATOM   77   C  CB  . GLN A 1 11  ? 2.101   5.767   17.485  1.00 14.16 ? 1056 GLN A CB  1 
ATOM   78   C  CG  . GLN A 1 11  ? 1.543   5.089   18.722  1.00 16.05 ? 1056 GLN A CG  1 
ATOM   79   C  CD  . GLN A 1 11  ? 2.406   5.297   19.956  1.00 17.89 ? 1056 GLN A CD  1 
ATOM   80   O  OE1 . GLN A 1 11  ? 3.406   6.018   19.919  1.00 19.67 ? 1056 GLN A OE1 1 
ATOM   81   N  NE2 . GLN A 1 11  ? 2.019   4.664   21.060  1.00 19.09 ? 1056 GLN A NE2 1 
ATOM   82   N  N   . ALA A 1 12  ? 2.966   6.294   14.519  1.00 9.79  ? 1057 ALA A N   1 
ATOM   83   C  CA  . ALA A 1 12  ? 3.337   7.279   13.504  1.00 9.18  ? 1057 ALA A CA  1 
ATOM   84   C  C   . ALA A 1 12  ? 2.755   6.945   12.139  1.00 8.47  ? 1057 ALA A C   1 
ATOM   85   O  O   . ALA A 1 12  ? 2.283   7.828   11.419  1.00 8.79  ? 1057 ALA A O   1 
ATOM   86   C  CB  . ALA A 1 12  ? 4.855   7.387   13.400  1.00 9.28  ? 1057 ALA A CB  1 
ATOM   87   N  N   . LEU A 1 13  ? 2.805   5.665   11.773  1.00 7.68  ? 1058 LEU A N   1 
ATOM   88   C  CA  . LEU A 1 13  ? 2.511   5.265   10.402  1.00 7.35  ? 1058 LEU A CA  1 
ATOM   89   C  C   . LEU A 1 13  ? 1.070   4.824   10.187  1.00 7.38  ? 1058 LEU A C   1 
ATOM   90   O  O   . LEU A 1 13  ? 0.549   4.960   9.069   1.00 7.25  ? 1058 LEU A O   1 
ATOM   91   C  CB  . LEU A 1 13  ? 3.463   4.157   9.948   1.00 7.08  ? 1058 LEU A CB  1 
ATOM   92   C  CG  . LEU A 1 13  ? 4.941   4.548   9.941   1.00 7.24  ? 1058 LEU A CG  1 
ATOM   93   C  CD1 . LEU A 1 13  ? 5.801   3.331   9.633   1.00 7.28  ? 1058 LEU A CD1 1 
ATOM   94   C  CD2 . LEU A 1 13  ? 5.202   5.680   8.962   1.00 7.44  ? 1058 LEU A CD2 1 
ATOM   95   N  N   . MET A 1 14  ? 0.403   4.295   11.210  1.00 7.84  ? 1059 MET A N   1 
ATOM   96   C  CA  . MET A 1 14  ? -0.961  3.813   10.989  1.00 8.58  ? 1059 MET A CA  1 
ATOM   97   C  C   . MET A 1 14  ? -1.893  4.912   10.471  1.00 8.08  ? 1059 MET A C   1 
ATOM   98   O  O   . MET A 1 14  ? -2.710  4.621   9.605   1.00 8.01  ? 1059 MET A O   1 
ATOM   99   C  CB  . MET A 1 14  ? -1.533  3.116   12.223  1.00 9.69  ? 1059 MET A CB  1 
ATOM   100  C  CG  . MET A 1 14  ? -2.856  2.393   11.975  1.00 10.87 ? 1059 MET A CG  1 
ATOM   101  S  SD  . MET A 1 14  ? -2.812  1.065   10.736  1.00 12.98 ? 1059 MET A SD  1 
ATOM   102  C  CE  . MET A 1 14  ? -2.073  -0.295  11.646  1.00 13.08 ? 1059 MET A CE  1 
ATOM   103  N  N   . PRO A 1 15  ? -1.767  6.167   10.953  1.00 8.06  ? 1060 PRO A N   1 
ATOM   104  C  CA  . PRO A 1 15  ? -2.655  7.185   10.377  1.00 7.84  ? 1060 PRO A CA  1 
ATOM   105  C  C   . PRO A 1 15  ? -2.472  7.356   8.871   1.00 7.13  ? 1060 PRO A C   1 
ATOM   106  O  O   . PRO A 1 15  ? -3.448  7.650   8.162   1.00 7.31  ? 1060 PRO A O   1 
ATOM   107  C  CB  . PRO A 1 15  ? -2.264  8.463   11.133  1.00 8.25  ? 1060 PRO A CB  1 
ATOM   108  C  CG  . PRO A 1 15  ? -1.753  7.966   12.448  1.00 8.41  ? 1060 PRO A CG  1 
ATOM   109  C  CD  . PRO A 1 15  ? -1.026  6.683   12.117  1.00 8.30  ? 1060 PRO A CD  1 
ATOM   110  N  N   . THR A 1 16  ? -1.247  7.164   8.381   1.00 6.51  ? 1061 THR A N   1 
ATOM   111  C  CA  . THR A 1 16  ? -1.009  7.302   6.947   1.00 6.24  ? 1061 THR A CA  1 
ATOM   112  C  C   . THR A 1 16  ? -1.670  6.183   6.147   1.00 6.02  ? 1061 THR A C   1 
ATOM   113  O  O   . THR A 1 16  ? -2.103  6.402   5.022   1.00 6.14  ? 1061 THR A O   1 
ATOM   114  C  CB  . THR A 1 16  ? 0.499   7.418   6.593   1.00 6.35  ? 1061 THR A CB  1 
ATOM   115  O  OG1 . THR A 1 16  ? 1.177   6.163   6.768   1.00 5.93  ? 1061 THR A OG1 1 
ATOM   116  C  CG2 . THR A 1 16  ? 1.168   8.507   7.422   1.00 6.57  ? 1061 THR A CG2 1 
ATOM   117  N  N   . LEU A 1 17  ? -1.754  4.997   6.742   1.00 5.94  ? 1062 LEU A N   1 
ATOM   118  C  CA  . LEU A 1 17  ? -2.409  3.858   6.105   1.00 6.19  ? 1062 LEU A CA  1 
ATOM   119  C  C   . LEU A 1 17  ? -3.928  4.027   6.154   1.00 6.31  ? 1062 LEU A C   1 
ATOM   120  O  O   . LEU A 1 17  ? -4.637  3.793   5.168   1.00 6.05  ? 1062 LEU A O   1 
ATOM   121  C  CB  . LEU A 1 17  ? -1.989  2.565   6.803   1.00 6.60  ? 1062 LEU A CB  1 
ATOM   122  C  CG  . LEU A 1 17  ? -2.480  1.279   6.147   1.00 7.16  ? 1062 LEU A CG  1 
ATOM   123  C  CD1 . LEU A 1 17  ? -1.897  1.108   4.755   1.00 7.46  ? 1062 LEU A CD1 1 
ATOM   124  C  CD2 . LEU A 1 17  ? -2.088  0.102   7.014   1.00 7.53  ? 1062 LEU A CD2 1 
ATOM   125  N  N   . GLU A 1 18  ? -4.432  4.432   7.316   1.00 7.02  ? 1063 GLU A N   1 
ATOM   126  C  CA  . GLU A 1 18  ? -5.866  4.670   7.464   1.00 7.97  ? 1063 GLU A CA  1 
ATOM   127  C  C   . GLU A 1 18  ? -6.379  5.727   6.496   1.00 7.31  ? 1063 GLU A C   1 
ATOM   128  O  O   . GLU A 1 18  ? -7.491  5.609   5.985   1.00 7.25  ? 1063 GLU A O   1 
ATOM   129  C  CB  . GLU A 1 18  ? -6.214  5.047   8.906   1.00 9.85  ? 1063 GLU A CB  1 
ATOM   130  C  CG  . GLU A 1 18  ? -6.027  3.913   9.901   1.00 12.29 ? 1063 GLU A CG  1 
ATOM   131  C  CD  . GLU A 1 18  ? -6.664  2.616   9.444   1.00 14.58 ? 1063 GLU A CD  1 
ATOM   132  O  OE1 . GLU A 1 18  ? -7.844  2.648   9.037   1.00 17.45 ? 1063 GLU A OE1 1 
ATOM   133  O  OE2 . GLU A 1 18  ? -5.983  1.569   9.476   1.00 17.83 ? 1063 GLU A OE2 1 
ATOM   134  N  N   . ALA A 1 19  ? -5.572  6.742   6.222   1.00 6.94  ? 1064 ALA A N   1 
ATOM   135  C  CA  . ALA A 1 19  ? -5.979  7.764   5.263   1.00 6.78  ? 1064 ALA A CA  1 
ATOM   136  C  C   . ALA A 1 19  ? -6.206  7.149   3.885   1.00 6.33  ? 1064 ALA A C   1 
ATOM   137  O  O   . ALA A 1 19  ? -7.074  7.605   3.139   1.00 6.91  ? 1064 ALA A O   1 
ATOM   138  C  CB  . ALA A 1 19  ? -4.946  8.875   5.191   1.00 7.03  ? 1064 ALA A CB  1 
ATOM   139  N  N   . LEU A 1 20  ? -5.434  6.122   3.522   1.00 5.72  ? 1065 LEU A N   1 
ATOM   140  C  CA  . LEU A 1 20  ? -5.664  5.456   2.244   1.00 5.59  ? 1065 LEU A CA  1 
ATOM   141  C  C   . LEU A 1 20  ? -6.975  4.670   2.271   1.00 5.69  ? 1065 LEU A C   1 
ATOM   142  O  O   . LEU A 1 20  ? -7.769  4.759   1.335   1.00 5.70  ? 1065 LEU A O   1 
ATOM   143  C  CB  . LEU A 1 20  ? -4.497  4.546   1.873   1.00 5.56  ? 1065 LEU A CB  1 
ATOM   144  C  CG  . LEU A 1 20  ? -3.134  5.231   1.767   1.00 5.79  ? 1065 LEU A CG  1 
ATOM   145  C  CD1 . LEU A 1 20  ? -2.068  4.234   1.349   1.00 5.88  ? 1065 LEU A CD1 1 
ATOM   146  C  CD2 . LEU A 1 20  ? -3.168  6.424   0.828   1.00 6.00  ? 1065 LEU A CD2 1 
ATOM   147  N  N   . TYR A 1 21  ? -7.209  3.914   3.339   1.00 5.96  ? 1066 TYR A N   1 
ATOM   148  C  CA  . TYR A 1 21  ? -8.476  3.193   3.483   1.00 6.30  ? 1066 TYR A CA  1 
ATOM   149  C  C   . TYR A 1 21  ? -9.685  4.118   3.379   1.00 6.73  ? 1066 TYR A C   1 
ATOM   150  O  O   . TYR A 1 21  ? -10.731 3.729   2.850   1.00 7.52  ? 1066 TYR A O   1 
ATOM   151  C  CB  . TYR A 1 21  ? -8.545  2.471   4.818   1.00 6.46  ? 1066 TYR A CB  1 
ATOM   152  C  CG  . TYR A 1 21  ? -7.934  1.090   4.856   1.00 6.39  ? 1066 TYR A CG  1 
ATOM   153  C  CD1 . TYR A 1 21  ? -8.713  -0.034  4.599   1.00 6.60  ? 1066 TYR A CD1 1 
ATOM   154  C  CD2 . TYR A 1 21  ? -6.602  0.892   5.213   1.00 6.48  ? 1066 TYR A CD2 1 
ATOM   155  C  CE1 . TYR A 1 21  ? -8.184  -1.313  4.682   1.00 6.74  ? 1066 TYR A CE1 1 
ATOM   156  C  CE2 . TYR A 1 21  ? -6.070  -0.378  5.308   1.00 6.55  ? 1066 TYR A CE2 1 
ATOM   157  C  CZ  . TYR A 1 21  ? -6.859  -1.476  5.042   1.00 6.62  ? 1066 TYR A CZ  1 
ATOM   158  O  OH  . TYR A 1 21  ? -6.314  -2.734  5.160   1.00 7.14  ? 1066 TYR A OH  1 
ATOM   159  N  N   . ARG A 1 22  ? -9.571  5.340   3.891   1.00 6.89  ? 1067 ARG A N   1 
ATOM   160  C  CA  . ARG A 1 22  ? -10.722 6.223   3.900   1.00 7.34  ? 1067 ARG A CA  1 
ATOM   161  C  C   . ARG A 1 22  ? -11.057 6.792   2.528   1.00 7.21  ? 1067 ARG A C   1 
ATOM   162  O  O   . ARG A 1 22  ? -12.140 7.364   2.357   1.00 8.05  ? 1067 ARG A O   1 
ATOM   163  C  CB  . ARG A 1 22  ? -10.567 7.317   4.942   1.00 8.40  ? 1067 ARG A CB  1 
ATOM   164  C  CG  . ARG A 1 22  ? -10.665 6.752   6.351   1.00 9.90  ? 1067 ARG A CG  1 
ATOM   165  C  CD  . ARG A 1 22  ? -10.617 7.810   7.440   1.00 11.56 ? 1067 ARG A CD  1 
ATOM   166  N  NE  . ARG A 1 22  ? -10.372 7.151   8.718   1.00 13.30 ? 1067 ARG A NE  1 
ATOM   167  C  CZ  . ARG A 1 22  ? -9.335  7.377   9.522   1.00 14.16 ? 1067 ARG A CZ  1 
ATOM   168  N  NH1 . ARG A 1 22  ? -8.420  8.289   9.218   1.00 14.70 ? 1067 ARG A NH1 1 
ATOM   169  N  NH2 . ARG A 1 22  ? -9.229  6.687   10.653  1.00 15.23 ? 1067 ARG A NH2 1 
ATOM   170  N  N   . GLN A 1 23  ? -10.176 6.615   1.541   1.00 6.96  ? 1068 GLN A N   1 
ATOM   171  C  CA  . GLN A 1 23  ? -10.511 6.985   0.176   1.00 7.41  ? 1068 GLN A CA  1 
ATOM   172  C  C   . GLN A 1 23  ? -11.435 5.914   -0.394  1.00 7.26  ? 1068 GLN A C   1 
ATOM   173  O  O   . GLN A 1 23  ? -11.032 4.758   -0.578  1.00 7.30  ? 1068 GLN A O   1 
ATOM   174  C  CB  . GLN A 1 23  ? -9.246  7.129   -0.666  1.00 8.18  ? 1068 GLN A CB  1 
ATOM   175  C  CG  . GLN A 1 23  ? -8.297  8.192   -0.119  1.00 9.41  ? 1068 GLN A CG  1 
ATOM   176  C  CD  . GLN A 1 23  ? -8.824  9.620   -0.304  1.00 10.88 ? 1068 GLN A CD  1 
ATOM   177  O  OE1 . GLN A 1 23  ? -9.223  9.995   -1.401  1.00 13.10 ? 1068 GLN A OE1 1 
ATOM   178  N  NE2 . GLN A 1 23  ? -8.800  10.420  0.757   1.00 12.09 ? 1068 GLN A NE2 1 
ATOM   179  N  N   . ASP A 1 24  ? -12.690 6.279   -0.630  1.00 7.69  ? 1069 ASP A N   1 
ATOM   180  C  CA  . ASP A 1 24  ? -13.719 5.331   -1.066  1.00 8.52  ? 1069 ASP A CA  1 
ATOM   181  C  C   . ASP A 1 24  ? -14.401 6.010   -2.251  1.00 8.19  ? 1069 ASP A C   1 
ATOM   182  O  O   . ASP A 1 24  ? -14.928 7.111   -2.075  1.00 9.22  ? 1069 ASP A O   1 
ATOM   183  C  CB  . ASP A 1 24  ? -14.685 5.112   0.111   1.00 9.78  ? 1069 ASP A CB  1 
ATOM   184  C  CG  . ASP A 1 24  ? -15.784 4.090   -0.170  1.00 10.77 ? 1069 ASP A CG  1 
ATOM   185  O  OD1 . ASP A 1 24  ? -16.081 3.820   -1.339  1.00 12.09 ? 1069 ASP A OD1 1 
ATOM   186  O  OD2 . ASP A 1 24  ? -16.371 3.575   0.812   1.00 12.26 ? 1069 ASP A OD2 1 
ATOM   187  N  N   . PRO A 1 25  ? -14.424 5.404   -3.440  1.00 7.74  ? 1070 PRO A N   1 
ATOM   188  C  CA  . PRO A 1 25  ? -14.153 3.982   -3.696  1.00 7.33  ? 1070 PRO A CA  1 
ATOM   189  C  C   . PRO A 1 25  ? -12.712 3.638   -4.055  1.00 6.81  ? 1070 PRO A C   1 
ATOM   190  O  O   . PRO A 1 25  ? -12.427 2.467   -4.329  1.00 6.61  ? 1070 PRO A O   1 
ATOM   191  C  CB  . PRO A 1 25  ? -15.054 3.700   -4.899  1.00 7.67  ? 1070 PRO A CB  1 
ATOM   192  C  CG  . PRO A 1 25  ? -15.027 4.977   -5.650  1.00 7.94  ? 1070 PRO A CG  1 
ATOM   193  C  CD  . PRO A 1 25  ? -15.077 6.046   -4.594  1.00 7.89  ? 1070 PRO A CD  1 
ATOM   194  N  N   . GLU A 1 26  ? -11.810 4.614   -4.058  1.00 6.68  ? 1071 GLU A N   1 
ATOM   195  C  CA  . GLU A 1 26  ? -10.495 4.399   -4.652  1.00 6.87  ? 1071 GLU A CA  1 
ATOM   196  C  C   . GLU A 1 26  ? -9.690  3.299   -3.967  1.00 6.24  ? 1071 GLU A C   1 
ATOM   197  O  O   . GLU A 1 26  ? -8.928  2.601   -4.639  1.00 6.15  ? 1071 GLU A O   1 
ATOM   198  C  CB  . GLU A 1 26  ? -9.675  5.687   -4.679  1.00 7.72  ? 1071 GLU A CB  1 
ATOM   199  C  CG  . GLU A 1 26  ? -10.192 6.753   -5.634  1.00 8.80  ? 1071 GLU A CG  1 
ATOM   200  C  CD  . GLU A 1 26  ? -11.284 7.641   -5.066  1.00 9.48  ? 1071 GLU A CD  1 
ATOM   201  O  OE1 . GLU A 1 26  ? -11.767 7.399   -3.941  1.00 9.89  ? 1071 GLU A OE1 1 
ATOM   202  O  OE2 . GLU A 1 26  ? -11.679 8.588   -5.790  1.00 11.80 ? 1071 GLU A OE2 1 
ATOM   203  N  N   . SER A 1 27  ? -9.835  3.142   -2.654  1.00 5.74  ? 1072 SER A N   1 
ATOM   204  C  CA  . SER A 1 27  ? -9.078  2.094   -1.969  1.00 5.58  ? 1072 SER A CA  1 
ATOM   205  C  C   . SER A 1 27  ? -9.680  0.704   -2.110  1.00 5.39  ? 1072 SER A C   1 
ATOM   206  O  O   . SER A 1 27  ? -8.997  -0.267  -1.786  1.00 5.15  ? 1072 SER A O   1 
ATOM   207  C  CB  . SER A 1 27  ? -8.902  2.403   -0.488  1.00 5.76  ? 1072 SER A CB  1 
ATOM   208  O  OG  . SER A 1 27  ? -10.109 2.252   0.227   1.00 6.15  ? 1072 SER A OG  1 
ATOM   209  N  N   . LEU A 1 28  ? -10.926 0.583   -2.572  1.00 5.69  ? 1073 LEU A N   1 
ATOM   210  C  CA  . LEU A 1 28  ? -11.584 -0.727  -2.535  1.00 6.00  ? 1073 LEU A CA  1 
ATOM   211  C  C   . LEU A 1 28  ? -10.780 -1.839  -3.218  1.00 5.82  ? 1073 LEU A C   1 
ATOM   212  O  O   . LEU A 1 28  ? -10.671 -2.930  -2.667  1.00 6.16  ? 1073 LEU A O   1 
ATOM   213  C  CB  . LEU A 1 28  ? -13.018 -0.667  -3.082  1.00 6.51  ? 1073 LEU A CB  1 
ATOM   214  C  CG  . LEU A 1 28  ? -13.978 0.213   -2.277  1.00 7.23  ? 1073 LEU A CG  1 
ATOM   215  C  CD1 . LEU A 1 28  ? -15.311 0.308   -2.994  1.00 7.39  ? 1073 LEU A CD1 1 
ATOM   216  C  CD2 . LEU A 1 28  ? -14.184 -0.300  -0.863  1.00 7.72  ? 1073 LEU A CD2 1 
ATOM   217  N  N   . PRO A 1 29  ? -10.207 -1.585  -4.405  1.00 5.64  ? 1074 PRO A N   1 
ATOM   218  C  CA  . PRO A 1 29  ? -9.447  -2.664  -5.052  1.00 5.64  ? 1074 PRO A CA  1 
ATOM   219  C  C   . PRO A 1 29  ? -8.176  -3.050  -4.309  1.00 5.43  ? 1074 PRO A C   1 
ATOM   220  O  O   . PRO A 1 29  ? -7.622  -4.120  -4.578  1.00 6.00  ? 1074 PRO A O   1 
ATOM   221  C  CB  . PRO A 1 29  ? -9.103  -2.086  -6.435  1.00 5.82  ? 1074 PRO A CB  1 
ATOM   222  C  CG  . PRO A 1 29  ? -10.073 -0.981  -6.642  1.00 6.08  ? 1074 PRO A CG  1 
ATOM   223  C  CD  . PRO A 1 29  ? -10.319 -0.407  -5.282  1.00 5.84  ? 1074 PRO A CD  1 
ATOM   224  N  N   . PHE A 1 30  ? -7.707  -2.175  -3.415  1.00 5.13  ? 1075 PHE A N   1 
ATOM   225  C  CA  . PHE A 1 30  ? -6.441  -2.344  -2.708  1.00 5.27  ? 1075 PHE A CA  1 
ATOM   226  C  C   . PHE A 1 30  ? -6.609  -2.901  -1.306  1.00 5.15  ? 1075 PHE A C   1 
ATOM   227  O  O   . PHE A 1 30  ? -5.609  -3.207  -0.648  1.00 5.23  ? 1075 PHE A O   1 
ATOM   228  C  CB  . PHE A 1 30  ? -5.698  -1.005  -2.659  1.00 5.59  ? 1075 PHE A CB  1 
ATOM   229  C  CG  . PHE A 1 30  ? -5.338  -0.495  -4.016  1.00 6.39  ? 1075 PHE A CG  1 
ATOM   230  C  CD1 . PHE A 1 30  ? -4.166  -0.901  -4.613  1.00 7.24  ? 1075 PHE A CD1 1 
ATOM   231  C  CD2 . PHE A 1 30  ? -6.195  0.329   -4.725  1.00 7.25  ? 1075 PHE A CD2 1 
ATOM   232  C  CE1 . PHE A 1 30  ? -3.817  -0.469  -5.871  1.00 8.44  ? 1075 PHE A CE1 1 
ATOM   233  C  CE2 . PHE A 1 30  ? -5.860  0.749   -5.998  1.00 8.29  ? 1075 PHE A CE2 1 
ATOM   234  C  CZ  . PHE A 1 30  ? -4.672  0.352   -6.560  1.00 8.79  ? 1075 PHE A CZ  1 
ATOM   235  N  N   . ARG A 1 31  ? -7.846  -3.055  -0.839  1.00 5.33  ? 1076 ARG A N   1 
ATOM   236  C  CA  . ARG A 1 31  ? -8.085  -3.476  0.538   1.00 5.83  ? 1076 ARG A CA  1 
ATOM   237  C  C   . ARG A 1 31  ? -7.890  -4.970  0.772   1.00 6.19  ? 1076 ARG A C   1 
ATOM   238  O  O   . ARG A 1 31  ? -7.795  -5.405  1.916   1.00 7.13  ? 1076 ARG A O   1 
ATOM   239  C  CB  . ARG A 1 31  ? -9.495  -3.101  0.988   1.00 6.00  ? 1076 ARG A CB  1 
ATOM   240  C  CG  . ARG A 1 31  ? -9.698  -1.613  1.179   1.00 6.14  ? 1076 ARG A CG  1 
ATOM   241  C  CD  . ARG A 1 31  ? -11.117 -1.349  1.635   1.00 6.36  ? 1076 ARG A CD  1 
ATOM   242  N  NE  . ARG A 1 31  ? -11.397 0.072   1.764   1.00 6.63  ? 1076 ARG A NE  1 
ATOM   243  C  CZ  . ARG A 1 31  ? -12.540 0.551   2.249   1.00 6.89  ? 1076 ARG A CZ  1 
ATOM   244  N  NH1 . ARG A 1 31  ? -13.505 -0.276  2.643   1.00 7.40  ? 1076 ARG A NH1 1 
ATOM   245  N  NH2 . ARG A 1 31  ? -12.718 1.860   2.343   1.00 7.23  ? 1076 ARG A NH2 1 
ATOM   246  N  N   A GLN A 1 32  ? -7.911  -5.741  -0.325  0.50 6.15  ? 1077 GLN A N   1 
ATOM   247  N  N   B GLN A 1 32  ? -7.842  -5.760  -0.284  0.50 6.49  ? 1077 GLN A N   1 
ATOM   248  C  CA  A GLN A 1 32  ? -7.862  -7.214  -0.336  0.50 6.19  ? 1077 GLN A CA  1 
ATOM   249  C  CA  B GLN A 1 32  ? -7.622  -7.175  -0.110  0.50 6.78  ? 1077 GLN A CA  1 
ATOM   250  C  C   A GLN A 1 32  ? -6.740  -7.639  -1.291  0.50 6.11  ? 1077 GLN A C   1 
ATOM   251  C  C   B GLN A 1 32  ? -6.739  -7.646  -1.235  0.50 6.43  ? 1077 GLN A C   1 
ATOM   252  O  O   A GLN A 1 32  ? -6.486  -6.941  -2.265  0.50 5.95  ? 1077 GLN A O   1 
ATOM   253  O  O   B GLN A 1 32  ? -6.658  -6.998  -2.277  0.50 6.29  ? 1077 GLN A O   1 
ATOM   254  C  CB  A GLN A 1 32  ? -9.198  -7.781  -0.872  0.50 6.26  ? 1077 GLN A CB  1 
ATOM   255  C  CB  B GLN A 1 32  ? -8.952  -7.921  -0.118  0.50 7.35  ? 1077 GLN A CB  1 
ATOM   256  C  CG  A GLN A 1 32  ? -10.439 -7.211  -0.200  0.50 6.38  ? 1077 GLN A CG  1 
ATOM   257  C  CG  B GLN A 1 32  ? -9.896  -7.541  1.013   0.50 7.95  ? 1077 GLN A CG  1 
ATOM   258  C  CD  A GLN A 1 32  ? -11.733 -7.729  -0.806  0.50 6.54  ? 1077 GLN A CD  1 
ATOM   259  C  CD  B GLN A 1 32  ? -9.620  -8.350  2.251   0.50 8.51  ? 1077 GLN A CD  1 
ATOM   260  O  OE1 A GLN A 1 32  ? -12.603 -8.236  -0.094  0.50 7.31  ? 1077 GLN A OE1 1 
ATOM   261  O  OE1 B GLN A 1 32  ? -9.744  -9.560  2.216   0.50 8.31  ? 1077 GLN A OE1 1 
ATOM   262  N  NE2 A GLN A 1 32  ? -11.870 -7.594  -2.122  0.50 6.30  ? 1077 GLN A NE2 1 
ATOM   263  N  NE2 B GLN A 1 32  ? -9.242  -7.700  3.338   0.50 9.02  ? 1077 GLN A NE2 1 
ATOM   264  N  N   . PRO A 1 33  ? -6.063  -8.778  -1.037  1.00 6.15  ? 1078 PRO A N   1 
ATOM   265  C  CA  . PRO A 1 33  ? -5.156  -9.275  -2.069  1.00 6.18  ? 1078 PRO A CA  1 
ATOM   266  C  C   . PRO A 1 33  ? -5.866  -9.511  -3.401  1.00 5.85  ? 1078 PRO A C   1 
ATOM   267  O  O   . PRO A 1 33  ? -7.018  -9.965  -3.421  1.00 6.21  ? 1078 PRO A O   1 
ATOM   268  C  CB  . PRO A 1 33  ? -4.665  -10.600 -1.484  1.00 6.47  ? 1078 PRO A CB  1 
ATOM   269  C  CG  . PRO A 1 33  ? -4.817  -10.447 -0.008  1.00 6.94  ? 1078 PRO A CG  1 
ATOM   270  C  CD  . PRO A 1 33  ? -6.067  -9.644  0.155   1.00 6.47  ? 1078 PRO A CD  1 
ATOM   271  N  N   . VAL A 1 34  ? -5.193  -9.193  -4.501  1.00 5.76  ? 1079 VAL A N   1 
ATOM   272  C  CA  . VAL A 1 34  ? -5.732  -9.509  -5.810  1.00 5.83  ? 1079 VAL A CA  1 
ATOM   273  C  C   . VAL A 1 34  ? -5.970  -11.019 -5.881  1.00 5.97  ? 1079 VAL A C   1 
ATOM   274  O  O   . VAL A 1 34  ? -5.090  -11.808 -5.527  1.00 6.12  ? 1079 VAL A O   1 
ATOM   275  C  CB  . VAL A 1 34  ? -4.763  -9.071  -6.921  1.00 5.92  ? 1079 VAL A CB  1 
ATOM   276  C  CG1 . VAL A 1 34  ? -5.267  -9.507  -8.278  1.00 6.21  ? 1079 VAL A CG1 1 
ATOM   277  C  CG2 . VAL A 1 34  ? -4.563  -7.556  -6.910  1.00 6.14  ? 1079 VAL A CG2 1 
ATOM   278  N  N   . ASP A 1 35  ? -7.158  -11.409 -6.339  1.00 6.25  ? 1080 ASP A N   1 
ATOM   279  C  CA  . ASP A 1 35  ? -7.511  -12.820 -6.515  1.00 6.76  ? 1080 ASP A CA  1 
ATOM   280  C  C   . ASP A 1 35  ? -7.760  -13.077 -8.002  1.00 6.58  ? 1080 ASP A C   1 
ATOM   281  O  O   . ASP A 1 35  ? -8.843  -12.825 -8.519  1.00 6.50  ? 1080 ASP A O   1 
ATOM   282  C  CB  . ASP A 1 35  ? -8.741  -13.206 -5.695  1.00 7.55  ? 1080 ASP A CB  1 
ATOM   283  C  CG  . ASP A 1 35  ? -9.007  -14.705 -5.719  1.00 8.17  ? 1080 ASP A CG  1 
ATOM   284  O  OD1 . ASP A 1 35  ? -8.748  -15.359 -6.751  1.00 9.22  ? 1080 ASP A OD1 1 
ATOM   285  O  OD2 . ASP A 1 35  ? -9.492  -15.246 -4.699  1.00 9.26  ? 1080 ASP A OD2 1 
ATOM   286  N  N   . PRO A 1 36  ? -6.727  -13.554 -8.715  1.00 6.97  ? 1081 PRO A N   1 
ATOM   287  C  CA  . PRO A 1 36  ? -6.855  -13.677 -10.166 1.00 7.38  ? 1081 PRO A CA  1 
ATOM   288  C  C   . PRO A 1 36  ? -7.962  -14.620 -10.607 1.00 7.52  ? 1081 PRO A C   1 
ATOM   289  O  O   . PRO A 1 36  ? -8.541  -14.417 -11.678 1.00 7.98  ? 1081 PRO A O   1 
ATOM   290  C  CB  . PRO A 1 36  ? -5.475  -14.203 -10.595 1.00 7.56  ? 1081 PRO A CB  1 
ATOM   291  C  CG  . PRO A 1 36  ? -4.562  -13.701 -9.539  1.00 7.50  ? 1081 PRO A CG  1 
ATOM   292  C  CD  . PRO A 1 36  ? -5.350  -13.830 -8.271  1.00 7.27  ? 1081 PRO A CD  1 
ATOM   293  N  N   . GLN A 1 37  ? -8.273  -15.626 -9.792  1.00 7.84  ? 1082 GLN A N   1 
ATOM   294  C  CA  . GLN A 1 37  ? -9.333  -16.569 -10.132 1.00 8.76  ? 1082 GLN A CA  1 
ATOM   295  C  C   . GLN A 1 37  ? -10.705 -15.902 -10.073 1.00 8.27  ? 1082 GLN A C   1 
ATOM   296  O  O   . GLN A 1 37  ? -11.578 -16.188 -10.888 1.00 9.76  ? 1082 GLN A O   1 
ATOM   297  C  CB  . GLN A 1 37  ? -9.288  -17.794 -9.217  1.00 10.47 ? 1082 GLN A CB  1 
ATOM   298  C  CG  . GLN A 1 37  ? -10.127 -18.953 -9.721  1.00 13.15 ? 1082 GLN A CG  1 
ATOM   299  C  CD  . GLN A 1 37  ? -10.268 -20.059 -8.694  1.00 15.40 ? 1082 GLN A CD  1 
ATOM   300  O  OE1 . GLN A 1 37  ? -9.311  -20.405 -7.993  1.00 17.71 ? 1082 GLN A OE1 1 
ATOM   301  N  NE2 . GLN A 1 37  ? -11.467 -20.619 -8.593  1.00 16.90 ? 1082 GLN A NE2 1 
ATOM   302  N  N   . LEU A 1 38  ? -10.915 -15.005 -9.119  1.00 7.70  ? 1083 LEU A N   1 
ATOM   303  C  CA  . LEU A 1 38  ? -12.185 -14.281 -9.067  1.00 7.65  ? 1083 LEU A CA  1 
ATOM   304  C  C   . LEU A 1 38  ? -12.366 -13.326 -10.232 1.00 7.08  ? 1083 LEU A C   1 
ATOM   305  O  O   . LEU A 1 38  ? -13.484 -13.091 -10.682 1.00 6.82  ? 1083 LEU A O   1 
ATOM   306  C  CB  . LEU A 1 38  ? -12.298 -13.486 -7.773  1.00 8.26  ? 1083 LEU A CB  1 
ATOM   307  C  CG  . LEU A 1 38  ? -12.515 -14.283 -6.491  1.00 8.91  ? 1083 LEU A CG  1 
ATOM   308  C  CD1 . LEU A 1 38  ? -12.579 -13.323 -5.318  1.00 9.14  ? 1083 LEU A CD1 1 
ATOM   309  C  CD2 . LEU A 1 38  ? -13.781 -15.120 -6.560  1.00 9.40  ? 1083 LEU A CD2 1 
ATOM   310  N  N   . LEU A 1 39  ? -11.262 -12.746 -10.690 1.00 6.84  ? 1084 LEU A N   1 
ATOM   311  C  CA  . LEU A 1 39  ? -11.299 -11.626 -11.623 1.00 6.58  ? 1084 LEU A CA  1 
ATOM   312  C  C   . LEU A 1 39  ? -11.135 -12.020 -13.078 1.00 6.94  ? 1084 LEU A C   1 
ATOM   313  O  O   . LEU A 1 39  ? -11.305 -11.184 -13.954 1.00 7.20  ? 1084 LEU A O   1 
ATOM   314  C  CB  . LEU A 1 39  ? -10.210 -10.631 -11.249 1.00 6.39  ? 1084 LEU A CB  1 
ATOM   315  C  CG  . LEU A 1 39  ? -10.304 -10.013 -9.857  1.00 6.43  ? 1084 LEU A CG  1 
ATOM   316  C  CD1 . LEU A 1 39  ? -9.106  -9.114  -9.627  1.00 6.75  ? 1084 LEU A CD1 1 
ATOM   317  C  CD2 . LEU A 1 39  ? -11.586 -9.229  -9.708  1.00 6.37  ? 1084 LEU A CD2 1 
ATOM   318  N  N   . GLY A 1 40  ? -10.794 -13.279 -13.339 1.00 7.39  ? 1085 GLY A N   1 
ATOM   319  C  CA  . GLY A 1 40  ? -10.589 -13.737 -14.697 1.00 7.79  ? 1085 GLY A CA  1 
ATOM   320  C  C   . GLY A 1 40  ? -9.318  -13.205 -15.330 1.00 7.89  ? 1085 GLY A C   1 
ATOM   321  O  O   . GLY A 1 40  ? -9.293  -12.922 -16.511 1.00 8.42  ? 1085 GLY A O   1 
ATOM   322  N  N   . ILE A 1 41  ? -8.251  -13.099 -14.539 1.00 7.59  ? 1086 ILE A N   1 
ATOM   323  C  CA  . ILE A 1 41  ? -6.953  -12.575 -15.000 1.00 7.61  ? 1086 ILE A CA  1 
ATOM   324  C  C   . ILE A 1 41  ? -5.842  -13.571 -14.665 1.00 7.63  ? 1086 ILE A C   1 
ATOM   325  O  O   . ILE A 1 41  ? -4.972  -13.313 -13.835 1.00 7.51  ? 1086 ILE A O   1 
ATOM   326  C  CB  . ILE A 1 41  ? -6.676  -11.159 -14.432 1.00 7.80  ? 1086 ILE A CB  1 
ATOM   327  C  CG1 . ILE A 1 41  ? -6.821  -11.116 -12.908 1.00 7.92  ? 1086 ILE A CG1 1 
ATOM   328  C  CG2 . ILE A 1 41  ? -7.616  -10.144 -15.078 1.00 8.15  ? 1086 ILE A CG2 1 
ATOM   329  C  CD1 . ILE A 1 41  ? -6.359  -9.808  -12.296 1.00 7.96  ? 1086 ILE A CD1 1 
ATOM   330  N  N   . PRO A 1 42  ? -5.876  -14.737 -15.324 1.00 8.21  ? 1087 PRO A N   1 
ATOM   331  C  CA  . PRO A 1 42  ? -5.010  -15.841 -14.907 1.00 8.66  ? 1087 PRO A CA  1 
ATOM   332  C  C   . PRO A 1 42  ? -3.507  -15.604 -15.023 1.00 8.79  ? 1087 PRO A C   1 
ATOM   333  O  O   . PRO A 1 42  ? -2.740  -16.321 -14.389 1.00 9.42  ? 1087 PRO A O   1 
ATOM   334  C  CB  . PRO A 1 42  ? -5.454  -17.003 -15.809 1.00 9.17  ? 1087 PRO A CB  1 
ATOM   335  C  CG  . PRO A 1 42  ? -6.128  -16.361 -16.965 1.00 9.19  ? 1087 PRO A CG  1 
ATOM   336  C  CD  . PRO A 1 42  ? -6.794  -15.149 -16.400 1.00 8.59  ? 1087 PRO A CD  1 
ATOM   337  N  N   . ASP A 1 43  ? -3.084  -14.612 -15.793 1.00 8.52  ? 1088 ASP A N   1 
ATOM   338  C  CA  . ASP A 1 43  ? -1.658  -14.318 -15.880 1.00 8.63  ? 1088 ASP A CA  1 
ATOM   339  C  C   . ASP A 1 43  ? -1.147  -13.383 -14.785 1.00 7.85  ? 1088 ASP A C   1 
ATOM   340  O  O   . ASP A 1 43  ? 0.032   -13.028 -14.797 1.00 8.36  ? 1088 ASP A O   1 
ATOM   341  C  CB  . ASP A 1 43  ? -1.299  -13.741 -17.255 1.00 9.59  ? 1088 ASP A CB  1 
ATOM   342  C  CG  . ASP A 1 43  ? -1.806  -12.332 -17.459 1.00 10.46 ? 1088 ASP A CG  1 
ATOM   343  O  OD1 . ASP A 1 43  ? -2.829  -11.955 -16.859 1.00 10.81 ? 1088 ASP A OD1 1 
ATOM   344  O  OD2 . ASP A 1 43  ? -1.177  -11.593 -18.238 1.00 12.43 ? 1088 ASP A OD2 1 
ATOM   345  N  N   . TYR A 1 44  ? -2.007  -12.968 -13.854 1.00 7.19  ? 1089 TYR A N   1 
ATOM   346  C  CA  . TYR A 1 44  ? -1.615  -11.943 -12.893 1.00 6.94  ? 1089 TYR A CA  1 
ATOM   347  C  C   . TYR A 1 44  ? -0.310  -12.291 -12.168 1.00 7.33  ? 1089 TYR A C   1 
ATOM   348  O  O   . TYR A 1 44  ? 0.615   -11.467 -12.130 1.00 7.23  ? 1089 TYR A O   1 
ATOM   349  C  CB  . TYR A 1 44  ? -2.748  -11.668 -11.900 1.00 6.72  ? 1089 TYR A CB  1 
ATOM   350  C  CG  . TYR A 1 44  ? -2.382  -10.592 -10.904 1.00 6.55  ? 1089 TYR A CG  1 
ATOM   351  C  CD1 . TYR A 1 44  ? -2.466  -9.247  -11.242 1.00 6.48  ? 1089 TYR A CD1 1 
ATOM   352  C  CD2 . TYR A 1 44  ? -1.925  -10.917 -9.637  1.00 6.65  ? 1089 TYR A CD2 1 
ATOM   353  C  CE1 . TYR A 1 44  ? -2.106  -8.257  -10.340 1.00 6.58  ? 1089 TYR A CE1 1 
ATOM   354  C  CE2 . TYR A 1 44  ? -1.558  -9.940  -8.733  1.00 6.60  ? 1089 TYR A CE2 1 
ATOM   355  C  CZ  . TYR A 1 44  ? -1.646  -8.608  -9.083  1.00 6.59  ? 1089 TYR A CZ  1 
ATOM   356  O  OH  . TYR A 1 44  ? -1.260  -7.648  -8.169  1.00 6.81  ? 1089 TYR A OH  1 
ATOM   357  N  N   . PHE A 1 45  ? -0.222  -13.494 -11.606 1.00 7.97  ? 1090 PHE A N   1 
ATOM   358  C  CA  . PHE A 1 45  ? 0.972   -13.883 -10.842 1.00 8.93  ? 1090 PHE A CA  1 
ATOM   359  C  C   . PHE A 1 45  ? 2.179   -14.193 -11.731 1.00 9.57  ? 1090 PHE A C   1 
ATOM   360  O  O   . PHE A 1 45  ? 3.292   -14.325 -11.223 1.00 10.62 ? 1090 PHE A O   1 
ATOM   361  C  CB  . PHE A 1 45  ? 0.685   -15.065 -9.905  1.00 9.30  ? 1090 PHE A CB  1 
ATOM   362  C  CG  . PHE A 1 45  ? -0.291  -14.752 -8.795  1.00 9.57  ? 1090 PHE A CG  1 
ATOM   363  C  CD1 . PHE A 1 45  ? -0.179  -13.591 -8.036  1.00 9.86  ? 1090 PHE A CD1 1 
ATOM   364  C  CD2 . PHE A 1 45  ? -1.306  -15.649 -8.483  1.00 10.20 ? 1090 PHE A CD2 1 
ATOM   365  C  CE1 . PHE A 1 45  ? -1.069  -13.325 -7.013  1.00 10.05 ? 1090 PHE A CE1 1 
ATOM   366  C  CE2 . PHE A 1 45  ? -2.194  -15.381 -7.455  1.00 10.50 ? 1090 PHE A CE2 1 
ATOM   367  C  CZ  . PHE A 1 45  ? -2.073  -14.215 -6.719  1.00 10.43 ? 1090 PHE A CZ  1 
ATOM   368  N  N   . ASP A 1 46  ? 1.969   -14.315 -13.039 1.00 10.01 ? 1091 ASP A N   1 
ATOM   369  C  CA  . ASP A 1 46  ? 3.082   -14.387 -14.000 1.00 10.88 ? 1091 ASP A CA  1 
ATOM   370  C  C   . ASP A 1 46  ? 3.742   -13.020 -14.196 1.00 10.03 ? 1091 ASP A C   1 
ATOM   371  O  O   . ASP A 1 46  ? 4.919   -12.941 -14.577 1.00 11.32 ? 1091 ASP A O   1 
ATOM   372  C  CB  . ASP A 1 46  ? 2.614   -14.883 -15.379 1.00 12.32 ? 1091 ASP A CB  1 
ATOM   373  C  CG  . ASP A 1 46  ? 1.992   -16.265 -15.342 1.00 13.97 ? 1091 ASP A CG  1 
ATOM   374  O  OD1 . ASP A 1 46  ? 2.316   -17.046 -14.426 1.00 16.07 ? 1091 ASP A OD1 1 
ATOM   375  O  OD2 . ASP A 1 46  ? 1.175   -16.560 -16.245 1.00 16.73 ? 1091 ASP A OD2 1 
ATOM   376  N  N   . ILE A 1 47  ? 2.972   -11.952 -13.991 1.00 8.91  ? 1092 ILE A N   1 
ATOM   377  C  CA  . ILE A 1 47  ? 3.445   -10.588 -14.204 1.00 8.62  ? 1092 ILE A CA  1 
ATOM   378  C  C   . ILE A 1 47  ? 3.860   -9.940  -12.881 1.00 7.67  ? 1092 ILE A C   1 
ATOM   379  O  O   . ILE A 1 47  ? 4.920   -9.309  -12.794 1.00 7.85  ? 1092 ILE A O   1 
ATOM   380  C  CB  . ILE A 1 47  ? 2.345   -9.729  -14.872 1.00 9.19  ? 1092 ILE A CB  1 
ATOM   381  C  CG1 . ILE A 1 47  ? 1.933   -10.323 -16.226 1.00 10.23 ? 1092 ILE A CG1 1 
ATOM   382  C  CG2 . ILE A 1 47  ? 2.766   -8.267  -14.978 1.00 9.18  ? 1092 ILE A CG2 1 
ATOM   383  C  CD1 . ILE A 1 47  ? 3.030   -10.409 -17.252 1.00 10.87 ? 1092 ILE A CD1 1 
ATOM   384  N  N   . VAL A 1 48  ? 3.012   -10.086 -11.865 1.00 7.10  ? 1093 VAL A N   1 
ATOM   385  C  CA  . VAL A 1 48  ? 3.241   -9.491  -10.548 1.00 7.13  ? 1093 VAL A CA  1 
ATOM   386  C  C   . VAL A 1 48  ? 3.867   -10.548 -9.651  1.00 7.73  ? 1093 VAL A C   1 
ATOM   387  O  O   . VAL A 1 48  ? 3.196   -11.466 -9.190  1.00 8.55  ? 1093 VAL A O   1 
ATOM   388  C  CB  . VAL A 1 48  ? 1.937   -8.936  -9.958  1.00 6.80  ? 1093 VAL A CB  1 
ATOM   389  C  CG1 . VAL A 1 48  ? 2.140   -8.490  -8.518  1.00 6.77  ? 1093 VAL A CG1 1 
ATOM   390  C  CG2 . VAL A 1 48  ? 1.469   -7.781  -10.824 1.00 6.96  ? 1093 VAL A CG2 1 
ATOM   391  N  N   . LYS A 1 49  ? 5.173   -10.412 -9.424  1.00 8.21  ? 1094 LYS A N   1 
ATOM   392  C  CA  . LYS A 1 49  ? 5.941   -11.447 -8.729  1.00 9.03  ? 1094 LYS A CA  1 
ATOM   393  C  C   . LYS A 1 49  ? 5.951   -11.301 -7.213  1.00 8.18  ? 1094 LYS A C   1 
ATOM   394  O  O   . LYS A 1 49  ? 6.306   -12.248 -6.510  1.00 9.28  ? 1094 LYS A O   1 
ATOM   395  C  CB  . LYS A 1 49  ? 7.383   -11.468 -9.238  1.00 10.43 ? 1094 LYS A CB  1 
ATOM   396  C  CG  . LYS A 1 49  ? 7.509   -11.635 -10.741 1.00 12.12 ? 1094 LYS A CG  1 
ATOM   397  C  CD  . LYS A 1 49  ? 6.933   -12.953 -11.216 1.00 14.04 ? 1094 LYS A CD  1 
ATOM   398  C  CE  . LYS A 1 49  ? 7.467   -13.307 -12.596 1.00 15.73 ? 1094 LYS A CE  1 
ATOM   399  N  NZ  . LYS A 1 49  ? 6.964   -14.619 -13.084 1.00 17.14 ? 1094 LYS A NZ  1 
ATOM   400  N  N   A SER A 1 50  ? 5.576   -10.127 -6.709  0.50 7.37  ? 1095 SER A N   1 
ATOM   401  N  N   B SER A 1 50  ? 5.563   -10.134 -6.709  0.50 7.79  ? 1095 SER A N   1 
ATOM   402  C  CA  A SER A 1 50  ? 5.583   -9.865  -5.273  0.50 6.68  ? 1095 SER A CA  1 
ATOM   403  C  CA  B SER A 1 50  ? 5.568   -9.877  -5.275  0.50 7.37  ? 1095 SER A CA  1 
ATOM   404  C  C   A SER A 1 50  ? 4.317   -9.094  -4.904  0.50 6.50  ? 1095 SER A C   1 
ATOM   405  C  C   B SER A 1 50  ? 4.315   -9.097  -4.904  0.50 6.86  ? 1095 SER A C   1 
ATOM   406  O  O   A SER A 1 50  ? 4.344   -7.872  -4.744  0.50 6.29  ? 1095 SER A O   1 
ATOM   407  O  O   B SER A 1 50  ? 4.349   -7.875  -4.742  0.50 6.61  ? 1095 SER A O   1 
ATOM   408  C  CB  A SER A 1 50  ? 6.833   -9.074  -4.891  0.50 6.53  ? 1095 SER A CB  1 
ATOM   409  C  CB  B SER A 1 50  ? 6.827   -9.116  -4.889  0.50 7.64  ? 1095 SER A CB  1 
ATOM   410  O  OG  A SER A 1 50  ? 7.026   -9.074  -3.487  0.50 6.12  ? 1095 SER A OG  1 
ATOM   411  O  OG  B SER A 1 50  ? 7.966   -9.881  -5.227  0.50 8.28  ? 1095 SER A OG  1 
ATOM   412  N  N   . PRO A 1 51  ? 3.183   -9.801  -4.782  1.00 6.42  ? 1096 PRO A N   1 
ATOM   413  C  CA  . PRO A 1 51  ? 1.909   -9.144  -4.500  1.00 6.28  ? 1096 PRO A CA  1 
ATOM   414  C  C   . PRO A 1 51  ? 1.894   -8.406  -3.167  1.00 5.74  ? 1096 PRO A C   1 
ATOM   415  O  O   . PRO A 1 51  ? 2.576   -8.811  -2.237  1.00 5.82  ? 1096 PRO A O   1 
ATOM   416  C  CB  . PRO A 1 51  ? 0.905   -10.300 -4.489  1.00 6.70  ? 1096 PRO A CB  1 
ATOM   417  C  CG  . PRO A 1 51  ? 1.546   -11.354 -5.320  1.00 7.05  ? 1096 PRO A CG  1 
ATOM   418  C  CD  . PRO A 1 51  ? 3.005   -11.248 -4.996  1.00 6.82  ? 1096 PRO A CD  1 
ATOM   419  N  N   . MET A 1 52  ? 1.121   -7.329  -3.096  1.00 5.31  ? 1097 MET A N   1 
ATOM   420  C  CA  . MET A 1 52  ? 1.013   -6.557  -1.876  1.00 5.20  ? 1097 MET A CA  1 
ATOM   421  C  C   . MET A 1 52  ? -0.316  -5.821  -1.894  1.00 5.05  ? 1097 MET A C   1 
ATOM   422  O  O   . MET A 1 52  ? -0.797  -5.437  -2.954  1.00 5.53  ? 1097 MET A O   1 
ATOM   423  C  CB  . MET A 1 52  ? 2.187   -5.566  -1.782  1.00 5.34  ? 1097 MET A CB  1 
ATOM   424  C  CG  . MET A 1 52  ? 2.293   -4.801  -0.463  1.00 5.56  ? 1097 MET A CG  1 
ATOM   425  S  SD  . MET A 1 52  ? 2.300   -5.815  1.031   1.00 5.84  ? 1097 MET A SD  1 
ATOM   426  C  CE  . MET A 1 52  ? 3.680   -6.918  0.729   1.00 6.18  ? 1097 MET A CE  1 
ATOM   427  N  N   . ASP A 1 53  ? -0.912  -5.631  -0.718  1.00 5.05  ? 1098 ASP A N   1 
ATOM   428  C  CA  . ASP A 1 53  ? -2.189  -4.930  -0.588  1.00 5.13  ? 1098 ASP A CA  1 
ATOM   429  C  C   . ASP A 1 53  ? -2.271  -4.286  0.786   1.00 4.73  ? 1098 ASP A C   1 
ATOM   430  O  O   . ASP A 1 53  ? -1.457  -4.573  1.670   1.00 4.59  ? 1098 ASP A O   1 
ATOM   431  C  CB  . ASP A 1 53  ? -3.359  -5.888  -0.799  1.00 5.70  ? 1098 ASP A CB  1 
ATOM   432  C  CG  . ASP A 1 53  ? -3.555  -6.801  0.376   1.00 6.42  ? 1098 ASP A CG  1 
ATOM   433  O  OD1 . ASP A 1 53  ? -2.674  -7.656  0.593   1.00 7.48  ? 1098 ASP A OD1 1 
ATOM   434  O  OD2 . ASP A 1 53  ? -4.560  -6.622  1.100   1.00 7.36  ? 1098 ASP A OD2 1 
ATOM   435  N  N   . LEU A 1 54  ? -3.289  -3.453  0.970   1.00 4.50  ? 1099 LEU A N   1 
ATOM   436  C  CA  . LEU A 1 54  ? -3.427  -2.708  2.214   1.00 4.58  ? 1099 LEU A CA  1 
ATOM   437  C  C   . LEU A 1 54  ? -3.581  -3.622  3.425   1.00 4.59  ? 1099 LEU A C   1 
ATOM   438  O  O   . LEU A 1 54  ? -3.050  -3.309  4.492   1.00 4.63  ? 1099 LEU A O   1 
ATOM   439  C  CB  . LEU A 1 54  ? -4.623  -1.767  2.164   1.00 4.77  ? 1099 LEU A CB  1 
ATOM   440  C  CG  . LEU A 1 54  ? -4.521  -0.602  1.177   1.00 5.05  ? 1099 LEU A CG  1 
ATOM   441  C  CD1 . LEU A 1 54  ? -5.878  0.067   1.017   1.00 5.14  ? 1099 LEU A CD1 1 
ATOM   442  C  CD2 . LEU A 1 54  ? -3.492  0.413   1.635   1.00 5.35  ? 1099 LEU A CD2 1 
ATOM   443  N  N   . SER A 1 55  ? -4.308  -4.734  3.283   1.00 4.80  ? 1100 SER A N   1 
ATOM   444  C  CA  . SER A 1 55  ? -4.546  -5.590  4.448   1.00 5.20  ? 1100 SER A CA  1 
ATOM   445  C  C   . SER A 1 55  ? -3.255  -6.266  4.920   1.00 5.09  ? 1100 SER A C   1 
ATOM   446  O  O   . SER A 1 55  ? -3.088  -6.510  6.111   1.00 5.30  ? 1100 SER A O   1 
ATOM   447  C  CB  . SER A 1 55  ? -5.638  -6.627  4.174   1.00 5.62  ? 1100 SER A CB  1 
ATOM   448  O  OG  . SER A 1 55  ? -5.185  -7.702  3.380   1.00 6.28  ? 1100 SER A OG  1 
ATOM   449  N  N   . THR A 1 56  ? -2.352  -6.556  3.991   1.00 5.48  ? 1101 THR A N   1 
ATOM   450  C  CA  . THR A 1 56  ? -1.060  -7.126  4.348   1.00 5.87  ? 1101 THR A CA  1 
ATOM   451  C  C   . THR A 1 56  ? -0.210  -6.096  5.081   1.00 5.56  ? 1101 THR A C   1 
ATOM   452  O  O   . THR A 1 56  ? 0.396   -6.415  6.106   1.00 5.84  ? 1101 THR A O   1 
ATOM   453  C  CB  . THR A 1 56  ? -0.350  -7.657  3.101   1.00 6.49  ? 1101 THR A CB  1 
ATOM   454  O  OG1 . THR A 1 56  ? -1.135  -8.715  2.533   1.00 7.44  ? 1101 THR A OG1 1 
ATOM   455  C  CG2 . THR A 1 56  ? 1.028   -8.200  3.427   1.00 6.99  ? 1101 THR A CG2 1 
ATOM   456  N  N   . ILE A 1 57  ? -0.186  -4.868  4.569   1.00 5.30  ? 1102 ILE A N   1 
ATOM   457  C  CA  . ILE A 1 57  ? 0.566   -3.799  5.205   1.00 5.15  ? 1102 ILE A CA  1 
ATOM   458  C  C   . ILE A 1 57  ? 0.028   -3.524  6.610   1.00 5.28  ? 1102 ILE A C   1 
ATOM   459  O  O   . ILE A 1 57  ? 0.800   -3.365  7.571   1.00 5.50  ? 1102 ILE A O   1 
ATOM   460  C  CB  . ILE A 1 57  ? 0.557   -2.552  4.322   1.00 5.04  ? 1102 ILE A CB  1 
ATOM   461  C  CG1 . ILE A 1 57  ? 1.243   -2.873  2.984   1.00 4.97  ? 1102 ILE A CG1 1 
ATOM   462  C  CG2 . ILE A 1 57  ? 1.264   -1.397  5.029   1.00 5.13  ? 1102 ILE A CG2 1 
ATOM   463  C  CD1 . ILE A 1 57  ? 1.130   -1.786  1.949   1.00 5.04  ? 1102 ILE A CD1 1 
ATOM   464  N  N   . LYS A 1 58  ? -1.295  -3.477  6.733   1.00 5.37  ? 1103 LYS A N   1 
ATOM   465  C  CA  . LYS A 1 58  ? -1.915  -3.255  8.034   1.00 5.79  ? 1103 LYS A CA  1 
ATOM   466  C  C   . LYS A 1 58  ? -1.483  -4.334  9.019   1.00 5.84  ? 1103 LYS A C   1 
ATOM   467  O  O   . LYS A 1 58  ? -1.124  -4.053  10.159  1.00 5.98  ? 1103 LYS A O   1 
ATOM   468  C  CB  . LYS A 1 58  ? -3.437  -3.223  7.908   1.00 6.48  ? 1103 LYS A CB  1 
ATOM   469  C  CG  . LYS A 1 58  ? -4.164  -2.915  9.206   1.00 7.74  ? 1103 LYS A CG  1 
ATOM   470  C  CD  . LYS A 1 58  ? -5.671  -3.044  9.061   1.00 9.23  ? 1103 LYS A CD  1 
ATOM   471  C  CE  . LYS A 1 58  ? -6.407  -2.878  10.383  1.00 10.90 ? 1103 LYS A CE  1 
ATOM   472  N  NZ  . LYS A 1 58  ? -6.161  -3.990  11.346  1.00 12.19 ? 1103 LYS A NZ  1 
ATOM   473  N  N   . ARG A 1 59  ? -1.518  -5.585  8.575   1.00 5.96  ? 1104 ARG A N   1 
ATOM   474  C  CA  . ARG A 1 59  ? -1.167  -6.707  9.436   1.00 6.45  ? 1104 ARG A CA  1 
ATOM   475  C  C   . ARG A 1 59  ? 0.296   -6.615  9.857   1.00 6.50  ? 1104 ARG A C   1 
ATOM   476  O  O   . ARG A 1 59  ? 0.626   -6.882  11.018  1.00 6.88  ? 1104 ARG A O   1 
ATOM   477  C  CB  . ARG A 1 59  ? -1.461  -8.028  8.724   1.00 6.94  ? 1104 ARG A CB  1 
ATOM   478  C  CG  . ARG A 1 59  ? -1.116  -9.277  9.496   1.00 7.47  ? 1104 ARG A CG  1 
ATOM   479  C  CD  . ARG A 1 59  ? -1.940  -9.423  10.755  1.00 8.03  ? 1104 ARG A CD  1 
ATOM   480  N  NE  . ARG A 1 59  ? -1.633  -10.691 11.387  1.00 8.77  ? 1104 ARG A NE  1 
ATOM   481  C  CZ  . ARG A 1 59  ? -2.065  -11.055 12.588  1.00 9.52  ? 1104 ARG A CZ  1 
ATOM   482  N  NH1 . ARG A 1 59  ? -2.838  -10.250 13.291  1.00 10.31 ? 1104 ARG A NH1 1 
ATOM   483  N  NH2 . ARG A 1 59  ? -1.727  -12.236 13.091  1.00 9.98  ? 1104 ARG A NH2 1 
ATOM   484  N  N   . LYS A 1 60  ? 1.178   -6.233  8.932   1.00 6.59  ? 1105 LYS A N   1 
ATOM   485  C  CA  . LYS A 1 60  ? 2.598   -6.105  9.253   1.00 6.94  ? 1105 LYS A CA  1 
ATOM   486  C  C   . LYS A 1 60  ? 2.840   -4.979  10.269  1.00 7.15  ? 1105 LYS A C   1 
ATOM   487  O  O   . LYS A 1 60  ? 3.640   -5.141  11.203  1.00 7.39  ? 1105 LYS A O   1 
ATOM   488  C  CB  . LYS A 1 60  ? 3.412   -5.892  7.979   1.00 7.07  ? 1105 LYS A CB  1 
ATOM   489  C  CG  . LYS A 1 60  ? 3.472   -7.157  7.133   1.00 7.42  ? 1105 LYS A CG  1 
ATOM   490  C  CD  . LYS A 1 60  ? 4.183   -6.980  5.803   1.00 7.71  ? 1105 LYS A CD  1 
ATOM   491  C  CE  . LYS A 1 60  ? 5.689   -6.919  5.962   1.00 8.08  ? 1105 LYS A CE  1 
ATOM   492  N  NZ  . LYS A 1 60  ? 6.363   -6.837  4.638   1.00 8.46  ? 1105 LYS A NZ  1 
ATOM   493  N  N   . LEU A 1 61  ? 2.132   -3.859  10.128  1.00 7.74  ? 1106 LEU A N   1 
ATOM   494  C  CA  . LEU A 1 61  ? 2.226   -2.796  11.136  1.00 8.79  ? 1106 LEU A CA  1 
ATOM   495  C  C   . LEU A 1 61  ? 1.681   -3.253  12.487  1.00 9.27  ? 1106 LEU A C   1 
ATOM   496  O  O   . LEU A 1 61  ? 2.271   -2.988  13.537  1.00 9.80  ? 1106 LEU A O   1 
ATOM   497  C  CB  . LEU A 1 61  ? 1.449   -1.561  10.703  1.00 9.42  ? 1106 LEU A CB  1 
ATOM   498  C  CG  . LEU A 1 61  ? 2.152   -0.538  9.827   1.00 10.16 ? 1106 LEU A CG  1 
ATOM   499  C  CD1 . LEU A 1 61  ? 1.166   0.539   9.420   1.00 10.67 ? 1106 LEU A CD1 1 
ATOM   500  C  CD2 . LEU A 1 61  ? 3.332   0.070   10.572  1.00 10.27 ? 1106 LEU A CD2 1 
ATOM   501  N  N   . ASP A 1 62  ? 0.545   -3.936  12.452  1.00 9.56  ? 1107 ASP A N   1 
ATOM   502  C  CA  . ASP A 1 62  ? -0.111  -4.387  13.679  1.00 10.44 ? 1107 ASP A CA  1 
ATOM   503  C  C   . ASP A 1 62  ? 0.728   -5.376  14.469  1.00 10.49 ? 1107 ASP A C   1 
ATOM   504  O  O   . ASP A 1 62  ? 0.618   -5.429  15.701  1.00 11.59 ? 1107 ASP A O   1 
ATOM   505  C  CB  . ASP A 1 62  ? -1.475  -5.012  13.367  1.00 11.01 ? 1107 ASP A CB  1 
ATOM   506  C  CG  . ASP A 1 62  ? -2.546  -3.974  13.083  1.00 11.87 ? 1107 ASP A CG  1 
ATOM   507  O  OD1 . ASP A 1 62  ? -2.397  -2.817  13.529  1.00 13.80 ? 1107 ASP A OD1 1 
ATOM   508  O  OD2 . ASP A 1 62  ? -3.550  -4.309  12.417  1.00 13.10 ? 1107 ASP A OD2 1 
ATOM   509  N  N   . THR A 1 63  ? 1.549   -6.160  13.768  1.00 10.09 ? 1108 THR A N   1 
ATOM   510  C  CA  . THR A 1 63  ? 2.337   -7.219  14.392  1.00 10.17 ? 1108 THR A CA  1 
ATOM   511  C  C   . THR A 1 63  ? 3.842   -6.931  14.441  1.00 10.47 ? 1108 THR A C   1 
ATOM   512  O  O   . THR A 1 63  ? 4.636   -7.823  14.752  1.00 11.38 ? 1108 THR A O   1 
ATOM   513  C  CB  . THR A 1 63  ? 2.084   -8.563  13.685  1.00 10.02 ? 1108 THR A CB  1 
ATOM   514  O  OG1 . THR A 1 63  ? 2.461   -8.469  12.304  1.00 9.70  ? 1108 THR A OG1 1 
ATOM   515  C  CG2 . THR A 1 63  ? 0.626   -8.953  13.799  1.00 10.23 ? 1108 THR A CG2 1 
ATOM   516  N  N   . GLY A 1 64  ? 4.242   -5.694  14.164  1.00 10.33 ? 1109 GLY A N   1 
ATOM   517  C  CA  . GLY A 1 64  ? 5.631   -5.284  14.331  1.00 10.28 ? 1109 GLY A CA  1 
ATOM   518  C  C   . GLY A 1 64  ? 6.621   -5.892  13.356  1.00 9.94  ? 1109 GLY A C   1 
ATOM   519  O  O   . GLY A 1 64  ? 7.768   -6.170  13.731  1.00 10.92 ? 1109 GLY A O   1 
ATOM   520  N  N   . GLN A 1 65  ? 6.205   -6.084  12.105  1.00 9.28  ? 1110 GLN A N   1 
ATOM   521  C  CA  . GLN A 1 65  ? 7.078   -6.711  11.118  1.00 9.03  ? 1110 GLN A CA  1 
ATOM   522  C  C   . GLN A 1 65  ? 7.992   -5.741  10.377  1.00 8.80  ? 1110 GLN A C   1 
ATOM   523  O  O   . GLN A 1 65  ? 8.819   -6.179  9.574   1.00 9.78  ? 1110 GLN A O   1 
ATOM   524  C  CB  . GLN A 1 65  ? 6.257   -7.523  10.125  1.00 8.85  ? 1110 GLN A CB  1 
ATOM   525  C  CG  . GLN A 1 65  ? 5.580   -8.721  10.772  1.00 9.28  ? 1110 GLN A CG  1 
ATOM   526  C  CD  . GLN A 1 65  ? 4.815   -9.549  9.772   1.00 9.52  ? 1110 GLN A CD  1 
ATOM   527  O  OE1 . GLN A 1 65  ? 5.352   -9.916  8.732   1.00 10.55 ? 1110 GLN A OE1 1 
ATOM   528  N  NE2 . GLN A 1 65  ? 3.560   -9.848  10.074  1.00 9.71  ? 1110 GLN A NE2 1 
ATOM   529  N  N   . TYR A 1 66  ? 7.847   -4.443  10.631  1.00 8.58  ? 1111 TYR A N   1 
ATOM   530  C  CA  . TYR A 1 66  ? 8.767   -3.458  10.085  1.00 8.35  ? 1111 TYR A CA  1 
ATOM   531  C  C   . TYR A 1 66  ? 9.774   -3.052  11.148  1.00 8.56  ? 1111 TYR A C   1 
ATOM   532  O  O   . TYR A 1 66  ? 9.405   -2.738  12.283  1.00 9.30  ? 1111 TYR A O   1 
ATOM   533  C  CB  . TYR A 1 66  ? 8.015   -2.236  9.569   1.00 8.13  ? 1111 TYR A CB  1 
ATOM   534  C  CG  . TYR A 1 66  ? 7.033   -2.536  8.465   1.00 7.59  ? 1111 TYR A CG  1 
ATOM   535  C  CD1 . TYR A 1 66  ? 7.460   -3.018  7.234   1.00 7.42  ? 1111 TYR A CD1 1 
ATOM   536  C  CD2 . TYR A 1 66  ? 5.675   -2.319  8.648   1.00 7.55  ? 1111 TYR A CD2 1 
ATOM   537  C  CE1 . TYR A 1 66  ? 6.564   -3.286  6.220   1.00 7.16  ? 1111 TYR A CE1 1 
ATOM   538  C  CE2 . TYR A 1 66  ? 4.762   -2.575  7.639   1.00 7.32  ? 1111 TYR A CE2 1 
ATOM   539  C  CZ  . TYR A 1 66  ? 5.208   -3.062  6.427   1.00 7.02  ? 1111 TYR A CZ  1 
ATOM   540  O  OH  . TYR A 1 66  ? 4.278   -3.314  5.451   1.00 7.29  ? 1111 TYR A OH  1 
ATOM   541  N  N   . GLN A 1 67  ? 11.049  -3.080  10.776  1.00 8.71  ? 1112 GLN A N   1 
ATOM   542  C  CA  . GLN A 1 67  ? 12.109  -2.639  11.679  1.00 9.10  ? 1112 GLN A CA  1 
ATOM   543  C  C   . GLN A 1 67  ? 12.332  -1.135  11.604  1.00 8.33  ? 1112 GLN A C   1 
ATOM   544  O  O   . GLN A 1 67  ? 12.756  -0.520  12.592  1.00 8.78  ? 1112 GLN A O   1 
ATOM   545  C  CB  . GLN A 1 67  ? 13.423  -3.356  11.381  1.00 10.36 ? 1112 GLN A CB  1 
ATOM   546  C  CG  . GLN A 1 67  ? 13.376  -4.855  11.614  1.00 11.91 ? 1112 GLN A CG  1 
ATOM   547  C  CD  . GLN A 1 67  ? 13.004  -5.640  10.361  1.00 13.32 ? 1112 GLN A CD  1 
ATOM   548  O  OE1 . GLN A 1 67  ? 13.656  -5.517  9.321   1.00 15.46 ? 1112 GLN A OE1 1 
ATOM   549  N  NE2 . GLN A 1 67  ? 11.972  -6.459  10.461  1.00 14.75 ? 1112 GLN A NE2 1 
ATOM   550  N  N   . GLU A 1 68  ? 12.075  -0.534  10.445  1.00 7.78  ? 1113 GLU A N   1 
ATOM   551  C  CA  . GLU A 1 68  ? 12.327  0.892   10.274  1.00 7.40  ? 1113 GLU A CA  1 
ATOM   552  C  C   . GLU A 1 68  ? 11.338  1.403   9.225   1.00 6.85  ? 1113 GLU A C   1 
ATOM   553  O  O   . GLU A 1 68  ? 10.842  0.627   8.405   1.00 6.63  ? 1113 GLU A O   1 
ATOM   554  C  CB  . GLU A 1 68  ? 13.814  1.142   9.938   1.00 7.67  ? 1113 GLU A CB  1 
ATOM   555  C  CG  . GLU A 1 68  ? 14.307  0.562   8.620   1.00 7.78  ? 1113 GLU A CG  1 
ATOM   556  C  CD  . GLU A 1 68  ? 14.085  1.477   7.423   1.00 7.89  ? 1113 GLU A CD  1 
ATOM   557  O  OE1 . GLU A 1 68  ? 14.384  1.039   6.289   1.00 8.57  ? 1113 GLU A OE1 1 
ATOM   558  O  OE2 . GLU A 1 68  ? 13.641  2.632   7.604   1.00 7.70  ? 1113 GLU A OE2 1 
ATOM   559  N  N   . PRO A 1 69  ? 10.988  2.688   9.278   1.00 6.57  ? 1114 PRO A N   1 
ATOM   560  C  CA  . PRO A 1 69  ? 9.800   3.141   8.559   1.00 6.32  ? 1114 PRO A CA  1 
ATOM   561  C  C   . PRO A 1 69  ? 9.888   3.115   7.035   1.00 5.79  ? 1114 PRO A C   1 
ATOM   562  O  O   . PRO A 1 69  ? 8.846   3.024   6.372   1.00 5.48  ? 1114 PRO A O   1 
ATOM   563  C  CB  . PRO A 1 69  ? 9.613   4.567   9.077   1.00 6.74  ? 1114 PRO A CB  1 
ATOM   564  C  CG  . PRO A 1 69  ? 10.973  4.997   9.476   1.00 7.03  ? 1114 PRO A CG  1 
ATOM   565  C  CD  . PRO A 1 69  ? 11.582  3.771   10.080  1.00 6.85  ? 1114 PRO A CD  1 
ATOM   566  N  N   . TRP A 1 70  ? 11.090  3.189   6.458   1.00 5.53  ? 1115 TRP A N   1 
ATOM   567  C  CA  . TRP A 1 70  ? 11.167  3.093   5.004   1.00 5.53  ? 1115 TRP A CA  1 
ATOM   568  C  C   . TRP A 1 70  ? 10.756  1.711   4.502   1.00 5.40  ? 1115 TRP A C   1 
ATOM   569  O  O   . TRP A 1 70  ? 10.416  1.585   3.329   1.00 5.24  ? 1115 TRP A O   1 
ATOM   570  C  CB  . TRP A 1 70  ? 12.543  3.484   4.464   1.00 5.79  ? 1115 TRP A CB  1 
ATOM   571  C  CG  . TRP A 1 70  ? 12.857  4.942   4.641   1.00 6.05  ? 1115 TRP A CG  1 
ATOM   572  C  CD1 . TRP A 1 70  ? 13.763  5.480   5.505   1.00 6.26  ? 1115 TRP A CD1 1 
ATOM   573  C  CD2 . TRP A 1 70  ? 12.259  6.050   3.954   1.00 6.41  ? 1115 TRP A CD2 1 
ATOM   574  N  NE1 . TRP A 1 70  ? 13.770  6.845   5.408   1.00 6.69  ? 1115 TRP A NE1 1 
ATOM   575  C  CE2 . TRP A 1 70  ? 12.862  7.227   4.462   1.00 6.67  ? 1115 TRP A CE2 1 
ATOM   576  C  CE3 . TRP A 1 70  ? 11.277  6.169   2.972   1.00 6.63  ? 1115 TRP A CE3 1 
ATOM   577  C  CZ2 . TRP A 1 70  ? 12.515  8.498   4.023   1.00 7.31  ? 1115 TRP A CZ2 1 
ATOM   578  C  CZ3 . TRP A 1 70  ? 10.937  7.437   2.529   1.00 7.12  ? 1115 TRP A CZ3 1 
ATOM   579  C  CH2 . TRP A 1 70  ? 11.560  8.586   3.056   1.00 7.32  ? 1115 TRP A CH2 1 
ATOM   580  N  N   . GLN A 1 71  ? 10.762  0.688   5.356   1.00 5.45  ? 1116 GLN A N   1 
ATOM   581  C  CA  . GLN A 1 71  ? 10.284  -0.628  4.920   1.00 5.44  ? 1116 GLN A CA  1 
ATOM   582  C  C   . GLN A 1 71  ? 8.770   -0.592  4.676   1.00 5.07  ? 1116 GLN A C   1 
ATOM   583  O  O   . GLN A 1 71  ? 8.248   -1.303  3.808   1.00 4.98  ? 1116 GLN A O   1 
ATOM   584  C  CB  . GLN A 1 71  ? 10.628  -1.697  5.943   1.00 6.13  ? 1116 GLN A CB  1 
ATOM   585  C  CG  . GLN A 1 71  ? 12.120  -1.901  6.098   1.00 7.00  ? 1116 GLN A CG  1 
ATOM   586  C  CD  . GLN A 1 71  ? 12.436  -2.884  7.190   1.00 8.03  ? 1116 GLN A CD  1 
ATOM   587  O  OE1 . GLN A 1 71  ? 11.872  -2.799  8.277   1.00 10.11 ? 1116 GLN A OE1 1 
ATOM   588  N  NE2 . GLN A 1 71  ? 13.325  -3.828  6.914   1.00 9.70  ? 1116 GLN A NE2 1 
ATOM   589  N  N   . TYR A 1 72  ? 8.053   0.195   5.478   1.00 4.85  ? 1117 TYR A N   1 
ATOM   590  C  CA  . TYR A 1 72  ? 6.621   0.411   5.286   1.00 4.74  ? 1117 TYR A CA  1 
ATOM   591  C  C   . TYR A 1 72  ? 6.386   1.158   3.978   1.00 4.51  ? 1117 TYR A C   1 
ATOM   592  O  O   . TYR A 1 72  ? 5.532   0.769   3.169   1.00 4.39  ? 1117 TYR A O   1 
ATOM   593  C  CB  . TYR A 1 72  ? 6.054   1.183   6.496   1.00 4.85  ? 1117 TYR A CB  1 
ATOM   594  C  CG  . TYR A 1 72  ? 4.727   1.859   6.253   1.00 4.98  ? 1117 TYR A CG  1 
ATOM   595  C  CD1 . TYR A 1 72  ? 3.542   1.141   6.265   1.00 5.08  ? 1117 TYR A CD1 1 
ATOM   596  C  CD2 . TYR A 1 72  ? 4.661   3.227   6.029   1.00 5.14  ? 1117 TYR A CD2 1 
ATOM   597  C  CE1 . TYR A 1 72  ? 2.327   1.765   6.055   1.00 5.21  ? 1117 TYR A CE1 1 
ATOM   598  C  CE2 . TYR A 1 72  ? 3.443   3.861   5.823   1.00 5.22  ? 1117 TYR A CE2 1 
ATOM   599  C  CZ  . TYR A 1 72  ? 2.280   3.119   5.827   1.00 5.19  ? 1117 TYR A CZ  1 
ATOM   600  O  OH  . TYR A 1 72  ? 1.043   3.697   5.625   1.00 5.54  ? 1117 TYR A OH  1 
ATOM   601  N  N   . VAL A 1 73  ? 7.146   2.224   3.755   1.00 4.41  ? 1118 VAL A N   1 
ATOM   602  C  CA  . VAL A 1 73  ? 7.065   2.958   2.495   1.00 4.46  ? 1118 VAL A CA  1 
ATOM   603  C  C   . VAL A 1 73  ? 7.311   2.005   1.313   1.00 4.25  ? 1118 VAL A C   1 
ATOM   604  O  O   . VAL A 1 73  ? 6.595   2.071   0.309   1.00 4.13  ? 1118 VAL A O   1 
ATOM   605  C  CB  . VAL A 1 73  ? 8.043   4.150   2.477   1.00 4.61  ? 1118 VAL A CB  1 
ATOM   606  C  CG1 . VAL A 1 73  ? 8.045   4.834   1.122   1.00 4.79  ? 1118 VAL A CG1 1 
ATOM   607  C  CG2 . VAL A 1 73  ? 7.677   5.151   3.568   1.00 4.75  ? 1118 VAL A CG2 1 
ATOM   608  N  N   . ASP A 1 74  ? 8.296   1.126   1.431   1.00 4.19  ? 1119 ASP A N   1 
ATOM   609  C  CA  . ASP A 1 74  ? 8.560   0.183   0.349   1.00 4.28  ? 1119 ASP A CA  1 
ATOM   610  C  C   . ASP A 1 74  ? 7.341   -0.685  0.041   1.00 4.15  ? 1119 ASP A C   1 
ATOM   611  O  O   . ASP A 1 74  ? 7.033   -0.893  -1.132  1.00 4.23  ? 1119 ASP A O   1 
ATOM   612  C  CB  . ASP A 1 74  ? 9.739   -0.733  0.681   1.00 4.52  ? 1119 ASP A CB  1 
ATOM   613  C  CG  . ASP A 1 74  ? 11.089  -0.074  0.495   1.00 4.83  ? 1119 ASP A CG  1 
ATOM   614  O  OD1 . ASP A 1 74  ? 11.174  1.157   0.320   1.00 5.26  ? 1119 ASP A OD1 1 
ATOM   615  O  OD2 . ASP A 1 74  ? 12.089  -0.844  0.528   1.00 5.33  ? 1119 ASP A OD2 1 
ATOM   616  N  N   . ASP A 1 75  ? 6.656   -1.191  1.062   1.00 4.19  ? 1120 ASP A N   1 
ATOM   617  C  CA  . ASP A 1 75  ? 5.487   -2.027  0.778   1.00 4.29  ? 1120 ASP A CA  1 
ATOM   618  C  C   . ASP A 1 75  ? 4.358   -1.228  0.127   1.00 4.07  ? 1120 ASP A C   1 
ATOM   619  O  O   . ASP A 1 75  ? 3.692   -1.725  -0.785  1.00 4.01  ? 1120 ASP A O   1 
ATOM   620  C  CB  . ASP A 1 75  ? 4.969   -2.725  2.035   1.00 4.73  ? 1120 ASP A CB  1 
ATOM   621  C  CG  . ASP A 1 75  ? 5.639   -4.059  2.306   1.00 5.27  ? 1120 ASP A CG  1 
ATOM   622  O  OD1 . ASP A 1 75  ? 6.317   -4.619  1.414   1.00 6.09  ? 1120 ASP A OD1 1 
ATOM   623  O  OD2 . ASP A 1 75  ? 5.452   -4.555  3.444   1.00 5.97  ? 1120 ASP A OD2 1 
ATOM   624  N  N   . ILE A 1 76  ? 4.137   0.001   0.584   1.00 4.11  ? 1121 ILE A N   1 
ATOM   625  C  CA  . ILE A 1 76  ? 3.136   0.853   -0.037  1.00 4.27  ? 1121 ILE A CA  1 
ATOM   626  C  C   . ILE A 1 76  ? 3.457   1.034   -1.527  1.00 4.22  ? 1121 ILE A C   1 
ATOM   627  O  O   . ILE A 1 76  ? 2.592   0.883   -2.399  1.00 3.98  ? 1121 ILE A O   1 
ATOM   628  C  CB  . ILE A 1 76  ? 3.069   2.214   0.676   1.00 4.49  ? 1121 ILE A CB  1 
ATOM   629  C  CG1 . ILE A 1 76  ? 2.518   2.077   2.108   1.00 4.72  ? 1121 ILE A CG1 1 
ATOM   630  C  CG2 . ILE A 1 76  ? 2.265   3.216   -0.136  1.00 4.67  ? 1121 ILE A CG2 1 
ATOM   631  C  CD1 . ILE A 1 76  ? 1.016   1.955   2.226   1.00 4.94  ? 1121 ILE A CD1 1 
ATOM   632  N  N   . TRP A 1 77  ? 4.720   1.345   -1.810  1.00 4.28  ? 1122 TRP A N   1 
ATOM   633  C  CA  . TRP A 1 77  ? 5.101   1.661   -3.179  1.00 4.61  ? 1122 TRP A CA  1 
ATOM   634  C  C   . TRP A 1 77  ? 5.112   0.413   -4.064  1.00 4.44  ? 1122 TRP A C   1 
ATOM   635  O  O   . TRP A 1 77  ? 4.824   0.498   -5.249  1.00 4.69  ? 1122 TRP A O   1 
ATOM   636  C  CB  . TRP A 1 77  ? 6.452   2.398   -3.221  1.00 4.89  ? 1122 TRP A CB  1 
ATOM   637  C  CG  . TRP A 1 77  ? 6.446   3.461   -4.263  1.00 5.63  ? 1122 TRP A CG  1 
ATOM   638  C  CD1 . TRP A 1 77  ? 7.177   3.494   -5.413  1.00 6.11  ? 1122 TRP A CD1 1 
ATOM   639  C  CD2 . TRP A 1 77  ? 5.589   4.605   -4.297  1.00 6.23  ? 1122 TRP A CD2 1 
ATOM   640  N  NE1 . TRP A 1 77  ? 6.846   4.606   -6.151  1.00 6.54  ? 1122 TRP A NE1 1 
ATOM   641  C  CE2 . TRP A 1 77  ? 5.871   5.303   -5.488  1.00 6.59  ? 1122 TRP A CE2 1 
ATOM   642  C  CE3 . TRP A 1 77  ? 4.627   5.125   -3.420  1.00 6.68  ? 1122 TRP A CE3 1 
ATOM   643  C  CZ2 . TRP A 1 77  ? 5.219   6.483   -5.830  1.00 7.10  ? 1122 TRP A CZ2 1 
ATOM   644  C  CZ3 . TRP A 1 77  ? 3.980   6.304   -3.767  1.00 7.07  ? 1122 TRP A CZ3 1 
ATOM   645  C  CH2 . TRP A 1 77  ? 4.285   6.967   -4.961  1.00 7.27  ? 1122 TRP A CH2 1 
ATOM   646  N  N   . LEU A 1 78  ? 5.430   -0.734  -3.480  1.00 4.35  ? 1123 LEU A N   1 
ATOM   647  C  CA  . LEU A 1 78  ? 5.335   -2.005  -4.187  1.00 4.44  ? 1123 LEU A CA  1 
ATOM   648  C  C   . LEU A 1 78  ? 3.895   -2.285  -4.615  1.00 4.30  ? 1123 LEU A C   1 
ATOM   649  O  O   . LEU A 1 78  ? 3.629   -2.656  -5.763  1.00 4.38  ? 1123 LEU A O   1 
ATOM   650  C  CB  . LEU A 1 78  ? 5.844   -3.133  -3.288  1.00 4.55  ? 1123 LEU A CB  1 
ATOM   651  C  CG  . LEU A 1 78  ? 5.670   -4.549  -3.830  1.00 4.73  ? 1123 LEU A CG  1 
ATOM   652  C  CD1 . LEU A 1 78  ? 6.428   -4.770  -5.133  1.00 4.83  ? 1123 LEU A CD1 1 
ATOM   653  C  CD2 . LEU A 1 78  ? 6.119   -5.550  -2.782  1.00 4.86  ? 1123 LEU A CD2 1 
ATOM   654  N  N   . MET A 1 79  ? 2.959   -2.097  -3.692  1.00 4.31  ? 1124 MET A N   1 
ATOM   655  C  CA  . MET A 1 79  ? 1.540   -2.241  -4.006  1.00 4.50  ? 1124 MET A CA  1 
ATOM   656  C  C   . MET A 1 79  ? 1.148   -1.362  -5.199  1.00 4.38  ? 1124 MET A C   1 
ATOM   657  O  O   . MET A 1 79  ? 0.467   -1.820  -6.135  1.00 4.29  ? 1124 MET A O   1 
ATOM   658  C  CB  . MET A 1 79  ? 0.728   -1.872  -2.764  1.00 4.75  ? 1124 MET A CB  1 
ATOM   659  C  CG  . MET A 1 79  ? -0.763  -1.770  -2.986  1.00 5.21  ? 1124 MET A CG  1 
ATOM   660  S  SD  . MET A 1 79  ? -1.675  -1.340  -1.494  1.00 6.06  ? 1124 MET A SD  1 
ATOM   661  C  CE  . MET A 1 79  ? -0.972  0.275   -1.084  1.00 6.45  ? 1124 MET A CE  1 
ATOM   662  N  N   . PHE A 1 80  ? 1.563   -0.097  -5.171  1.00 4.38  ? 1125 PHE A N   1 
ATOM   663  C  CA  . PHE A 1 80  ? 1.224   0.799   -6.277  1.00 4.57  ? 1125 PHE A CA  1 
ATOM   664  C  C   . PHE A 1 80  ? 1.926   0.381   -7.573  1.00 4.52  ? 1125 PHE A C   1 
ATOM   665  O  O   . PHE A 1 80  ? 1.298   0.366   -8.631  1.00 4.59  ? 1125 PHE A O   1 
ATOM   666  C  CB  . PHE A 1 80  ? 1.554   2.257   -5.953  1.00 4.90  ? 1125 PHE A CB  1 
ATOM   667  C  CG  . PHE A 1 80  ? 0.776   2.844   -4.795  1.00 5.25  ? 1125 PHE A CG  1 
ATOM   668  C  CD1 . PHE A 1 80  ? -0.550  2.513   -4.535  1.00 5.64  ? 1125 PHE A CD1 1 
ATOM   669  C  CD2 . PHE A 1 80  ? 1.373   3.791   -3.984  1.00 5.67  ? 1125 PHE A CD2 1 
ATOM   670  C  CE1 . PHE A 1 80  ? -1.236  3.107   -3.486  1.00 6.05  ? 1125 PHE A CE1 1 
ATOM   671  C  CE2 . PHE A 1 80  ? 0.690   4.387   -2.938  1.00 5.95  ? 1125 PHE A CE2 1 
ATOM   672  C  CZ  . PHE A 1 80  ? -0.612  4.045   -2.695  1.00 6.14  ? 1125 PHE A CZ  1 
ATOM   673  N  N   . ASN A 1 81  ? 3.206   0.042   -7.504  1.00 4.66  ? 1126 ASN A N   1 
ATOM   674  C  CA  . ASN A 1 81  ? 3.908   -0.378  -8.703  1.00 4.84  ? 1126 ASN A CA  1 
ATOM   675  C  C   . ASN A 1 81  ? 3.301   -1.620  -9.336  1.00 4.71  ? 1126 ASN A C   1 
ATOM   676  O  O   . ASN A 1 81  ? 3.232   -1.716  -10.568 1.00 4.95  ? 1126 ASN A O   1 
ATOM   677  C  CB  . ASN A 1 81  ? 5.404   -0.549  -8.442  1.00 5.13  ? 1126 ASN A CB  1 
ATOM   678  C  CG  . ASN A 1 81  ? 6.183   0.703   -8.764  1.00 5.48  ? 1126 ASN A CG  1 
ATOM   679  O  OD1 . ASN A 1 81  ? 5.969   1.311   -9.818  1.00 6.39  ? 1126 ASN A OD1 1 
ATOM   680  N  ND2 . ASN A 1 81  ? 7.085   1.100   -7.883  1.00 5.86  ? 1126 ASN A ND2 1 
ATOM   681  N  N   . ASN A 1 82  ? 2.837   -2.559  -8.515  1.00 4.66  ? 1127 ASN A N   1 
ATOM   682  C  CA  . ASN A 1 82  ? 2.177   -3.730  -9.060  1.00 4.74  ? 1127 ASN A CA  1 
ATOM   683  C  C   . ASN A 1 82  ? 0.936   -3.347  -9.859  1.00 4.76  ? 1127 ASN A C   1 
ATOM   684  O  O   . ASN A 1 82  ? 0.687   -3.880  -10.957 1.00 4.95  ? 1127 ASN A O   1 
ATOM   685  C  CB  . ASN A 1 82  ? 1.776   -4.679  -7.942  1.00 4.84  ? 1127 ASN A CB  1 
ATOM   686  C  CG  . ASN A 1 82  ? 2.956   -5.346  -7.266  1.00 4.94  ? 1127 ASN A CG  1 
ATOM   687  O  OD1 . ASN A 1 82  ? 4.068   -5.388  -7.781  1.00 5.29  ? 1127 ASN A OD1 1 
ATOM   688  N  ND2 . ASN A 1 82  ? 2.700   -5.901  -6.090  1.00 5.24  ? 1127 ASN A ND2 1 
ATOM   689  N  N   . ALA A 1 83  ? 0.151   -2.420  -9.319  1.00 4.63  ? 1128 ALA A N   1 
ATOM   690  C  CA  . ALA A 1 83  ? -1.088  -2.009  -9.984  1.00 4.74  ? 1128 ALA A CA  1 
ATOM   691  C  C   . ALA A 1 83  ? -0.812  -1.214  -11.254 1.00 4.83  ? 1128 ALA A C   1 
ATOM   692  O  O   . ALA A 1 83  ? -1.480  -1.406  -12.283 1.00 5.02  ? 1128 ALA A O   1 
ATOM   693  C  CB  . ALA A 1 83  ? -1.978  -1.214  -9.035  1.00 4.87  ? 1128 ALA A CB  1 
ATOM   694  N  N   . TRP A 1 84  ? 0.174   -0.324  -11.191 1.00 5.01  ? 1129 TRP A N   1 
ATOM   695  C  CA  . TRP A 1 84  ? 0.554   0.442   -12.382 1.00 5.39  ? 1129 TRP A CA  1 
ATOM   696  C  C   . TRP A 1 84  ? 1.135   -0.459  -13.469 1.00 5.58  ? 1129 TRP A C   1 
ATOM   697  O  O   . TRP A 1 84  ? 0.945   -0.191  -14.658 1.00 6.24  ? 1129 TRP A O   1 
ATOM   698  C  CB  . TRP A 1 84  ? 1.551   1.545   -12.035 1.00 5.53  ? 1129 TRP A CB  1 
ATOM   699  C  CG  . TRP A 1 84  ? 1.009   2.715   -11.285 1.00 5.78  ? 1129 TRP A CG  1 
ATOM   700  C  CD1 . TRP A 1 84  ? -0.173  3.368   -11.481 1.00 6.03  ? 1129 TRP A CD1 1 
ATOM   701  C  CD2 . TRP A 1 84  ? 1.691   3.428   -10.249 1.00 5.92  ? 1129 TRP A CD2 1 
ATOM   702  N  NE1 . TRP A 1 84  ? -0.282  4.428   -10.610 1.00 6.12  ? 1129 TRP A NE1 1 
ATOM   703  C  CE2 . TRP A 1 84  ? 0.861   4.491   -9.851  1.00 6.18  ? 1129 TRP A CE2 1 
ATOM   704  C  CE3 . TRP A 1 84  ? 2.934   3.273   -9.625  1.00 6.06  ? 1129 TRP A CE3 1 
ATOM   705  C  CZ2 . TRP A 1 84  ? 1.234   5.388   -8.844  1.00 6.44  ? 1129 TRP A CZ2 1 
ATOM   706  C  CZ3 . TRP A 1 84  ? 3.301   4.164   -8.631  1.00 6.31  ? 1129 TRP A CZ3 1 
ATOM   707  C  CH2 . TRP A 1 84  ? 2.456   5.202   -8.249  1.00 6.54  ? 1129 TRP A CH2 1 
ATOM   708  N  N   . LEU A 1 85  ? 1.841   -1.514  -13.071 1.00 5.74  ? 1130 LEU A N   1 
ATOM   709  C  CA  . LEU A 1 85  ? 2.405   -2.450  -14.036 1.00 6.24  ? 1130 LEU A CA  1 
ATOM   710  C  C   . LEU A 1 85  ? 1.306   -3.248  -14.721 1.00 5.86  ? 1130 LEU A C   1 
ATOM   711  O  O   . LEU A 1 85  ? 1.257   -3.321  -15.958 1.00 6.33  ? 1130 LEU A O   1 
ATOM   712  C  CB  . LEU A 1 85  ? 3.378   -3.414  -13.351 1.00 7.07  ? 1130 LEU A CB  1 
ATOM   713  C  CG  . LEU A 1 85  ? 3.860   -4.586  -14.219 1.00 8.27  ? 1130 LEU A CG  1 
ATOM   714  C  CD1 . LEU A 1 85  ? 4.673   -4.087  -15.401 1.00 8.80  ? 1130 LEU A CD1 1 
ATOM   715  C  CD2 . LEU A 1 85  ? 4.672   -5.574  -13.400 1.00 8.84  ? 1130 LEU A CD2 1 
ATOM   716  N  N   . TYR A 1 86  ? 0.427   -3.859  -13.937 1.00 5.58  ? 1131 TYR A N   1 
ATOM   717  C  CA  . TYR A 1 86  ? -0.510  -4.815  -14.495 1.00 5.70  ? 1131 TYR A CA  1 
ATOM   718  C  C   . TYR A 1 86  ? -1.613  -4.166  -15.329 1.00 5.79  ? 1131 TYR A C   1 
ATOM   719  O  O   . TYR A 1 86  ? -2.091  -4.763  -16.290 1.00 6.01  ? 1131 TYR A O   1 
ATOM   720  C  CB  . TYR A 1 86  ? -1.120  -5.705  -13.386 1.00 5.68  ? 1131 TYR A CB  1 
ATOM   721  C  CG  . TYR A 1 86  ? -1.882  -6.847  -14.001 1.00 5.94  ? 1131 TYR A CG  1 
ATOM   722  C  CD1 . TYR A 1 86  ? -1.202  -7.928  -14.539 1.00 6.16  ? 1131 TYR A CD1 1 
ATOM   723  C  CD2 . TYR A 1 86  ? -3.267  -6.804  -14.139 1.00 6.12  ? 1131 TYR A CD2 1 
ATOM   724  C  CE1 . TYR A 1 86  ? -1.873  -8.949  -15.175 1.00 6.53  ? 1131 TYR A CE1 1 
ATOM   725  C  CE2 . TYR A 1 86  ? -3.948  -7.826  -14.769 1.00 6.61  ? 1131 TYR A CE2 1 
ATOM   726  C  CZ  . TYR A 1 86  ? -3.241  -8.890  -15.290 1.00 6.75  ? 1131 TYR A CZ  1 
ATOM   727  O  OH  . TYR A 1 86  ? -3.927  -9.892  -15.934 1.00 7.54  ? 1131 TYR A OH  1 
ATOM   728  N  N   . ASN A 1 87  ? -1.999  -2.955  -14.956 1.00 5.99  ? 1132 ASN A N   1 
ATOM   729  C  CA  . ASN A 1 87  ? -3.165  -2.303  -15.533 1.00 6.43  ? 1132 ASN A CA  1 
ATOM   730  C  C   . ASN A 1 87  ? -2.780  -1.197  -16.489 1.00 7.07  ? 1132 ASN A C   1 
ATOM   731  O  O   . ASN A 1 87  ? -1.698  -0.633  -16.399 1.00 7.71  ? 1132 ASN A O   1 
ATOM   732  C  CB  . ASN A 1 87  ? -4.058  -1.788  -14.412 1.00 6.44  ? 1132 ASN A CB  1 
ATOM   733  C  CG  . ASN A 1 87  ? -4.501  -2.907  -13.500 1.00 6.25  ? 1132 ASN A CG  1 
ATOM   734  O  OD1 . ASN A 1 87  ? -5.444  -3.644  -13.823 1.00 7.03  ? 1132 ASN A OD1 1 
ATOM   735  N  ND2 . ASN A 1 87  ? -3.818  -3.055  -12.367 1.00 6.15  ? 1132 ASN A ND2 1 
ATOM   736  N  N   . ARG A 1 88  ? -3.682  -0.890  -17.418 1.00 7.85  ? 1133 ARG A N   1 
ATOM   737  C  CA  . ARG A 1 88  ? -3.432  0.152   -18.405 1.00 8.74  ? 1133 ARG A CA  1 
ATOM   738  C  C   . ARG A 1 88  ? -3.641  1.527   -17.794 1.00 8.52  ? 1133 ARG A C   1 
ATOM   739  O  O   . ARG A 1 88  ? -4.458  1.700   -16.891 1.00 7.86  ? 1133 ARG A O   1 
ATOM   740  C  CB  . ARG A 1 88  ? -4.345  -0.016  -19.616 1.00 10.34 ? 1133 ARG A CB  1 
ATOM   741  C  CG  . ARG A 1 88  ? -4.063  -1.267  -20.425 1.00 12.34 ? 1133 ARG A CG  1 
ATOM   742  C  CD  . ARG A 1 88  ? -4.849  -1.246  -21.725 1.00 14.48 ? 1133 ARG A CD  1 
ATOM   743  N  NE  . ARG A 1 88  ? -4.631  -2.436  -22.543 1.00 17.23 ? 1133 ARG A NE  1 
ATOM   744  C  CZ  . ARG A 1 88  ? -5.329  -2.743  -23.637 1.00 19.11 ? 1133 ARG A CZ  1 
ATOM   745  N  NH1 . ARG A 1 88  ? -6.310  -1.952  -24.065 1.00 20.11 ? 1133 ARG A NH1 1 
ATOM   746  N  NH2 . ARG A 1 88  ? -5.044  -3.855  -24.308 1.00 20.27 ? 1133 ARG A NH2 1 
ATOM   747  N  N   . LYS A 1 89  ? -2.936  2.517   -18.336 1.00 9.18  ? 1134 LYS A N   1 
ATOM   748  C  CA  . LYS A 1 89  ? -3.015  3.886   -17.839 1.00 10.02 ? 1134 LYS A CA  1 
ATOM   749  C  C   . LYS A 1 89  ? -4.438  4.440   -17.869 1.00 9.73  ? 1134 LYS A C   1 
ATOM   750  O  O   . LYS A 1 89  ? -4.789  5.259   -17.033 1.00 9.91  ? 1134 LYS A O   1 
ATOM   751  C  CB  . LYS A 1 89  ? -2.090  4.807   -18.639 1.00 11.15 ? 1134 LYS A CB  1 
ATOM   752  C  CG  . LYS A 1 89  ? -0.609  4.517   -18.458 1.00 12.60 ? 1134 LYS A CG  1 
ATOM   753  C  CD  . LYS A 1 89  ? 0.250   5.514   -19.221 1.00 14.23 ? 1134 LYS A CD  1 
ATOM   754  C  CE  . LYS A 1 89  ? 1.732   5.247   -19.015 1.00 15.42 ? 1134 LYS A CE  1 
ATOM   755  N  NZ  . LYS A 1 89  ? 2.586   6.301   -19.625 1.00 16.46 ? 1134 LYS A NZ  1 
ATOM   756  N  N   . THR A 1 90  ? -5.260  3.993   -18.817 1.00 9.55  ? 1135 THR A N   1 
ATOM   757  C  CA  . THR A 1 90  ? -6.640  4.475   -18.935 1.00 9.91  ? 1135 THR A CA  1 
ATOM   758  C  C   . THR A 1 90  ? -7.614  3.776   -17.982 1.00 8.90  ? 1135 THR A C   1 
ATOM   759  O  O   . THR A 1 90  ? -8.766  4.194   -17.881 1.00 9.74  ? 1135 THR A O   1 
ATOM   760  C  CB  . THR A 1 90  ? -7.174  4.297   -20.373 1.00 10.79 ? 1135 THR A CB  1 
ATOM   761  O  OG1 . THR A 1 90  ? -7.009  2.935   -20.773 1.00 12.10 ? 1135 THR A OG1 1 
ATOM   762  C  CG2 . THR A 1 90  ? -6.451  5.207   -21.342 1.00 11.33 ? 1135 THR A CG2 1 
ATOM   763  N  N   . SER A 1 91  ? -7.177  2.724   -17.290 1.00 7.78  ? 1136 SER A N   1 
ATOM   764  C  CA  . SER A 1 91  ? -8.092  1.921   -16.487 1.00 7.00  ? 1136 SER A CA  1 
ATOM   765  C  C   . SER A 1 91  ? -8.450  2.576   -15.160 1.00 6.67  ? 1136 SER A C   1 
ATOM   766  O  O   . SER A 1 91  ? -7.681  3.377   -14.610 1.00 6.47  ? 1136 SER A O   1 
ATOM   767  C  CB  . SER A 1 91  ? -7.506  0.529   -16.234 1.00 6.89  ? 1136 SER A CB  1 
ATOM   768  O  OG  . SER A 1 91  ? -6.412  0.564   -15.331 1.00 6.64  ? 1136 SER A OG  1 
ATOM   769  N  N   . ARG A 1 92  ? -9.607  2.194   -14.640 1.00 6.35  ? 1137 ARG A N   1 
ATOM   770  C  CA  . ARG A 1 92  ? -10.053 2.687   -13.348 1.00 6.36  ? 1137 ARG A CA  1 
ATOM   771  C  C   . ARG A 1 92  ? -9.056  2.366   -12.249 1.00 5.97  ? 1137 ARG A C   1 
ATOM   772  O  O   . ARG A 1 92  ? -8.728  3.228   -11.423 1.00 5.93  ? 1137 ARG A O   1 
ATOM   773  C  CB  . ARG A 1 92  ? -11.407 2.095   -12.997 1.00 6.75  ? 1137 ARG A CB  1 
ATOM   774  C  CG  . ARG A 1 92  ? -12.006 2.621   -11.705 1.00 7.12  ? 1137 ARG A CG  1 
ATOM   775  C  CD  . ARG A 1 92  ? -13.326 1.933   -11.401 1.00 7.55  ? 1137 ARG A CD  1 
ATOM   776  N  NE  . ARG A 1 92  ? -14.301 2.199   -12.461 1.00 8.01  ? 1137 ARG A NE  1 
ATOM   777  C  CZ  . ARG A 1 92  ? -15.208 3.172   -12.439 1.00 8.73  ? 1137 ARG A CZ  1 
ATOM   778  N  NH1 . ARG A 1 92  ? -15.330 3.977   -11.390 1.00 9.56  ? 1137 ARG A NH1 1 
ATOM   779  N  NH2 . ARG A 1 92  ? -16.004 3.338   -13.489 1.00 9.43  ? 1137 ARG A NH2 1 
ATOM   780  N  N   . VAL A 1 93  ? -8.583  1.126   -12.209 1.00 5.98  ? 1138 VAL A N   1 
ATOM   781  C  CA  . VAL A 1 93  ? -7.708  0.755   -11.108 1.00 6.29  ? 1138 VAL A CA  1 
ATOM   782  C  C   . VAL A 1 93  ? -6.380  1.523   -11.174 1.00 5.91  ? 1138 VAL A C   1 
ATOM   783  O  O   . VAL A 1 93  ? -5.838  1.888   -10.131 1.00 5.61  ? 1138 VAL A O   1 
ATOM   784  C  CB  . VAL A 1 93  ? -7.547  -0.766  -11.001 1.00 7.27  ? 1138 VAL A CB  1 
ATOM   785  C  CG1 . VAL A 1 93  ? -6.687  -1.301  -12.099 1.00 7.96  ? 1138 VAL A CG1 1 
ATOM   786  C  CG2 . VAL A 1 93  ? -7.013  -1.143  -9.637  1.00 7.98  ? 1138 VAL A CG2 1 
ATOM   787  N  N   . TYR A 1 94  ? -5.884  1.803   -12.374 1.00 5.92  ? 1139 TYR A N   1 
ATOM   788  C  CA  . TYR A 1 94  ? -4.662  2.590   -12.508 1.00 6.15  ? 1139 TYR A CA  1 
ATOM   789  C  C   . TYR A 1 94  ? -4.892  4.009   -11.984 1.00 6.20  ? 1139 TYR A C   1 
ATOM   790  O  O   . TYR A 1 94  ? -4.061  4.568   -11.250 1.00 6.14  ? 1139 TYR A O   1 
ATOM   791  C  CB  . TYR A 1 94  ? -4.230  2.605   -13.967 1.00 6.38  ? 1139 TYR A CB  1 
ATOM   792  C  CG  . TYR A 1 94  ? -2.860  3.172   -14.238 1.00 6.68  ? 1139 TYR A CG  1 
ATOM   793  C  CD1 . TYR A 1 94  ? -2.604  4.538   -14.150 1.00 7.06  ? 1139 TYR A CD1 1 
ATOM   794  C  CD2 . TYR A 1 94  ? -1.818  2.339   -14.633 1.00 6.87  ? 1139 TYR A CD2 1 
ATOM   795  C  CE1 . TYR A 1 94  ? -1.345  5.045   -14.425 1.00 7.43  ? 1139 TYR A CE1 1 
ATOM   796  C  CE2 . TYR A 1 94  ? -0.564  2.843   -14.925 1.00 7.32  ? 1139 TYR A CE2 1 
ATOM   797  C  CZ  . TYR A 1 94  ? -0.333  4.199   -14.815 1.00 7.55  ? 1139 TYR A CZ  1 
ATOM   798  O  OH  . TYR A 1 94  ? 0.914   4.711   -15.106 1.00 8.58  ? 1139 TYR A OH  1 
ATOM   799  N  N   . LYS A 1 95  ? -6.015  4.606   -12.360 1.00 6.59  ? 1140 LYS A N   1 
ATOM   800  C  CA  . LYS A 1 95  ? -6.325  5.952   -11.918 1.00 7.25  ? 1140 LYS A CA  1 
ATOM   801  C  C   . LYS A 1 95  ? -6.539  5.995   -10.400 1.00 6.43  ? 1140 LYS A C   1 
ATOM   802  O  O   . LYS A 1 95  ? -6.091  6.946   -9.736  1.00 6.25  ? 1140 LYS A O   1 
ATOM   803  C  CB  . LYS A 1 95  ? -7.527  6.500   -12.691 1.00 8.71  ? 1140 LYS A CB  1 
ATOM   804  C  CG  . LYS A 1 95  ? -7.186  6.769   -14.151 1.00 10.41 ? 1140 LYS A CG  1 
ATOM   805  C  CD  . LYS A 1 95  ? -8.403  6.991   -15.033 1.00 12.03 ? 1140 LYS A CD  1 
ATOM   806  C  CE  . LYS A 1 95  ? -7.991  7.367   -16.453 1.00 13.38 ? 1140 LYS A CE  1 
ATOM   807  N  NZ  . LYS A 1 95  ? -9.064  7.141   -17.461 1.00 14.37 ? 1140 LYS A NZ  1 
ATOM   808  N  N   . TYR A 1 96  ? -7.188  4.977   -9.842  1.00 6.01  ? 1141 TYR A N   1 
ATOM   809  C  CA  . TYR A 1 96  ? -7.355  4.914   -8.390  1.00 5.87  ? 1141 TYR A CA  1 
ATOM   810  C  C   . TYR A 1 96  ? -5.997  4.742   -7.698  1.00 5.68  ? 1141 TYR A C   1 
ATOM   811  O  O   . TYR A 1 96  ? -5.737  5.354   -6.653  1.00 5.86  ? 1141 TYR A O   1 
ATOM   812  C  CB  . TYR A 1 96  ? -8.301  3.769   -8.001  1.00 5.96  ? 1141 TYR A CB  1 
ATOM   813  C  CG  . TYR A 1 96  ? -9.774  3.992   -8.300  1.00 6.33  ? 1141 TYR A CG  1 
ATOM   814  C  CD1 . TYR A 1 96  ? -10.256 5.181   -8.841  1.00 6.62  ? 1141 TYR A CD1 1 
ATOM   815  C  CD2 . TYR A 1 96  ? -10.698 3.019   -7.969  1.00 6.63  ? 1141 TYR A CD2 1 
ATOM   816  C  CE1 . TYR A 1 96  ? -11.607 5.369   -9.070  1.00 7.01  ? 1141 TYR A CE1 1 
ATOM   817  C  CE2 . TYR A 1 96  ? -12.046 3.198   -8.181  1.00 7.07  ? 1141 TYR A CE2 1 
ATOM   818  C  CZ  . TYR A 1 96  ? -12.495 4.368   -8.725  1.00 7.13  ? 1141 TYR A CZ  1 
ATOM   819  O  OH  . TYR A 1 96  ? -13.844 4.506   -8.934  1.00 8.07  ? 1141 TYR A OH  1 
ATOM   820  N  N   . CYS A 1 97  ? -5.139  3.903   -8.275  1.00 5.56  ? 1142 CYS A N   1 
ATOM   821  C  CA  . CYS A 1 97  ? -3.787  3.742   -7.763  1.00 5.63  ? 1142 CYS A CA  1 
ATOM   822  C  C   . CYS A 1 97  ? -3.085  5.095   -7.690  1.00 5.61  ? 1142 CYS A C   1 
ATOM   823  O  O   . CYS A 1 97  ? -2.496  5.475   -6.660  1.00 5.82  ? 1142 CYS A O   1 
ATOM   824  C  CB  . CYS A 1 97  ? -2.997  2.808   -8.675  1.00 5.70  ? 1142 CYS A CB  1 
ATOM   825  S  SG  . CYS A 1 97  ? -1.391  2.423   -7.986  1.00 6.22  ? 1142 CYS A SG  1 
ATOM   826  N  N   . SER A 1 98  ? -3.145  5.838   -8.788  1.00 5.91  ? 1143 SER A N   1 
ATOM   827  C  CA  . SER A 1 98  ? -2.511  7.143   -8.810  1.00 6.41  ? 1143 SER A CA  1 
ATOM   828  C  C   . SER A 1 98  ? -3.077  8.081   -7.759  1.00 6.64  ? 1143 SER A C   1 
ATOM   829  O  O   . SER A 1 98  ? -2.319  8.778   -7.092  1.00 6.51  ? 1143 SER A O   1 
ATOM   830  C  CB  . SER A 1 98  ? -2.613  7.760   -10.198 1.00 6.68  ? 1143 SER A CB  1 
ATOM   831  O  OG  . SER A 1 98  ? -1.893  6.974   -11.124 1.00 7.11  ? 1143 SER A OG  1 
ATOM   832  N  N   . LYS A 1 99  ? -4.391  8.104   -7.605  1.00 6.96  ? 1144 LYS A N   1 
ATOM   833  C  CA  . LYS A 1 99  ? -5.010  8.954   -6.598  1.00 7.54  ? 1144 LYS A CA  1 
ATOM   834  C  C   . LYS A 1 99  ? -4.532  8.589   -5.195  1.00 6.76  ? 1144 LYS A C   1 
ATOM   835  O  O   . LYS A 1 99  ? -4.156  9.473   -4.403  1.00 6.72  ? 1144 LYS A O   1 
ATOM   836  C  CB  . LYS A 1 99  ? -6.529  8.874   -6.674  1.00 8.76  ? 1144 LYS A CB  1 
ATOM   837  C  CG  . LYS A 1 99  ? -7.213  9.828   -5.713  1.00 10.52 ? 1144 LYS A CG  1 
ATOM   838  C  CD  . LYS A 1 99  ? -8.626  10.154  -6.131  1.00 12.27 ? 1144 LYS A CD  1 
ATOM   839  C  CE  . LYS A 1 99  ? -9.340  10.955  -5.057  1.00 13.69 ? 1144 LYS A CE  1 
ATOM   840  N  NZ  . LYS A 1 99  ? -10.708 11.337  -5.484  1.00 14.65 ? 1144 LYS A NZ  1 
ATOM   841  N  N   . LEU A 1 100 ? -4.520  7.300   -4.872  1.00 6.48  ? 1145 LEU A N   1 
ATOM   842  C  CA  . LEU A 1 100 ? -4.001  6.880   -3.570  1.00 6.28  ? 1145 LEU A CA  1 
ATOM   843  C  C   . LEU A 1 100 ? -2.540  7.263   -3.391  1.00 5.81  ? 1145 LEU A C   1 
ATOM   844  O  O   . LEU A 1 100 ? -2.124  7.666   -2.294  1.00 5.42  ? 1145 LEU A O   1 
ATOM   845  C  CB  . LEU A 1 100 ? -4.154  5.378   -3.383  1.00 6.66  ? 1145 LEU A CB  1 
ATOM   846  C  CG  . LEU A 1 100 ? -5.573  4.828   -3.383  1.00 7.50  ? 1145 LEU A CG  1 
ATOM   847  C  CD1 . LEU A 1 100 ? -5.531  3.313   -3.334  1.00 8.11  ? 1145 LEU A CD1 1 
ATOM   848  C  CD2 . LEU A 1 100 ? -6.403  5.398   -2.236  1.00 7.88  ? 1145 LEU A CD2 1 
ATOM   849  N  N   . SER A 1 101 ? -1.757  7.111   -4.452  1.00 5.67  ? 1146 SER A N   1 
ATOM   850  C  CA  . SER A 1 101 ? -0.339  7.417   -4.363  1.00 5.77  ? 1146 SER A CA  1 
ATOM   851  C  C   . SER A 1 101 ? -0.102  8.901   -4.079  1.00 5.78  ? 1146 SER A C   1 
ATOM   852  O  O   . SER A 1 101 ? 0.844   9.252   -3.372  1.00 5.96  ? 1146 SER A O   1 
ATOM   853  C  CB  . SER A 1 101 ? 0.407   6.953   -5.611  1.00 5.84  ? 1146 SER A CB  1 
ATOM   854  O  OG  . SER A 1 101 ? 0.219   7.822   -6.703  1.00 6.22  ? 1146 SER A OG  1 
ATOM   855  N  N   . GLU A 1 102 ? -0.971  9.764   -4.600  1.00 5.98  ? 1147 GLU A N   1 
ATOM   856  C  CA  . GLU A 1 102 ? -0.883  11.198  -4.311  1.00 6.61  ? 1147 GLU A CA  1 
ATOM   857  C  C   . GLU A 1 102 ? -1.281  11.521  -2.882  1.00 6.32  ? 1147 GLU A C   1 
ATOM   858  O  O   . GLU A 1 102 ? -0.624  12.325  -2.230  1.00 6.19  ? 1147 GLU A O   1 
ATOM   859  C  CB  . GLU A 1 102 ? -1.728  12.004  -5.298  1.00 7.61  ? 1147 GLU A CB  1 
ATOM   860  C  CG  . GLU A 1 102 ? -1.210  11.962  -6.721  1.00 8.62  ? 1147 GLU A CG  1 
ATOM   861  C  CD  . GLU A 1 102 ? 0.129   12.640  -6.858  1.00 9.34  ? 1147 GLU A CD  1 
ATOM   862  O  OE1 . GLU A 1 102 ? 0.234   13.848  -6.562  1.00 10.08 ? 1147 GLU A OE1 1 
ATOM   863  O  OE2 . GLU A 1 102 ? 1.096   11.980  -7.272  1.00 11.11 ? 1147 GLU A OE2 1 
ATOM   864  N  N   . VAL A 1 103 ? -2.325  10.879  -2.376  1.00 6.09  ? 1148 VAL A N   1 
ATOM   865  C  CA  . VAL A 1 103 ? -2.675  11.024  -0.967  1.00 6.18  ? 1148 VAL A CA  1 
ATOM   866  C  C   . VAL A 1 103 ? -1.467  10.628  -0.112  1.00 5.74  ? 1148 VAL A C   1 
ATOM   867  O  O   . VAL A 1 103 ? -1.096  11.336  0.836   1.00 5.74  ? 1148 VAL A O   1 
ATOM   868  C  CB  . VAL A 1 103 ? -3.905  10.163  -0.601  1.00 6.59  ? 1148 VAL A CB  1 
ATOM   869  C  CG1 . VAL A 1 103 ? -4.157  10.164  0.901   1.00 6.83  ? 1148 VAL A CG1 1 
ATOM   870  C  CG2 . VAL A 1 103 ? -5.147  10.672  -1.327  1.00 6.87  ? 1148 VAL A CG2 1 
ATOM   871  N  N   . PHE A 1 104 ? -0.839  9.503   -0.460  1.00 5.44  ? 1149 PHE A N   1 
ATOM   872  C  CA  . PHE A 1 104 ? 0.313   9.024   0.302   1.00 5.51  ? 1149 PHE A CA  1 
ATOM   873  C  C   . PHE A 1 104 ? 1.481   10.010  0.212   1.00 5.89  ? 1149 PHE A C   1 
ATOM   874  O  O   . PHE A 1 104 ? 2.101   10.360  1.230   1.00 6.00  ? 1149 PHE A O   1 
ATOM   875  C  CB  . PHE A 1 104 ? 0.743   7.649   -0.193  1.00 5.47  ? 1149 PHE A CB  1 
ATOM   876  C  CG  . PHE A 1 104 ? 1.747   6.993   0.698   1.00 5.48  ? 1149 PHE A CG  1 
ATOM   877  C  CD1 . PHE A 1 104 ? 1.350   6.472   1.907   1.00 5.55  ? 1149 PHE A CD1 1 
ATOM   878  C  CD2 . PHE A 1 104 ? 3.090   6.933   0.352   1.00 5.73  ? 1149 PHE A CD2 1 
ATOM   879  C  CE1 . PHE A 1 104 ? 2.255   5.878   2.767   1.00 5.73  ? 1149 PHE A CE1 1 
ATOM   880  C  CE2 . PHE A 1 104 ? 4.002   6.337   1.205   1.00 5.85  ? 1149 PHE A CE2 1 
ATOM   881  C  CZ  . PHE A 1 104 ? 3.584   5.794   2.412   1.00 5.78  ? 1149 PHE A CZ  1 
ATOM   882  N  N   . GLU A 1 105 ? 1.793   10.444  -1.002  1.00 6.67  ? 1150 GLU A N   1 
ATOM   883  C  CA  . GLU A 1 105 ? 2.892   11.368  -1.216  1.00 7.70  ? 1150 GLU A CA  1 
ATOM   884  C  C   . GLU A 1 105 ? 2.760   12.607  -0.360  1.00 7.90  ? 1150 GLU A C   1 
ATOM   885  O  O   . GLU A 1 105 ? 3.748   13.096  0.203   1.00 9.42  ? 1150 GLU A O   1 
ATOM   886  C  CB  . GLU A 1 105 ? 2.949   11.797  -2.684  1.00 8.55  ? 1150 GLU A CB  1 
ATOM   887  C  CG  . GLU A 1 105 ? 3.562   10.790  -3.628  1.00 9.69  ? 1150 GLU A CG  1 
ATOM   888  C  CD  . GLU A 1 105 ? 5.065   10.686  -3.508  1.00 10.55 ? 1150 GLU A CD  1 
ATOM   889  O  OE1 . GLU A 1 105 ? 5.644   11.330  -2.609  1.00 11.89 ? 1150 GLU A OE1 1 
ATOM   890  O  OE2 . GLU A 1 105 ? 5.650   9.983   -4.356  1.00 12.41 ? 1150 GLU A OE2 1 
ATOM   891  N  N   . GLN A 1 106 ? 1.550   13.133  -0.270  1.00 7.69  ? 1151 GLN A N   1 
ATOM   892  C  CA  . GLN A 1 106 ? 1.346   14.376  0.453   1.00 7.80  ? 1151 GLN A CA  1 
ATOM   893  C  C   . GLN A 1 106 ? 1.455   14.217  1.944   1.00 7.50  ? 1151 GLN A C   1 
ATOM   894  O  O   . GLN A 1 106 ? 1.905   15.141  2.629   1.00 9.07  ? 1151 GLN A O   1 
ATOM   895  C  CB  . GLN A 1 106 ? -0.006  14.950  0.109   1.00 8.19  ? 1151 GLN A CB  1 
ATOM   896  C  CG  . GLN A 1 106 ? -0.046  15.440  -1.314  1.00 8.76  ? 1151 GLN A CG  1 
ATOM   897  C  CD  . GLN A 1 106 ? -1.407  15.937  -1.700  1.00 9.21  ? 1151 GLN A CD  1 
ATOM   898  O  OE1 . GLN A 1 106 ? -2.178  16.416  -0.862  1.00 10.22 ? 1151 GLN A OE1 1 
ATOM   899  N  NE2 . GLN A 1 106 ? -1.713  15.848  -2.976  1.00 9.37  ? 1151 GLN A NE2 1 
ATOM   900  N  N   . GLU A 1 107 ? 1.074   13.056  2.466   1.00 6.80  ? 1152 GLU A N   1 
ATOM   901  C  CA  . GLU A 1 107 ? 1.069   12.873  3.915   1.00 6.66  ? 1152 GLU A CA  1 
ATOM   902  C  C   . GLU A 1 107 ? 2.378   12.309  4.478   1.00 6.55  ? 1152 GLU A C   1 
ATOM   903  O  O   . GLU A 1 107 ? 2.630   12.450  5.673   1.00 6.60  ? 1152 GLU A O   1 
ATOM   904  C  CB  . GLU A 1 107 ? -0.084  11.967  4.332   1.00 6.73  ? 1152 GLU A CB  1 
ATOM   905  C  CG  . GLU A 1 107 ? 0.064   10.551  3.818   1.00 7.04  ? 1152 GLU A CG  1 
ATOM   906  C  CD  . GLU A 1 107 ? -1.029  9.607   4.255   1.00 7.15  ? 1152 GLU A CD  1 
ATOM   907  O  OE1 . GLU A 1 107 ? -1.821  9.939   5.160   1.00 8.41  ? 1152 GLU A OE1 1 
ATOM   908  O  OE2 . GLU A 1 107 ? -1.055  8.478   3.686   1.00 7.08  ? 1152 GLU A OE2 1 
ATOM   909  N  N   . ILE A 1 108 ? 3.188   11.644  3.663   1.00 6.71  ? 1153 ILE A N   1 
ATOM   910  C  CA  . ILE A 1 108 ? 4.228   10.796  4.243   1.00 6.97  ? 1153 ILE A CA  1 
ATOM   911  C  C   . ILE A 1 108 ? 5.445   11.580  4.766   1.00 7.58  ? 1153 ILE A C   1 
ATOM   912  O  O   . ILE A 1 108 ? 6.016   11.206  5.787   1.00 7.80  ? 1153 ILE A O   1 
ATOM   913  C  CB  . ILE A 1 108 ? 4.626   9.658   3.274   1.00 7.01  ? 1153 ILE A CB  1 
ATOM   914  C  CG1 . ILE A 1 108 ? 5.490   8.593   3.958   1.00 7.08  ? 1153 ILE A CG1 1 
ATOM   915  C  CG2 . ILE A 1 108 ? 5.341   10.194  2.045   1.00 7.10  ? 1153 ILE A CG2 1 
ATOM   916  C  CD1 . ILE A 1 108 ? 4.844   7.908   5.148   1.00 7.21  ? 1153 ILE A CD1 1 
ATOM   917  N  N   . ASP A 1 109 ? 5.847   12.669  4.117   1.00 8.77  ? 1154 ASP A N   1 
ATOM   918  C  CA  . ASP A 1 109 ? 7.109   13.301  4.546   1.00 10.05 ? 1154 ASP A CA  1 
ATOM   919  C  C   . ASP A 1 109 ? 7.090   13.950  5.916   1.00 9.91  ? 1154 ASP A C   1 
ATOM   920  O  O   . ASP A 1 109 ? 8.049   13.779  6.658   1.00 10.28 ? 1154 ASP A O   1 
ATOM   921  C  CB  . ASP A 1 109 ? 7.673   14.241  3.492   1.00 11.41 ? 1154 ASP A CB  1 
ATOM   922  C  CG  . ASP A 1 109 ? 8.200   13.479  2.305   1.00 12.68 ? 1154 ASP A CG  1 
ATOM   923  O  OD1 . ASP A 1 109 ? 9.165   12.708  2.487   1.00 14.72 ? 1154 ASP A OD1 1 
ATOM   924  O  OD2 . ASP A 1 109 ? 7.630   13.606  1.206   1.00 14.44 ? 1154 ASP A OD2 1 
ATOM   925  N  N   . PRO A 1 110 ? 6.007   14.662  6.279   1.00 10.02 ? 1155 PRO A N   1 
ATOM   926  C  CA  . PRO A 1 110 ? 6.019   15.196  7.640   1.00 10.20 ? 1155 PRO A CA  1 
ATOM   927  C  C   . PRO A 1 110 ? 6.148   14.087  8.678   1.00 9.95  ? 1155 PRO A C   1 
ATOM   928  O  O   . PRO A 1 110 ? 6.803   14.273  9.705   1.00 10.52 ? 1155 PRO A O   1 
ATOM   929  C  CB  . PRO A 1 110 ? 4.678   15.925  7.749   1.00 10.54 ? 1155 PRO A CB  1 
ATOM   930  C  CG  . PRO A 1 110 ? 4.371   16.307  6.342   1.00 10.73 ? 1155 PRO A CG  1 
ATOM   931  C  CD  . PRO A 1 110 ? 4.860   15.161  5.507   1.00 10.26 ? 1155 PRO A CD  1 
ATOM   932  N  N   . VAL A 1 111 ? 5.574   12.920  8.389   1.00 9.66  ? 1156 VAL A N   1 
ATOM   933  C  CA  . VAL A 1 111 ? 5.651   11.792  9.305   1.00 9.66  ? 1156 VAL A CA  1 
ATOM   934  C  C   . VAL A 1 111 ? 7.069   11.213  9.334   1.00 9.78  ? 1156 VAL A C   1 
ATOM   935  O  O   . VAL A 1 111 ? 7.632   10.982  10.404  1.00 10.52 ? 1156 VAL A O   1 
ATOM   936  C  CB  . VAL A 1 111 ? 4.608   10.723  8.925   1.00 9.76  ? 1156 VAL A CB  1 
ATOM   937  C  CG1 . VAL A 1 111 ? 4.780   9.469   9.765   1.00 10.00 ? 1156 VAL A CG1 1 
ATOM   938  C  CG2 . VAL A 1 111 ? 3.204   11.296  9.082   1.00 9.60  ? 1156 VAL A CG2 1 
ATOM   939  N  N   . MET A 1 112 ? 7.657   11.008  8.163   1.00 9.80  ? 1157 MET A N   1 
ATOM   940  C  CA  . MET A 1 112 ? 9.018   10.470  8.101   1.00 10.22 ? 1157 MET A CA  1 
ATOM   941  C  C   . MET A 1 112 ? 10.032  11.425  8.732   1.00 11.64 ? 1157 MET A C   1 
ATOM   942  O  O   . MET A 1 112 ? 10.964  10.989  9.419   1.00 12.55 ? 1157 MET A O   1 
ATOM   943  C  CB  . MET A 1 112 ? 9.404   10.160  6.662   1.00 9.85  ? 1157 MET A CB  1 
ATOM   944  C  CG  . MET A 1 112 ? 8.519   9.114   6.004   1.00 9.46  ? 1157 MET A CG  1 
ATOM   945  S  SD  . MET A 1 112 ? 8.499   7.504   6.823   1.00 9.18  ? 1157 MET A SD  1 
ATOM   946  C  CE  . MET A 1 112 ? 10.108  6.926   6.350   1.00 9.32  ? 1157 MET A CE  1 
ATOM   947  N  N   . GLN A 1 113 ? 9.836   12.725  8.523   1.00 13.29 ? 1158 GLN A N   1 
ATOM   948  C  CA  . GLN A 1 113 ? 10.735  13.727  9.096   1.00 15.27 ? 1158 GLN A CA  1 
ATOM   949  C  C   . GLN A 1 113 ? 10.691  13.711  10.620  1.00 16.04 ? 1158 GLN A C   1 
ATOM   950  O  O   . GLN A 1 113 ? 11.720  13.913  11.273  1.00 16.67 ? 1158 GLN A O   1 
ATOM   951  C  CB  . GLN A 1 113 ? 10.408  15.120  8.562   1.00 16.78 ? 1158 GLN A CB  1 
ATOM   952  C  CG  . GLN A 1 113 ? 10.905  15.349  7.143   1.00 18.42 ? 1158 GLN A CG  1 
ATOM   953  C  CD  . GLN A 1 113 ? 10.472  16.685  6.571   1.00 20.04 ? 1158 GLN A CD  1 
ATOM   954  O  OE1 . GLN A 1 113 ? 9.379   17.173  6.860   1.00 21.82 ? 1158 GLN A OE1 1 
ATOM   955  N  NE2 . GLN A 1 113 ? 11.324  17.280  5.743   1.00 21.12 ? 1158 GLN A NE2 1 
ATOM   956  N  N   . SER A 1 114 ? 9.511   13.454  11.180  1.00 16.32 ? 1159 SER A N   1 
ATOM   957  C  CA  A SER A 1 114 ? 9.342   13.391  12.628  0.50 16.85 ? 1159 SER A CA  1 
ATOM   958  C  CA  B SER A 1 114 ? 9.334   13.387  12.626  0.50 16.84 ? 1159 SER A CA  1 
ATOM   959  C  C   . SER A 1 114 ? 10.010  12.150  13.213  1.00 16.99 ? 1159 SER A C   1 
ATOM   960  O  O   . SER A 1 114 ? 10.554  12.199  14.315  1.00 18.21 ? 1159 SER A O   1 
ATOM   961  C  CB  A SER A 1 114 ? 7.858   13.413  13.002  0.50 17.00 ? 1159 SER A CB  1 
ATOM   962  C  CB  B SER A 1 114 ? 7.845   13.380  12.975  0.50 16.98 ? 1159 SER A CB  1 
ATOM   963  O  OG  A SER A 1 114 ? 7.217   12.198  12.653  0.50 17.31 ? 1159 SER A OG  1 
ATOM   964  O  OG  B SER A 1 114 ? 7.647   13.465  14.374  0.50 17.26 ? 1159 SER A OG  1 
ATOM   965  N  N   . LEU A 1 115 ? 9.968   11.040  12.477  1.00 17.00 ? 1160 LEU A N   1 
ATOM   966  C  CA  . LEU A 1 115 ? 10.595  9.796   12.928  1.00 16.72 ? 1160 LEU A CA  1 
ATOM   967  C  C   . LEU A 1 115 ? 12.117  9.853   12.844  1.00 18.00 ? 1160 LEU A C   1 
ATOM   968  O  O   . LEU A 1 115 ? 12.803  9.252   13.672  1.00 18.72 ? 1160 LEU A O   1 
ATOM   969  C  CB  . LEU A 1 115 ? 10.085  8.600   12.115  1.00 15.84 ? 1160 LEU A CB  1 
ATOM   970  C  CG  . LEU A 1 115 ? 8.659   8.141   12.420  1.00 15.37 ? 1160 LEU A CG  1 
ATOM   971  C  CD1 . LEU A 1 115 ? 8.162   7.179   11.352  1.00 14.94 ? 1160 LEU A CD1 1 
ATOM   972  C  CD2 . LEU A 1 115 ? 8.573   7.502   13.804  1.00 15.63 ? 1160 LEU A CD2 1 
ATOM   973  N  N   . GLY A 1 116 ? 12.638  10.566  11.845  1.00 19.18 ? 1161 GLY A N   1 
ATOM   974  C  CA  . GLY A 1 116 ? 14.082  10.674  11.634  1.00 20.37 ? 1161 GLY A CA  1 
ATOM   975  C  C   . GLY A 1 116 ? 14.739  11.680  12.559  1.00 21.53 ? 1161 GLY A C   1 
ATOM   976  O  O   . GLY A 1 116 ? 14.809  11.477  13.772  1.00 23.83 ? 1161 GLY A O   1 
HETATM 977  CL CL  . 2LO B 2 .   ? -11.085 -0.195  -9.843  1.00 8.65  ? 1201 2LO A CL  1 
HETATM 978  C  C16 . 2LO B 2 .   ? -12.412 -1.250  -9.637  1.00 6.44  ? 1201 2LO A C16 1 
HETATM 979  C  C15 . 2LO B 2 .   ? -13.346 -1.043  -8.615  1.00 6.23  ? 1201 2LO A C15 1 
HETATM 980  O  O   . 2LO B 2 .   ? -13.105 0.031   -7.781  1.00 6.36  ? 1201 2LO A O   1 
HETATM 981  C  C18 . 2LO B 2 .   ? -14.026 0.266   -6.705  1.00 6.50  ? 1201 2LO A C18 1 
HETATM 982  C  C14 . 2LO B 2 .   ? -14.439 -1.906  -8.487  1.00 6.01  ? 1201 2LO A C14 1 
HETATM 983  C  C13 . 2LO B 2 .   ? -14.573 -2.981  -9.362  1.00 5.81  ? 1201 2LO A C13 1 
HETATM 984  C  C17 . 2LO B 2 .   ? -12.559 -2.334  -10.505 1.00 6.15  ? 1201 2LO A C17 1 
HETATM 985  C  C12 . 2LO B 2 .   ? -13.651 -3.206  -10.384 1.00 5.76  ? 1201 2LO A C12 1 
HETATM 986  C  C11 . 2LO B 2 .   ? -13.780 -4.329  -11.258 1.00 5.61  ? 1201 2LO A C11 1 
HETATM 987  C  C10 . 2LO B 2 .   ? -13.375 -5.634  -10.536 1.00 5.55  ? 1201 2LO A C10 1 
HETATM 988  C  C9  . 2LO B 2 .   ? -11.979 -5.572  -9.936  1.00 5.43  ? 1201 2LO A C9  1 
HETATM 989  N  N1  . 2LO B 2 .   ? -11.664 -5.870  -8.669  1.00 5.39  ? 1201 2LO A N1  1 
HETATM 990  C  C19 . 2LO B 2 .   ? -12.565 -6.371  -7.570  1.00 5.63  ? 1201 2LO A C19 1 
HETATM 991  C  C20 . 2LO B 2 .   ? -13.401 -5.309  -6.893  1.00 5.82  ? 1201 2LO A C20 1 
HETATM 992  N  N2  . 2LO B 2 .   ? -14.382 -5.980  -5.954  1.00 6.09  ? 1201 2LO A N2  1 
HETATM 993  C  C25 . 2LO B 2 .   ? -15.406 -5.052  -5.513  1.00 6.55  ? 1201 2LO A C25 1 
HETATM 994  C  C24 . 2LO B 2 .   ? -16.475 -5.790  -4.719  1.00 7.01  ? 1201 2LO A C24 1 
HETATM 995  O  O1  . 2LO B 2 .   ? -15.838 -6.448  -3.601  1.00 7.53  ? 1201 2LO A O1  1 
HETATM 996  C  C23 . 2LO B 2 .   ? -14.846 -7.374  -4.044  1.00 6.93  ? 1201 2LO A C23 1 
HETATM 997  C  C22 . 2LO B 2 .   ? -13.761 -6.627  -4.821  1.00 6.37  ? 1201 2LO A C22 1 
HETATM 998  C  C21 . 2LO B 2 .   ? -12.484 -4.285  -6.206  1.00 5.84  ? 1201 2LO A C21 1 
HETATM 999  C  C6  . 2LO B 2 .   ? -10.323 -5.710  -8.537  1.00 5.42  ? 1201 2LO A C6  1 
HETATM 1000 C  C5  . 2LO B 2 .   ? -9.463  -5.889  -7.501  1.00 5.62  ? 1201 2LO A C5  1 
HETATM 1001 C  C4  . 2LO B 2 .   ? -8.095  -5.651  -7.675  1.00 5.87  ? 1201 2LO A C4  1 
HETATM 1002 N  N   . 2LO B 2 .   ? -10.905 -5.220  -10.619 1.00 5.50  ? 1201 2LO A N   1 
HETATM 1003 C  C7  . 2LO B 2 .   ? -9.864  -5.302  -9.751  1.00 5.56  ? 1201 2LO A C7  1 
HETATM 1004 C  C8  . 2LO B 2 .   ? -8.547  -5.060  -9.947  1.00 5.88  ? 1201 2LO A C8  1 
HETATM 1005 C  C3  . 2LO B 2 .   ? -7.592  -5.233  -8.918  1.00 6.10  ? 1201 2LO A C3  1 
HETATM 1006 C  C2  . 2LO B 2 .   ? -6.236  -5.010  -9.153  1.00 7.24  ? 1201 2LO A C2  1 
HETATM 1007 C  C26 . 2LO B 2 .   ? -5.538  -5.582  -10.194 1.00 7.99  ? 1201 2LO A C26 1 
HETATM 1008 C  C27 . 2LO B 2 .   ? -6.095  -6.544  -11.231 1.00 8.49  ? 1201 2LO A C27 1 
HETATM 1009 O  O2  . 2LO B 2 .   ? -4.267  -5.236  -10.263 1.00 9.33  ? 1201 2LO A O2  1 
HETATM 1010 N  N3  . 2LO B 2 .   ? -4.151  -4.279  -8.989  1.00 9.62  ? 1201 2LO A N3  1 
HETATM 1011 C  C1  . 2LO B 2 .   ? -5.373  -4.257  -8.437  1.00 8.15  ? 1201 2LO A C1  1 
HETATM 1012 C  C   . 2LO B 2 .   ? -5.715  -3.454  -7.191  1.00 8.55  ? 1201 2LO A C   1 
HETATM 1013 C  C1  . IPA C 3 .   ? 8.381   6.545   -2.822  1.00 8.70  ? 1202 IPA A C1  1 
HETATM 1014 C  C2  . IPA C 3 .   ? 7.219   7.523   -2.796  1.00 8.30  ? 1202 IPA A C2  1 
HETATM 1015 C  C3  . IPA C 3 .   ? 6.573   7.644   -1.423  1.00 8.67  ? 1202 IPA A C3  1 
HETATM 1016 O  O2  . IPA C 3 .   ? 7.701   8.800   -3.208  1.00 8.40  ? 1202 IPA A O2  1 
HETATM 1017 O  O   . HOH D 4 .   ? -9.670  -5.577  3.832   1.00 17.60 ? 1301 HOH A O   1 
HETATM 1018 O  O   . HOH D 4 .   ? 0.640   -0.941  -16.842 1.00 7.17  ? 1302 HOH A O   1 
HETATM 1019 O  O   . HOH D 4 .   ? 5.769   -15.740 -11.252 1.00 26.18 ? 1303 HOH A O   1 
HETATM 1020 O  O   . HOH D 4 .   ? 5.028   14.368  2.002   1.00 15.21 ? 1304 HOH A O   1 
HETATM 1021 O  O   . HOH D 4 .   ? -2.112  17.359  -4.990  1.00 17.85 ? 1305 HOH A O   1 
HETATM 1022 O  O   . HOH D 4 .   ? -1.517  -5.168  -8.752  1.00 8.74  ? 1306 HOH A O   1 
HETATM 1023 O  O   . HOH D 4 .   ? -11.381 -16.830 -13.393 1.00 16.82 ? 1307 HOH A O   1 
HETATM 1024 O  O   . HOH D 4 .   ? -8.751  1.178   -19.981 1.00 24.15 ? 1308 HOH A O   1 
HETATM 1025 O  O   . HOH D 4 .   ? -14.702 6.962   -9.108  1.00 16.76 ? 1309 HOH A O   1 
HETATM 1026 O  O   . HOH D 4 .   ? -4.354  -6.250  10.850  1.00 17.87 ? 1310 HOH A O   1 
HETATM 1027 O  O   . HOH D 4 .   ? -1.522  15.689  -7.256  1.00 13.30 ? 1311 HOH A O   1 
HETATM 1028 O  O   . HOH D 4 .   ? 2.065   9.542   -7.547  1.00 14.38 ? 1312 HOH A O   1 
HETATM 1029 O  O   . HOH D 4 .   ? -5.822  8.422   9.667   1.00 16.04 ? 1313 HOH A O   1 
HETATM 1030 O  O   . HOH D 4 .   ? -9.795  -13.809 -2.498  1.00 11.52 ? 1314 HOH A O   1 
HETATM 1031 O  O   . HOH D 4 .   ? -11.409 7.800   -16.384 1.00 20.41 ? 1315 HOH A O   1 
HETATM 1032 O  O   . HOH D 4 .   ? 5.099   -9.814  -1.799  1.00 10.10 ? 1316 HOH A O   1 
HETATM 1033 O  O   . HOH D 4 .   ? -5.311  -5.503  -4.179  1.00 6.77  ? 1317 HOH A O   1 
HETATM 1034 O  O   . HOH D 4 .   ? -4.432  -8.185  12.714  1.00 20.40 ? 1318 HOH A O   1 
HETATM 1035 O  O   . HOH D 4 .   ? -9.724  -11.406 0.278   1.00 11.72 ? 1319 HOH A O   1 
HETATM 1036 O  O   . HOH D 4 .   ? 3.183   17.438  2.107   1.00 13.23 ? 1320 HOH A O   1 
HETATM 1037 O  O   . HOH D 4 .   ? -8.383  9.928   3.416   1.00 12.06 ? 1321 HOH A O   1 
HETATM 1038 O  O   . HOH D 4 .   ? -0.065  6.216   21.731  1.00 26.49 ? 1322 HOH A O   1 
HETATM 1039 O  O   . HOH D 4 .   ? 7.303   -8.281  -0.934  1.00 24.46 ? 1323 HOH A O   1 
HETATM 1040 O  O   . HOH D 4 .   ? 1.070   7.293   -15.837 1.00 23.22 ? 1324 HOH A O   1 
HETATM 1041 O  O   . HOH D 4 .   ? -18.202 2.670   -2.546  1.00 14.39 ? 1325 HOH A O   1 
HETATM 1042 O  O   . HOH D 4 .   ? 15.663  -1.334  6.044   1.00 13.27 ? 1326 HOH A O   1 
HETATM 1043 O  O   . HOH D 4 .   ? -4.931  -13.176 -18.051 1.00 13.56 ? 1327 HOH A O   1 
HETATM 1044 O  O   . HOH D 4 .   ? -12.469 -8.749  -13.735 1.00 6.84  ? 1328 HOH A O   1 
HETATM 1045 O  O   . HOH D 4 .   ? 10.149  -10.053 -3.631  1.00 21.35 ? 1329 HOH A O   1 
HETATM 1046 O  O   . HOH D 4 .   ? 7.149   10.864  15.012  1.00 33.68 ? 1330 HOH A O   1 
HETATM 1047 O  O   . HOH D 4 .   ? -5.569  -9.199  -17.982 1.00 17.01 ? 1331 HOH A O   1 
HETATM 1048 O  O   . HOH D 4 .   ? -11.377 3.544   -17.489 1.00 16.02 ? 1332 HOH A O   1 
HETATM 1049 O  O   . HOH D 4 .   ? 8.705   -4.146  0.197   1.00 8.32  ? 1333 HOH A O   1 
HETATM 1050 O  O   . HOH D 4 .   ? -10.594 -5.714  -3.621  1.00 10.95 ? 1334 HOH A O   1 
HETATM 1051 O  O   . HOH D 4 .   ? 0.292   9.687   14.943  1.00 20.78 ? 1335 HOH A O   1 
HETATM 1052 O  O   . HOH D 4 .   ? 14.559  -0.735  14.621  1.00 21.65 ? 1336 HOH A O   1 
HETATM 1053 O  O   . HOH D 4 .   ? -3.237  7.916   -13.301 1.00 13.56 ? 1337 HOH A O   1 
HETATM 1054 O  O   . HOH D 4 .   ? 7.367   -7.123  1.659   1.00 13.43 ? 1338 HOH A O   1 
HETATM 1055 O  O   . HOH D 4 .   ? -15.007 -10.894 -10.131 1.00 6.69  ? 1339 HOH A O   1 
HETATM 1056 O  O   . HOH D 4 .   ? -17.529 1.122   1.130   1.00 20.56 ? 1340 HOH A O   1 
HETATM 1057 O  O   . HOH D 4 .   ? 15.280  4.348   8.957   1.00 13.87 ? 1341 HOH A O   1 
HETATM 1058 O  O   . HOH D 4 .   ? 0.923   13.661  7.429   1.00 12.12 ? 1342 HOH A O   1 
HETATM 1059 O  O   . HOH D 4 .   ? 6.566   3.805   -10.771 1.00 9.65  ? 1343 HOH A O   1 
HETATM 1060 O  O   . HOH D 4 .   ? -0.430  -6.810  -5.694  1.00 7.42  ? 1344 HOH A O   1 
HETATM 1061 O  O   . HOH D 4 .   ? -7.252  -9.647  3.361   1.00 10.75 ? 1345 HOH A O   1 
HETATM 1062 O  O   . HOH D 4 .   ? -1.367  -8.768  -1.549  1.00 7.69  ? 1346 HOH A O   1 
HETATM 1063 O  O   . HOH D 4 .   ? 7.381   16.804  10.606  1.00 18.70 ? 1347 HOH A O   1 
HETATM 1064 O  O   . HOH D 4 .   ? 8.971   -0.860  -3.079  1.00 6.12  ? 1348 HOH A O   1 
HETATM 1065 O  O   . HOH D 4 .   ? -15.058 3.443   3.224   1.00 14.80 ? 1349 HOH A O   1 
HETATM 1066 O  O   . HOH D 4 .   ? -3.556  7.475   -15.965 1.00 12.72 ? 1350 HOH A O   1 
HETATM 1067 O  O   . HOH D 4 .   ? 5.154   -5.504  -10.307 1.00 11.01 ? 1351 HOH A O   1 
HETATM 1068 O  O   . HOH D 4 .   ? 8.026   -10.123 8.093   1.00 25.83 ? 1352 HOH A O   1 
HETATM 1069 O  O   . HOH D 4 .   ? 6.358   -7.925  -10.883 1.00 8.75  ? 1353 HOH A O   1 
HETATM 1070 O  O   . HOH D 4 .   ? 1.772   10.319  12.509  1.00 17.24 ? 1354 HOH A O   1 
HETATM 1071 O  O   . HOH D 4 .   ? -8.323  6.415   13.254  1.00 32.90 ? 1355 HOH A O   1 
HETATM 1072 O  O   . HOH D 4 .   ? 9.199   -7.559  -2.685  1.00 9.21  ? 1356 HOH A O   1 
HETATM 1073 O  O   . HOH D 4 .   ? 4.991   -10.948 6.187   1.00 21.88 ? 1357 HOH A O   1 
HETATM 1074 O  O   . HOH D 4 .   ? 4.864   -0.043  -12.054 1.00 8.16  ? 1358 HOH A O   1 
HETATM 1075 O  O   . HOH D 4 .   ? 0.912   -12.489 -19.828 1.00 24.23 ? 1359 HOH A O   1 
HETATM 1076 O  O   . HOH D 4 .   ? -9.418  -11.044 -2.534  1.00 10.43 ? 1360 HOH A O   1 
HETATM 1077 O  O   . HOH D 4 .   ? -16.138 0.031   3.482   1.00 23.67 ? 1361 HOH A O   1 
HETATM 1078 O  O   . HOH D 4 .   ? -2.990  -4.176  -4.110  1.00 7.23  ? 1362 HOH A O   1 
HETATM 1079 O  O   . HOH D 4 .   ? 2.643   2.755   -16.066 1.00 17.48 ? 1363 HOH A O   1 
HETATM 1080 O  O   . HOH D 4 .   ? 0.790   -6.939  18.033  1.00 24.91 ? 1364 HOH A O   1 
HETATM 1081 O  O   . HOH D 4 .   ? -11.885 -10.029 -3.471  1.00 11.33 ? 1365 HOH A O   1 
HETATM 1082 O  O   . HOH D 4 .   ? 6.026   13.869  -1.533  1.00 19.76 ? 1366 HOH A O   1 
HETATM 1083 O  O   . HOH D 4 .   ? -6.043  9.609   -10.546 1.00 13.67 ? 1367 HOH A O   1 
HETATM 1084 O  O   . HOH D 4 .   ? 6.585   -2.786  12.483  1.00 13.46 ? 1368 HOH A O   1 
HETATM 1085 O  O   . HOH D 4 .   ? -3.915  14.144  -2.775  1.00 15.46 ? 1369 HOH A O   1 
HETATM 1086 O  O   . HOH D 4 .   ? 5.741   -7.623  -7.934  1.00 7.30  ? 1370 HOH A O   1 
HETATM 1087 O  O   . HOH D 4 .   ? -8.334  -4.534  5.862   1.00 14.72 ? 1371 HOH A O   1 
HETATM 1088 O  O   . HOH D 4 .   ? 11.419  13.287  4.038   1.00 20.56 ? 1372 HOH A O   1 
HETATM 1089 O  O   . HOH D 4 .   ? -2.503  11.076  7.622   1.00 14.27 ? 1373 HOH A O   1 
HETATM 1090 O  O   . HOH D 4 .   ? 3.481   -13.925 -7.885  1.00 17.94 ? 1374 HOH A O   1 
HETATM 1091 O  O   . HOH D 4 .   ? 1.767   -5.621  -17.473 1.00 18.02 ? 1375 HOH A O   1 
HETATM 1092 O  O   . HOH D 4 .   ? -5.002  -6.786  8.141   1.00 9.85  ? 1376 HOH A O   1 
HETATM 1093 O  O   . HOH D 4 .   ? 12.419  -3.098  -1.107  1.00 7.79  ? 1377 HOH A O   1 
HETATM 1094 O  O   . HOH D 4 .   ? 6.768   -9.522  -14.894 1.00 16.54 ? 1378 HOH A O   1 
HETATM 1095 O  O   . HOH D 4 .   ? 9.503   -3.640  2.886   1.00 8.45  ? 1379 HOH A O   1 
HETATM 1096 O  O   . HOH D 4 .   ? -5.263  -13.787 -3.539  1.00 14.29 ? 1380 HOH A O   1 
HETATM 1097 O  O   . HOH D 4 .   ? -6.515  -17.067 -6.711  1.00 21.16 ? 1381 HOH A O   1 
HETATM 1098 O  O   . HOH D 4 .   ? 4.694   -1.563  13.896  1.00 11.63 ? 1382 HOH A O   1 
HETATM 1099 O  O   . HOH D 4 .   ? 12.169  -2.722  2.622   1.00 10.97 ? 1383 HOH A O   1 
HETATM 1100 O  O   . HOH D 4 .   ? -7.632  -2.722  -15.339 1.00 8.39  ? 1384 HOH A O   1 
HETATM 1101 O  O   . HOH D 4 .   ? -2.443  -11.151 -4.815  1.00 8.33  ? 1385 HOH A O   1 
HETATM 1102 O  O   . HOH D 4 .   ? 5.624   7.437   17.103  1.00 19.00 ? 1386 HOH A O   1 
HETATM 1103 O  O   . HOH D 4 .   ? -6.524  -19.963 -8.048  1.00 26.98 ? 1387 HOH A O   1 
HETATM 1104 O  O   . HOH D 4 .   ? 0.735   7.935   -11.492 1.00 31.08 ? 1388 HOH A O   1 
HETATM 1105 O  O   . HOH D 4 .   ? -0.785  -6.675  -17.904 1.00 15.82 ? 1389 HOH A O   1 
HETATM 1106 O  O   . HOH D 4 .   ? -1.266  -4.046  -6.227  1.00 7.45  ? 1390 HOH A O   1 
HETATM 1107 O  O   . HOH D 4 .   ? 10.109  -2.342  15.018  1.00 18.72 ? 1391 HOH A O   1 
HETATM 1108 O  O   . HOH D 4 .   ? -1.006  -3.711  17.253  1.00 28.69 ? 1392 HOH A O   1 
HETATM 1109 O  O   . HOH D 4 .   ? -6.048  -2.439  -17.554 1.00 9.57  ? 1393 HOH A O   1 
HETATM 1110 O  O   . HOH D 4 .   ? -6.752  -5.983  -14.736 1.00 11.43 ? 1394 HOH A O   1 
HETATM 1111 O  O   . HOH D 4 .   ? 12.301  8.595   8.706   1.00 16.98 ? 1395 HOH A O   1 
HETATM 1112 O  O   . HOH D 4 .   ? 4.753   9.900   -7.042  1.00 19.31 ? 1396 HOH A O   1 
HETATM 1113 O  O   . HOH D 4 .   ? -4.454  -4.730  -17.854 1.00 13.89 ? 1397 HOH A O   1 
HETATM 1114 O  O   . HOH D 4 .   ? -14.774 -4.710  -1.632  1.00 20.79 ? 1398 HOH A O   1 
HETATM 1115 O  O   . HOH D 4 .   ? -2.782  13.332  1.959   1.00 8.07  ? 1399 HOH A O   1 
HETATM 1116 O  O   . HOH D 4 .   ? 8.692   15.163  -0.931  1.00 25.81 ? 1400 HOH A O   1 
HETATM 1117 O  O   . HOH D 4 .   ? -9.281  -9.514  -6.181  1.00 10.16 ? 1401 HOH A O   1 
HETATM 1118 O  O   . HOH D 4 .   ? 16.297  2.749   5.042   1.00 15.86 ? 1402 HOH A O   1 
HETATM 1119 O  O   . HOH D 4 .   ? 10.505  -6.288  12.909  1.00 18.69 ? 1403 HOH A O   1 
HETATM 1120 O  O   . HOH D 4 .   ? -14.395 6.235   3.715   1.00 17.88 ? 1404 HOH A O   1 
HETATM 1121 O  O   . HOH D 4 .   ? 8.184   8.778   -6.047  1.00 9.42  ? 1405 HOH A O   1 
HETATM 1122 O  O   . HOH D 4 .   ? -2.282  -15.555 -11.649 1.00 13.50 ? 1406 HOH A O   1 
HETATM 1123 O  O   . HOH D 4 .   ? -2.157  -8.968  -18.918 1.00 23.08 ? 1407 HOH A O   1 
HETATM 1124 O  O   . HOH D 4 .   ? 9.062   -5.792  4.650   1.00 15.86 ? 1408 HOH A O   1 
HETATM 1125 O  O   . HOH D 4 .   ? -10.261 -3.722  -13.028 1.00 8.61  ? 1409 HOH A O   1 
HETATM 1126 O  O   . HOH D 4 .   ? -5.134  12.227  -4.471  1.00 15.91 ? 1410 HOH A O   1 
HETATM 1127 O  O   . HOH D 4 .   ? -9.108  13.238  1.475   1.00 21.46 ? 1411 HOH A O   1 
HETATM 1128 O  O   . HOH D 4 .   ? -13.414 9.082   -0.222  1.00 16.42 ? 1412 HOH A O   1 
HETATM 1129 O  O   . HOH D 4 .   ? -8.472  -7.299  -4.568  1.00 9.40  ? 1413 HOH A O   1 
HETATM 1130 O  O   . HOH D 4 .   ? -7.407  -11.699 -18.402 1.00 12.37 ? 1414 HOH A O   1 
HETATM 1131 O  O   . HOH D 4 .   ? 5.322   -9.290  3.398   1.00 22.51 ? 1415 HOH A O   1 
HETATM 1132 O  O   . HOH D 4 .   ? 7.486   5.606   -8.845  1.00 9.45  ? 1416 HOH A O   1 
HETATM 1133 O  O   . HOH D 4 .   ? 8.267   -7.208  16.446  1.00 26.74 ? 1417 HOH A O   1 
HETATM 1134 O  O   . HOH D 4 .   ? -2.349  -8.450  -4.055  1.00 7.14  ? 1418 HOH A O   1 
HETATM 1135 O  O   . HOH D 4 .   ? -13.544 -7.430  2.616   1.00 13.68 ? 1419 HOH A O   1 
HETATM 1136 O  O   . HOH D 4 .   ? -12.519 -4.086  -0.618  1.00 13.87 ? 1420 HOH A O   1 
HETATM 1137 O  O   . HOH D 4 .   ? -10.373 -7.277  -12.728 1.00 8.50  ? 1421 HOH A O   1 
HETATM 1138 O  O   . HOH D 4 .   ? 6.696   -1.562  20.869  1.00 21.31 ? 1422 HOH A O   1 
HETATM 1139 O  O   . HOH D 4 .   ? -1.150  1.662   -20.620 1.00 22.28 ? 1423 HOH A O   1 
HETATM 1140 O  O   . HOH D 4 .   ? -8.690  -0.150  8.257   1.00 33.47 ? 1424 HOH A O   1 
HETATM 1141 O  O   . HOH D 4 .   ? 9.316   3.130   -8.201  1.00 8.88  ? 1425 HOH A O   1 
HETATM 1142 O  O   . HOH D 4 .   ? -9.664  -1.199  -13.895 1.00 7.25  ? 1426 HOH A O   1 
HETATM 1143 O  O   . HOH D 4 .   ? -15.157 -9.584  -1.146  1.00 18.14 ? 1427 HOH A O   1 
HETATM 1144 O  O   . HOH D 4 .   ? 8.208   12.670  -3.698  1.00 25.84 ? 1428 HOH A O   1 
HETATM 1145 O  O   . HOH D 4 .   ? 3.793   -5.649  17.445  1.00 24.30 ? 1429 HOH A O   1 
HETATM 1146 O  O   . HOH D 4 .   ? -3.726  3.123   -21.522 1.00 23.19 ? 1430 HOH A O   1 
HETATM 1147 O  O   . HOH D 4 .   ? -17.690 -9.070  -3.022  1.00 17.15 ? 1431 HOH A O   1 
HETATM 1148 O  O   . HOH D 4 .   ? -4.489  14.192  -0.064  1.00 12.64 ? 1432 HOH A O   1 
HETATM 1149 O  O   . HOH D 4 .   ? -4.676  10.623  9.172   1.00 13.50 ? 1433 HOH A O   1 
HETATM 1150 O  O   . HOH D 4 .   ? -4.213  11.164  -9.022  1.00 17.47 ? 1434 HOH A O   1 
HETATM 1151 O  O   . HOH D 4 .   ? -4.110  5.441   13.278  1.00 25.48 ? 1435 HOH A O   1 
HETATM 1152 O  O   . HOH D 4 .   ? 0.688   1.297   -17.839 1.00 21.50 ? 1436 HOH A O   1 
HETATM 1153 O  O   . HOH D 4 .   ? -8.555  -6.092  10.054  1.00 21.45 ? 1437 HOH A O   1 
HETATM 1154 O  O   . HOH D 4 .   ? 13.932  9.966   6.862   1.00 21.50 ? 1438 HOH A O   1 
HETATM 1155 O  O   . HOH D 4 .   ? 3.324   -0.888  -17.276 1.00 25.36 ? 1439 HOH A O   1 
HETATM 1156 O  O   . HOH D 4 .   ? 0.118   -1.814  -19.094 1.00 19.23 ? 1440 HOH A O   1 
HETATM 1157 O  O   . HOH D 4 .   ? 2.858   6.083   -12.549 1.00 33.48 ? 1441 HOH A O   1 
HETATM 1158 O  O   . HOH D 4 .   ? -12.272 3.058   5.925   1.00 26.35 ? 1442 HOH A O   1 
HETATM 1159 O  O   . HOH D 4 .   ? 4.230   1.048   -14.566 1.00 15.47 ? 1443 HOH A O   1 
HETATM 1160 O  O   . HOH D 4 .   ? -4.174  12.335  4.068   1.00 13.35 ? 1444 HOH A O   1 
HETATM 1161 O  O   . HOH D 4 .   ? -10.917 5.991   -12.188 1.00 27.27 ? 1445 HOH A O   1 
HETATM 1162 O  O   . HOH D 4 .   ? -8.851  -17.075 -14.158 1.00 15.25 ? 1446 HOH A O   1 
HETATM 1163 O  O   . HOH D 4 .   ? -3.703  -15.501 -19.367 1.00 21.89 ? 1447 HOH A O   1 
HETATM 1164 O  O   . HOH D 4 .   ? -9.572  3.488   -23.477 1.00 28.50 ? 1448 HOH A O   1 
HETATM 1165 O  O   . HOH D 4 .   ? 7.318   18.176  3.822   1.00 21.07 ? 1449 HOH A O   1 
HETATM 1166 O  O   . HOH D 4 .   ? -10.895 11.045  3.954   1.00 14.45 ? 1450 HOH A O   1 
HETATM 1167 O  O   . HOH D 4 .   ? -12.719 11.139  1.622   1.00 28.41 ? 1451 HOH A O   1 
HETATM 1168 O  O   . HOH D 4 .   ? -12.275 -5.056  2.276   1.00 16.76 ? 1452 HOH A O   1 
HETATM 1169 O  O   . HOH D 4 .   ? -16.660 -5.891  0.269   1.00 24.49 ? 1453 HOH A O   1 
HETATM 1170 O  O   . HOH D 4 .   ? -6.224  3.236   13.139  1.00 46.28 ? 1454 HOH A O   1 
HETATM 1171 O  O   . HOH D 4 .   ? -5.731  7.690   12.486  1.00 30.36 ? 1455 HOH A O   1 
HETATM 1172 O  O   . HOH D 4 .   ? 12.978  12.274  5.959   1.00 23.50 ? 1456 HOH A O   1 
HETATM 1173 O  O   . HOH D 4 .   ? -15.845 -10.269 1.379   1.00 20.71 ? 1457 HOH A O   1 
HETATM 1174 O  O   . HOH D 4 .   ? -12.456 -2.199  6.128   1.00 28.18 ? 1458 HOH A O   1 
HETATM 1175 O  O   . HOH D 4 .   ? -7.183  -14.222 -1.436  1.00 12.35 ? 1459 HOH A O   1 
HETATM 1176 O  O   . HOH D 4 .   ? -7.129  14.095  -0.109  1.00 18.11 ? 1460 HOH A O   1 
HETATM 1177 O  O   . HOH D 4 .   ? -12.098 -9.422  -6.137  1.00 8.30  ? 1461 HOH A O   1 
HETATM 1178 O  O   . HOH D 4 .   ? 17.155  4.745   6.964   1.00 20.88 ? 1462 HOH A O   1 
HETATM 1179 O  O   . HOH D 4 .   ? 8.730   3.110   -12.345 1.00 14.84 ? 1463 HOH A O   1 
HETATM 1180 O  O   . HOH D 4 .   ? -7.560  -1.391  -19.720 1.00 19.97 ? 1464 HOH A O   1 
HETATM 1181 O  O   . HOH D 4 .   ? 5.286   -12.633 -2.053  1.00 22.30 ? 1465 HOH A O   1 
HETATM 1182 O  O   . HOH D 4 .   ? -13.838 -11.662 2.055   1.00 19.02 ? 1466 HOH A O   1 
HETATM 1183 O  O   . HOH D 4 .   ? -9.891  -2.846  7.428   1.00 21.46 ? 1467 HOH A O   1 
HETATM 1184 O  O   . HOH D 4 .   ? 1.235   -8.975  -20.577 1.00 34.26 ? 1468 HOH A O   1 
HETATM 1185 O  O   . HOH D 4 .   ? -0.621  -11.432 -0.937  1.00 15.23 ? 1469 HOH A O   1 
HETATM 1186 O  O   . HOH D 4 .   ? 6.129   -9.435  0.762   1.00 16.39 ? 1470 HOH A O   1 
HETATM 1187 O  O   . HOH D 4 .   ? -13.874 -11.745 -2.408  1.00 13.59 ? 1471 HOH A O   1 
HETATM 1188 O  O   . HOH D 4 .   ? -17.178 -13.949 -8.422  1.00 16.61 ? 1472 HOH A O   1 
HETATM 1189 O  O   . HOH D 4 .   ? 6.616   8.356   -8.482  1.00 15.05 ? 1473 HOH A O   1 
HETATM 1190 O  O   . HOH D 4 .   ? -11.057 -3.616  4.362   1.00 21.15 ? 1474 HOH A O   1 
HETATM 1191 O  O   . HOH D 4 .   ? 9.219   -10.823 -14.017 1.00 25.85 ? 1475 HOH A O   1 
HETATM 1192 O  O   . HOH D 4 .   ? 12.321  -5.367  0.570   1.00 13.39 ? 1476 HOH A O   1 
HETATM 1193 O  O   . HOH D 4 .   ? 17.082  2.946   10.539  1.00 22.31 ? 1477 HOH A O   1 
HETATM 1194 O  O   . HOH D 4 .   ? -5.257  12.967  -7.146  1.00 21.43 ? 1478 HOH A O   1 
HETATM 1195 O  O   . HOH D 4 .   ? -3.665  -17.537 -10.066 1.00 21.07 ? 1479 HOH A O   1 
HETATM 1196 O  O   . HOH D 4 .   ? -1.890  11.612  -10.738 1.00 22.99 ? 1480 HOH A O   1 
HETATM 1197 O  O   . HOH D 4 .   ? -16.282 -7.544  2.633   1.00 27.20 ? 1481 HOH A O   1 
HETATM 1198 O  O   . HOH D 4 .   ? -1.195  8.214   -17.314 1.00 25.97 ? 1482 HOH A O   1 
HETATM 1199 O  O   . HOH D 4 .   ? 2.617   -14.833 -5.364  1.00 27.34 ? 1483 HOH A O   1 
HETATM 1200 O  O   . HOH D 4 .   ? -1.136  -12.944 -3.269  1.00 13.54 ? 1484 HOH A O   1 
HETATM 1201 O  O   . HOH D 4 .   ? 6.174   -7.541  -16.967 1.00 21.76 ? 1485 HOH A O   1 
HETATM 1202 O  O   . HOH D 4 .   ? -7.405  -19.206 -12.926 1.00 23.48 ? 1486 HOH A O   1 
HETATM 1203 O  O   . HOH D 4 .   ? 3.959   -6.793  -18.418 1.00 20.50 ? 1487 HOH A O   1 
HETATM 1204 O  O   . HOH D 4 .   ? -7.048  7.795   15.567  1.00 28.49 ? 1488 HOH A O   1 
HETATM 1205 O  O   . HOH D 4 .   ? -16.030 -13.056 -3.670  1.00 14.87 ? 1489 HOH A O   1 
# 
